data_6Q5V
#
_entry.id   6Q5V
#
_cell.length_a   86.789
_cell.length_b   159.060
_cell.length_c   189.316
_cell.angle_alpha   90.00
_cell.angle_beta   90.00
_cell.angle_gamma   90.00
#
_symmetry.space_group_name_H-M   'P 21 21 21'
#
_entity_poly.entity_id   1
_entity_poly.type   'polypeptide(L)'
_entity_poly.pdbx_seq_one_letter_code
;MSEGRIPLIGEKFPEMEVITTHGKIKLPDDYKGRWFVLFSHPGDFTPVCTTEFYSFSKKYEEFKKLNTELIGLSVDSNIS
HIEWVMWIEKNLKVEVPFPIIADPMGNVAKRLGMIHAESSTATVRAVFIIDDKGTVRLILYYPMEIGRNIDEILRAIRAL
QLVDKAGVVTPANWPNNELIGDKVINPAPRTIKDAKMRLGQPFDWWFTYKEVKTT
;
_entity_poly.pdbx_strand_id   A,B,C,D,E,F,G,H,I,J
#
# COMPACT_ATOMS: atom_id res chain seq x y z
N ARG A 5 -0.29 1.15 25.26
CA ARG A 5 -1.59 0.67 24.85
C ARG A 5 -2.12 0.34 26.22
N ILE A 6 -3.41 0.09 26.38
CA ILE A 6 -3.94 0.13 27.76
C ILE A 6 -3.18 -0.86 28.65
N PRO A 7 -2.64 -0.46 29.80
CA PRO A 7 -1.79 -1.38 30.58
C PRO A 7 -2.63 -2.47 31.22
N LEU A 8 -1.96 -3.58 31.48
CA LEU A 8 -2.61 -4.77 32.00
C LEU A 8 -1.81 -5.34 33.17
N ILE A 9 -2.44 -6.26 33.90
CA ILE A 9 -1.81 -6.85 35.06
C ILE A 9 -0.54 -7.56 34.62
N GLY A 10 0.59 -7.22 35.27
CA GLY A 10 1.89 -7.79 34.95
C GLY A 10 2.82 -6.85 34.19
N GLU A 11 2.29 -6.07 33.25
CA GLU A 11 3.04 -5.02 32.57
C GLU A 11 3.54 -3.95 33.54
N LYS A 12 4.67 -3.34 33.20
CA LYS A 12 5.11 -2.19 33.96
C LYS A 12 4.31 -0.95 33.62
N PHE A 13 4.03 -0.17 34.65
CA PHE A 13 3.31 1.07 34.47
C PHE A 13 4.09 1.98 33.51
N PRO A 14 3.39 2.58 32.54
CA PRO A 14 4.10 3.33 31.47
C PRO A 14 4.82 4.55 32.00
N GLU A 15 6.04 4.77 31.51
CA GLU A 15 6.72 6.01 31.84
C GLU A 15 5.94 7.25 31.37
N MET A 16 5.73 8.18 32.29
CA MET A 16 5.00 9.39 31.97
C MET A 16 5.26 10.43 33.04
N GLU A 17 5.33 11.70 32.62
CA GLU A 17 5.51 12.80 33.55
C GLU A 17 4.21 13.58 33.62
N VAL A 18 3.76 13.86 34.85
CA VAL A 18 2.44 14.47 35.09
C VAL A 18 2.60 15.70 35.97
N ILE A 19 1.60 16.57 35.89
CA ILE A 19 1.62 17.84 36.61
C ILE A 19 0.51 17.77 37.64
N THR A 20 0.87 17.90 38.91
CA THR A 20 -0.02 17.65 40.05
C THR A 20 -0.01 18.84 41.00
N THR A 21 -1.01 18.87 41.90
CA THR A 21 -1.09 19.84 42.98
C THR A 21 0.15 19.84 43.87
N HIS A 22 1.09 18.92 43.71
CA HIS A 22 2.33 18.93 44.48
C HIS A 22 3.54 19.17 43.58
N GLY A 23 3.31 19.73 42.40
CA GLY A 23 4.37 19.89 41.43
C GLY A 23 4.38 18.81 40.38
N LYS A 24 5.49 18.77 39.64
CA LYS A 24 5.76 17.68 38.72
C LYS A 24 6.13 16.39 39.43
N ILE A 25 5.77 15.28 38.78
CA ILE A 25 5.96 13.92 39.28
C ILE A 25 6.23 13.03 38.07
N LYS A 26 7.18 12.10 38.20
CA LYS A 26 7.63 11.25 37.11
C LYS A 26 7.11 9.88 37.47
N LEU A 27 6.20 9.35 36.65
CA LEU A 27 5.20 8.63 37.42
C LEU A 27 5.62 7.26 37.93
N PRO A 28 6.06 6.30 37.10
CA PRO A 28 6.37 4.98 37.70
C PRO A 28 7.55 5.02 38.66
N ASP A 29 8.45 6.00 38.50
CA ASP A 29 9.79 6.03 39.10
C ASP A 29 9.90 6.83 40.39
N ASP A 30 9.27 8.00 40.49
CA ASP A 30 9.33 8.75 41.75
C ASP A 30 8.78 7.95 42.92
N TYR A 31 8.15 6.80 42.65
CA TYR A 31 7.59 5.93 43.67
C TYR A 31 8.25 4.56 43.62
N LYS A 32 9.57 4.54 43.51
CA LYS A 32 10.24 3.37 42.97
C LYS A 32 10.52 2.33 44.04
N GLY A 33 10.19 2.59 45.29
CA GLY A 33 10.23 1.47 46.20
C GLY A 33 8.99 1.38 47.07
N ARG A 34 8.06 2.28 46.78
CA ARG A 34 6.76 2.25 47.39
C ARG A 34 5.73 1.66 46.44
N TRP A 35 4.63 1.19 47.02
CA TRP A 35 3.41 0.96 46.24
C TRP A 35 2.68 2.27 46.03
N PHE A 36 1.89 2.36 44.95
CA PHE A 36 0.96 3.48 44.92
C PHE A 36 -0.34 3.10 44.21
N VAL A 37 -1.41 3.77 44.63
CA VAL A 37 -2.74 3.64 44.05
C VAL A 37 -3.03 4.89 43.21
N LEU A 38 -2.85 4.79 41.91
CA LEU A 38 -3.32 5.80 40.98
C LEU A 38 -4.81 5.60 40.74
N PHE A 39 -5.61 6.61 41.00
CA PHE A 39 -7.04 6.48 40.81
C PHE A 39 -7.60 7.75 40.20
N SER A 40 -8.54 7.58 39.27
CA SER A 40 -9.23 8.68 38.60
C SER A 40 -10.59 8.94 39.23
N HIS A 41 -11.07 10.17 39.07
CA HIS A 41 -12.45 10.53 39.37
C HIS A 41 -12.93 11.42 38.26
N PRO A 42 -14.27 11.43 37.95
CA PRO A 42 -14.80 12.23 36.84
C PRO A 42 -14.39 13.70 36.87
N GLY A 43 -14.73 14.42 37.93
CA GLY A 43 -14.34 15.81 38.01
C GLY A 43 -14.41 16.39 39.40
N ASP A 44 -13.61 17.43 39.62
CA ASP A 44 -13.68 18.19 40.86
C ASP A 44 -15.05 18.83 41.02
N PHE A 45 -15.40 19.13 42.27
CA PHE A 45 -16.71 19.68 42.63
C PHE A 45 -17.83 18.77 42.17
N THR A 46 -17.55 17.46 41.95
CA THR A 46 -18.75 16.65 41.94
C THR A 46 -18.92 16.00 43.31
N PRO A 47 -20.16 15.70 43.72
CA PRO A 47 -20.39 15.24 45.10
C PRO A 47 -19.82 13.86 45.41
N VAL A 48 -19.99 12.87 44.54
CA VAL A 48 -19.53 11.52 44.89
C VAL A 48 -18.00 11.50 45.01
N CYS A 49 -17.32 12.14 44.04
CA CYS A 49 -15.85 12.24 44.11
C CYS A 49 -15.39 12.93 45.40
N THR A 50 -16.18 13.88 45.91
CA THR A 50 -15.82 14.50 47.18
C THR A 50 -15.86 13.48 48.32
N THR A 51 -16.96 12.73 48.44
CA THR A 51 -17.00 11.71 49.49
C THR A 51 -15.83 10.74 49.38
N GLU A 52 -15.40 10.43 48.15
CA GLU A 52 -14.27 9.51 47.95
C GLU A 52 -12.97 10.13 48.46
N PHE A 53 -12.77 11.43 48.22
CA PHE A 53 -11.53 12.07 48.69
C PHE A 53 -11.56 12.22 50.21
N TYR A 54 -12.70 12.59 50.76
CA TYR A 54 -12.84 12.60 52.22
C TYR A 54 -12.40 11.26 52.80
N SER A 55 -13.02 10.17 52.33
CA SER A 55 -12.70 8.81 52.80
C SER A 55 -11.23 8.46 52.66
N PHE A 56 -10.62 8.77 51.50
CA PHE A 56 -9.19 8.52 51.28
C PHE A 56 -8.33 9.29 52.29
N SER A 57 -8.63 10.58 52.48
CA SER A 57 -7.80 11.37 53.38
C SER A 57 -7.98 10.95 54.82
N LYS A 58 -9.20 10.59 55.23
CA LYS A 58 -9.38 10.09 56.58
C LYS A 58 -8.64 8.78 56.80
N LYS A 59 -8.57 7.92 55.78
CA LYS A 59 -7.90 6.63 55.92
C LYS A 59 -6.45 6.68 55.44
N TYR A 60 -5.86 7.87 55.36
CA TYR A 60 -4.58 8.00 54.67
C TYR A 60 -3.46 7.20 55.33
N GLU A 61 -3.56 6.96 56.65
CA GLU A 61 -2.38 6.48 57.37
C GLU A 61 -2.31 4.98 57.33
N GLU A 62 -3.48 4.33 57.24
CA GLU A 62 -3.51 2.94 56.81
C GLU A 62 -2.91 2.75 55.44
N PHE A 63 -3.08 3.71 54.52
CA PHE A 63 -2.36 3.59 53.26
C PHE A 63 -0.86 3.77 53.49
N LYS A 64 -0.48 4.69 54.38
CA LYS A 64 0.93 4.93 54.60
C LYS A 64 1.57 3.74 55.31
N LYS A 65 0.84 3.11 56.25
CA LYS A 65 1.38 1.98 57.00
C LYS A 65 1.58 0.76 56.12
N LEU A 66 0.92 0.71 54.98
CA LEU A 66 1.18 -0.35 53.99
C LEU A 66 2.15 0.12 52.92
N ASN A 67 2.88 1.20 53.18
CA ASN A 67 3.92 1.68 52.27
C ASN A 67 3.36 2.04 50.90
N THR A 68 2.11 2.51 50.81
CA THR A 68 1.57 2.93 49.52
C THR A 68 1.24 4.41 49.59
N GLU A 69 1.51 5.12 48.49
CA GLU A 69 1.06 6.49 48.33
C GLU A 69 -0.20 6.54 47.46
N LEU A 70 -1.07 7.50 47.76
CA LEU A 70 -2.23 7.76 46.92
C LEU A 70 -1.91 8.84 45.89
N ILE A 71 -2.51 8.71 44.71
CA ILE A 71 -2.39 9.80 43.76
C ILE A 71 -3.61 9.79 42.84
N GLY A 72 -4.34 10.91 42.84
CA GLY A 72 -5.58 11.04 42.10
C GLY A 72 -5.38 11.66 40.73
N LEU A 73 -6.47 11.75 39.97
CA LEU A 73 -6.37 12.20 38.59
C LEU A 73 -7.74 12.52 38.04
N SER A 74 -7.83 13.63 37.27
CA SER A 74 -9.08 14.09 36.68
C SER A 74 -8.75 15.04 35.54
N VAL A 75 -9.76 15.28 34.67
CA VAL A 75 -9.56 16.12 33.48
C VAL A 75 -9.74 17.60 33.77
N ASP A 76 -9.59 17.98 35.03
CA ASP A 76 -9.83 19.33 35.48
C ASP A 76 -8.49 20.02 35.64
N SER A 77 -8.55 21.34 35.49
CA SER A 77 -7.38 22.18 35.56
C SER A 77 -6.77 22.12 36.95
N ASN A 78 -5.45 22.26 37.03
CA ASN A 78 -4.79 22.15 38.34
C ASN A 78 -5.16 23.31 39.29
N ILE A 79 -5.62 24.44 38.76
CA ILE A 79 -6.19 25.45 39.63
C ILE A 79 -7.50 24.97 40.25
N SER A 80 -8.35 24.31 39.46
CA SER A 80 -9.60 23.82 40.02
C SER A 80 -9.33 22.75 41.10
N HIS A 81 -8.31 21.90 40.92
CA HIS A 81 -7.91 20.97 41.98
C HIS A 81 -7.63 21.71 43.28
N ILE A 82 -6.78 22.74 43.21
CA ILE A 82 -6.46 23.53 44.42
C ILE A 82 -7.72 24.12 45.04
N GLU A 83 -8.66 24.62 44.21
CA GLU A 83 -9.85 25.19 44.82
C GLU A 83 -10.76 24.12 45.41
N TRP A 84 -10.83 22.95 44.78
CA TRP A 84 -11.54 21.82 45.37
C TRP A 84 -10.92 21.40 46.70
N VAL A 85 -9.60 21.18 46.74
CA VAL A 85 -8.92 20.84 47.99
C VAL A 85 -9.17 21.88 49.06
N MET A 86 -9.21 23.16 48.69
CA MET A 86 -9.45 24.17 49.72
C MET A 86 -10.87 24.11 50.24
N TRP A 87 -11.84 23.84 49.36
CA TRP A 87 -13.23 23.68 49.81
C TRP A 87 -13.36 22.49 50.77
N ILE A 88 -12.66 21.40 50.48
CA ILE A 88 -12.73 20.20 51.32
C ILE A 88 -12.13 20.47 52.69
N GLU A 89 -10.98 21.15 52.70
CA GLU A 89 -10.29 21.44 53.97
C GLU A 89 -11.15 22.29 54.89
N LYS A 90 -11.95 23.18 54.33
CA LYS A 90 -12.69 24.07 55.18
C LYS A 90 -14.16 23.67 55.39
N ASN A 91 -14.77 22.87 54.52
CA ASN A 91 -16.14 22.42 54.83
C ASN A 91 -16.19 21.07 55.54
N LEU A 92 -15.35 20.13 55.14
CA LEU A 92 -15.32 18.80 55.73
C LEU A 92 -14.19 18.67 56.75
N LYS A 93 -13.41 19.73 56.98
CA LYS A 93 -12.45 19.77 58.08
C LYS A 93 -11.35 18.70 57.96
N VAL A 94 -10.84 18.46 56.75
CA VAL A 94 -9.76 17.49 56.60
C VAL A 94 -8.86 17.94 55.46
N GLU A 95 -7.56 17.69 55.60
CA GLU A 95 -6.64 18.20 54.60
C GLU A 95 -6.29 17.05 53.66
N VAL A 96 -6.52 17.22 52.35
CA VAL A 96 -6.19 16.20 51.35
C VAL A 96 -4.67 16.13 51.22
N PRO A 97 -4.05 15.05 51.67
CA PRO A 97 -2.57 15.00 51.77
C PRO A 97 -1.87 14.35 50.60
N PHE A 98 -2.56 14.05 49.51
CA PHE A 98 -1.90 13.38 48.41
C PHE A 98 -2.02 14.20 47.14
N PRO A 99 -1.17 13.95 46.16
CA PRO A 99 -1.22 14.75 44.94
C PRO A 99 -2.41 14.36 44.07
N ILE A 100 -2.92 15.35 43.34
CA ILE A 100 -3.97 15.14 42.35
C ILE A 100 -3.42 15.56 40.98
N ILE A 101 -3.39 14.61 40.05
CA ILE A 101 -2.89 14.85 38.69
C ILE A 101 -3.93 15.65 37.91
N ALA A 102 -3.49 16.75 37.30
CA ALA A 102 -4.34 17.51 36.39
C ALA A 102 -4.02 17.11 34.96
N ASP A 103 -5.03 16.61 34.27
CA ASP A 103 -4.90 16.23 32.86
C ASP A 103 -6.14 16.67 32.13
N PRO A 104 -6.19 17.93 31.69
CA PRO A 104 -7.17 18.30 30.66
C PRO A 104 -6.65 17.80 29.33
N MET A 105 -7.53 17.76 28.31
CA MET A 105 -7.21 17.06 27.07
C MET A 105 -7.22 15.54 27.24
N GLY A 106 -6.91 15.06 28.45
CA GLY A 106 -7.07 13.66 28.77
C GLY A 106 -6.01 12.75 28.18
N ASN A 107 -4.77 13.24 28.01
CA ASN A 107 -3.76 12.42 27.35
C ASN A 107 -3.36 11.24 28.20
N VAL A 108 -3.04 11.47 29.46
CA VAL A 108 -2.74 10.34 30.33
C VAL A 108 -4.01 9.52 30.60
N ALA A 109 -5.20 10.14 30.63
CA ALA A 109 -6.43 9.38 30.85
C ALA A 109 -6.70 8.40 29.70
N LYS A 110 -6.44 8.79 28.45
CA LYS A 110 -6.71 7.90 27.33
C LYS A 110 -5.70 6.78 27.30
N ARG A 111 -4.44 7.11 27.58
CA ARG A 111 -3.35 6.16 27.66
C ARG A 111 -3.62 5.04 28.69
N LEU A 112 -4.28 5.30 29.81
CA LEU A 112 -4.64 4.26 30.78
C LEU A 112 -6.07 3.72 30.61
N GLY A 113 -6.73 3.97 29.48
CA GLY A 113 -8.10 3.47 29.29
C GLY A 113 -9.07 3.92 30.36
N MET A 114 -8.99 5.17 30.76
CA MET A 114 -9.91 5.65 31.78
C MET A 114 -11.11 6.36 31.19
N ILE A 115 -11.19 6.57 29.86
CA ILE A 115 -12.39 7.20 29.28
C ILE A 115 -13.21 6.08 28.66
N HIS A 116 -14.47 5.95 29.05
CA HIS A 116 -15.29 4.87 28.54
C HIS A 116 -16.36 5.41 27.60
N ALA A 117 -17.40 4.62 27.38
CA ALA A 117 -18.38 4.92 26.34
C ALA A 117 -19.54 5.78 26.82
N GLU A 118 -19.68 5.98 28.13
CA GLU A 118 -20.85 6.64 28.69
C GLU A 118 -20.65 8.13 28.93
N SER A 119 -19.40 8.61 28.95
CA SER A 119 -19.14 10.04 28.92
C SER A 119 -17.85 10.28 28.12
N SER A 120 -17.95 11.21 27.19
CA SER A 120 -16.85 11.62 26.31
C SER A 120 -16.06 12.79 26.89
N THR A 121 -16.44 13.23 28.10
CA THR A 121 -15.95 14.46 28.74
C THR A 121 -15.26 14.24 30.09
N ALA A 122 -15.27 13.02 30.63
CA ALA A 122 -14.69 12.76 31.94
C ALA A 122 -14.29 11.30 32.06
N THR A 123 -13.32 11.04 32.96
CA THR A 123 -12.91 9.67 33.26
C THR A 123 -14.02 8.92 33.99
N VAL A 124 -13.86 7.60 34.09
CA VAL A 124 -14.69 6.80 34.99
C VAL A 124 -13.96 6.76 36.32
N ARG A 125 -14.37 5.85 37.22
CA ARG A 125 -13.69 5.69 38.50
C ARG A 125 -12.70 4.54 38.40
N ALA A 126 -11.59 4.83 37.72
CA ALA A 126 -10.54 3.83 37.54
C ALA A 126 -9.63 3.78 38.77
N VAL A 127 -9.11 2.59 39.03
CA VAL A 127 -8.17 2.38 40.14
C VAL A 127 -7.07 1.44 39.65
N PHE A 128 -5.83 1.91 39.70
CA PHE A 128 -4.66 1.08 39.44
C PHE A 128 -3.87 0.94 40.73
N ILE A 129 -3.41 -0.29 40.99
CA ILE A 129 -2.53 -0.58 42.12
C ILE A 129 -1.19 -0.99 41.54
N ILE A 130 -0.17 -0.20 41.81
CA ILE A 130 1.17 -0.42 41.30
C ILE A 130 2.04 -0.79 42.49
N ASP A 131 2.97 -1.72 42.30
CA ASP A 131 3.77 -2.17 43.43
C ASP A 131 5.13 -1.47 43.46
N ASP A 132 5.97 -1.88 44.40
CA ASP A 132 7.27 -1.26 44.62
C ASP A 132 8.21 -1.41 43.43
N LYS A 133 7.91 -2.27 42.45
CA LYS A 133 8.78 -2.35 41.28
C LYS A 133 8.11 -1.77 40.06
N GLY A 134 6.93 -1.19 40.23
CA GLY A 134 6.24 -0.50 39.17
C GLY A 134 5.32 -1.35 38.32
N THR A 135 5.06 -2.62 38.66
CA THR A 135 4.18 -3.44 37.83
C THR A 135 2.72 -3.23 38.24
N VAL A 136 1.85 -3.26 37.24
CA VAL A 136 0.43 -3.07 37.48
C VAL A 136 -0.13 -4.34 38.08
N ARG A 137 -0.72 -4.23 39.26
CA ARG A 137 -1.11 -5.41 40.01
C ARG A 137 -2.61 -5.66 40.06
N LEU A 138 -3.45 -4.67 39.77
CA LEU A 138 -4.88 -4.73 39.99
C LEU A 138 -5.54 -3.56 39.29
N ILE A 139 -6.64 -3.80 38.59
CA ILE A 139 -7.31 -2.73 37.83
C ILE A 139 -8.80 -2.76 38.11
N LEU A 140 -9.34 -1.61 38.50
CA LEU A 140 -10.77 -1.45 38.75
C LEU A 140 -11.32 -0.31 37.92
N TYR A 141 -12.41 -0.59 37.21
CA TYR A 141 -13.19 0.44 36.54
C TYR A 141 -14.59 0.49 37.17
N TYR A 142 -14.78 1.40 38.14
CA TYR A 142 -16.13 1.68 38.62
C TYR A 142 -16.77 2.79 37.80
N PRO A 143 -18.09 2.77 37.66
CA PRO A 143 -18.77 3.80 36.86
C PRO A 143 -18.87 5.11 37.64
N MET A 144 -19.33 6.14 36.93
CA MET A 144 -19.43 7.49 37.52
C MET A 144 -20.34 7.50 38.75
N GLU A 145 -21.46 6.79 38.67
CA GLU A 145 -22.66 6.98 39.49
C GLU A 145 -22.63 6.30 40.85
N ILE A 146 -21.73 5.33 41.10
CA ILE A 146 -21.55 4.76 42.44
C ILE A 146 -20.12 5.07 42.91
N GLY A 147 -19.99 5.43 44.17
CA GLY A 147 -18.67 5.63 44.70
C GLY A 147 -17.99 4.30 44.96
N ARG A 148 -16.67 4.37 45.14
CA ARG A 148 -15.85 3.19 45.38
C ARG A 148 -15.89 2.82 46.86
N ASN A 149 -15.46 1.59 47.15
CA ASN A 149 -15.26 1.09 48.52
C ASN A 149 -13.77 1.15 48.84
N ILE A 150 -13.40 2.04 49.75
CA ILE A 150 -11.97 2.29 49.95
C ILE A 150 -11.36 1.19 50.80
N ASP A 151 -12.10 0.71 51.79
CA ASP A 151 -11.62 -0.45 52.55
C ASP A 151 -11.36 -1.68 51.66
N GLU A 152 -12.03 -1.80 50.51
CA GLU A 152 -11.69 -2.93 49.64
C GLU A 152 -10.35 -2.74 48.93
N ILE A 153 -10.00 -1.51 48.58
CA ILE A 153 -8.66 -1.23 48.07
C ILE A 153 -7.58 -1.59 49.11
N LEU A 154 -7.83 -1.25 50.38
CA LEU A 154 -6.85 -1.59 51.42
C LEU A 154 -6.73 -3.08 51.58
N ARG A 155 -7.86 -3.77 51.69
CA ARG A 155 -7.89 -5.23 51.75
C ARG A 155 -7.06 -5.86 50.62
N ALA A 156 -7.12 -5.27 49.42
CA ALA A 156 -6.41 -5.86 48.28
C ALA A 156 -4.91 -5.62 48.38
N ILE A 157 -4.51 -4.44 48.86
CA ILE A 157 -3.07 -4.19 49.05
C ILE A 157 -2.50 -5.14 50.10
N ARG A 158 -3.17 -5.26 51.26
CA ARG A 158 -2.74 -6.23 52.27
C ARG A 158 -2.51 -7.60 51.67
N ALA A 159 -3.51 -8.09 50.93
CA ALA A 159 -3.39 -9.42 50.33
C ALA A 159 -2.25 -9.46 49.31
N LEU A 160 -2.18 -8.46 48.41
CA LEU A 160 -1.13 -8.46 47.40
C LEU A 160 0.26 -8.44 48.04
N GLN A 161 0.42 -7.71 49.15
CA GLN A 161 1.71 -7.64 49.83
C GLN A 161 2.04 -8.95 50.53
N LEU A 162 1.05 -9.58 51.20
CA LEU A 162 1.25 -10.91 51.79
C LEU A 162 1.68 -11.94 50.73
N VAL A 163 1.13 -11.84 49.53
CA VAL A 163 1.52 -12.73 48.43
C VAL A 163 3.00 -12.57 48.11
N ASP A 164 3.46 -11.32 47.97
CA ASP A 164 4.87 -11.06 47.69
C ASP A 164 5.79 -11.54 48.80
N LYS A 165 5.32 -11.56 50.07
CA LYS A 165 6.18 -11.89 51.21
C LYS A 165 6.28 -13.39 51.41
N ALA A 166 5.12 -14.06 51.49
CA ALA A 166 5.04 -15.46 51.89
C ALA A 166 4.87 -16.42 50.73
N GLY A 167 4.90 -15.94 49.48
CA GLY A 167 4.63 -16.77 48.33
C GLY A 167 3.40 -17.64 48.51
N VAL A 168 2.25 -17.02 48.84
CA VAL A 168 0.99 -17.73 49.01
C VAL A 168 -0.04 -17.05 48.13
N VAL A 169 -1.30 -17.43 48.31
CA VAL A 169 -2.44 -16.84 47.58
C VAL A 169 -3.58 -16.68 48.59
N THR A 170 -4.27 -15.55 48.52
CA THR A 170 -5.30 -15.36 49.54
C THR A 170 -6.63 -15.95 49.09
N PRO A 171 -7.42 -16.55 49.99
CA PRO A 171 -8.75 -17.00 49.57
C PRO A 171 -9.71 -15.85 49.40
N ALA A 172 -10.90 -16.17 48.89
CA ALA A 172 -11.97 -15.20 48.69
C ALA A 172 -12.41 -14.54 49.99
N ASN A 173 -12.66 -13.22 49.93
CA ASN A 173 -13.08 -12.40 51.06
C ASN A 173 -12.06 -12.41 52.21
N TRP A 174 -10.82 -12.81 51.91
CA TRP A 174 -9.75 -12.81 52.90
C TRP A 174 -9.58 -11.41 53.49
N PRO A 175 -9.34 -11.29 54.82
CA PRO A 175 -9.08 -12.36 55.78
C PRO A 175 -10.32 -12.96 56.44
N ASN A 176 -11.43 -13.03 55.73
CA ASN A 176 -12.70 -13.51 56.28
C ASN A 176 -13.30 -14.61 55.42
N ASN A 177 -12.47 -15.58 55.05
CA ASN A 177 -12.96 -16.62 54.16
C ASN A 177 -13.79 -17.60 54.97
N GLU A 178 -15.01 -17.87 54.47
CA GLU A 178 -15.99 -18.76 55.08
C GLU A 178 -15.55 -20.22 55.15
N LEU A 179 -14.38 -20.58 54.61
CA LEU A 179 -13.82 -21.91 54.76
C LEU A 179 -12.60 -21.94 55.66
N ILE A 180 -11.72 -20.94 55.58
CA ILE A 180 -10.43 -21.03 56.26
C ILE A 180 -10.07 -19.70 56.93
N GLY A 181 -11.00 -18.74 56.94
CA GLY A 181 -10.86 -17.46 57.61
C GLY A 181 -9.61 -16.64 57.31
N ASP A 182 -8.77 -16.53 58.33
CA ASP A 182 -7.49 -15.84 58.27
C ASP A 182 -6.46 -16.58 57.39
N LYS A 183 -6.59 -17.90 57.25
CA LYS A 183 -5.55 -18.72 56.63
C LYS A 183 -5.37 -18.43 55.14
N VAL A 184 -4.13 -18.58 54.68
CA VAL A 184 -3.81 -18.39 53.27
C VAL A 184 -3.57 -19.75 52.62
N ILE A 185 -3.44 -19.74 51.30
CA ILE A 185 -3.48 -20.96 50.49
C ILE A 185 -2.11 -21.19 49.85
N ASN A 186 -1.70 -22.45 49.80
CA ASN A 186 -0.46 -22.84 49.14
C ASN A 186 -0.66 -22.87 47.64
N PRO A 187 0.25 -22.26 46.87
CA PRO A 187 0.12 -22.28 45.40
C PRO A 187 0.21 -23.70 44.88
N ALA A 188 -0.80 -24.07 44.08
CA ALA A 188 -1.00 -25.47 43.68
C ALA A 188 0.25 -26.05 43.01
N PRO A 189 0.48 -27.36 43.13
CA PRO A 189 1.69 -27.97 42.58
C PRO A 189 1.72 -27.95 41.05
N ARG A 190 2.92 -27.81 40.50
CA ARG A 190 3.11 -27.59 39.06
C ARG A 190 3.38 -28.87 38.27
N THR A 191 4.03 -29.88 38.87
CA THR A 191 4.36 -31.13 38.19
C THR A 191 3.69 -32.28 38.95
N ILE A 192 3.79 -33.50 38.42
CA ILE A 192 3.16 -34.65 39.07
C ILE A 192 3.99 -35.14 40.26
N LYS A 193 5.32 -35.00 40.21
CA LYS A 193 6.14 -35.22 41.41
C LYS A 193 5.63 -34.42 42.59
N ASP A 194 5.58 -33.10 42.40
CA ASP A 194 5.21 -32.20 43.48
C ASP A 194 3.81 -32.50 43.98
N ALA A 195 2.89 -32.91 43.09
CA ALA A 195 1.51 -33.12 43.51
C ALA A 195 1.39 -34.32 44.44
N LYS A 196 2.08 -35.41 44.14
CA LYS A 196 1.93 -36.61 44.95
C LYS A 196 2.45 -36.40 46.37
N MET A 197 3.44 -35.52 46.53
CA MET A 197 3.99 -35.18 47.85
C MET A 197 2.95 -34.61 48.79
N ARG A 198 1.86 -34.04 48.26
CA ARG A 198 0.84 -33.41 49.10
C ARG A 198 -0.44 -34.23 49.21
N LEU A 199 -0.40 -35.53 48.94
CA LEU A 199 -1.63 -36.29 48.93
C LEU A 199 -2.11 -36.51 50.36
N GLY A 200 -3.43 -36.65 50.51
CA GLY A 200 -4.05 -36.83 51.80
C GLY A 200 -3.91 -35.68 52.77
N GLN A 201 -3.57 -34.45 52.28
CA GLN A 201 -3.69 -33.32 53.17
C GLN A 201 -5.08 -32.68 53.03
N PRO A 202 -5.53 -31.93 54.04
CA PRO A 202 -6.92 -31.47 54.06
C PRO A 202 -7.34 -30.65 52.83
N PHE A 203 -8.56 -30.97 52.39
CA PHE A 203 -9.23 -30.66 51.13
C PHE A 203 -8.70 -31.60 50.05
N ASP A 204 -7.54 -31.29 49.47
CA ASP A 204 -6.98 -32.14 48.43
C ASP A 204 -5.57 -31.63 48.12
N TRP A 205 -4.91 -32.29 47.16
CA TRP A 205 -3.51 -31.98 46.92
C TRP A 205 -3.32 -30.59 46.30
N TRP A 206 -4.30 -30.09 45.56
CA TRP A 206 -4.21 -28.75 44.99
C TRP A 206 -4.72 -27.65 45.94
N PHE A 207 -5.36 -28.02 47.03
CA PHE A 207 -6.04 -27.10 47.94
C PHE A 207 -5.50 -27.37 49.35
N THR A 208 -4.35 -26.76 49.65
CA THR A 208 -3.70 -26.87 50.95
C THR A 208 -3.53 -25.49 51.56
N TYR A 209 -3.76 -25.38 52.86
CA TYR A 209 -3.77 -24.09 53.55
C TYR A 209 -2.89 -24.13 54.80
N LYS A 210 -2.24 -23.01 55.06
CA LYS A 210 -1.37 -22.77 56.21
C LYS A 210 -1.90 -21.58 56.99
N GLU A 211 -1.09 -21.06 57.93
CA GLU A 211 -1.44 -19.84 58.63
C GLU A 211 -0.24 -18.91 58.67
N VAL A 212 -0.54 -17.61 58.85
CA VAL A 212 0.55 -16.64 58.90
C VAL A 212 0.28 -15.70 60.06
N ARG B 5 -14.15 -5.08 20.40
CA ARG B 5 -12.86 -4.62 20.86
C ARG B 5 -13.20 -4.55 22.33
N ILE B 6 -12.23 -4.39 23.22
CA ILE B 6 -12.57 -4.71 24.64
C ILE B 6 -13.73 -3.84 25.10
N PRO B 7 -14.79 -4.42 25.68
CA PRO B 7 -15.97 -3.61 26.00
C PRO B 7 -15.70 -2.69 27.18
N LEU B 8 -16.47 -1.59 27.21
CA LEU B 8 -16.27 -0.55 28.21
C LEU B 8 -17.61 -0.16 28.81
N ILE B 9 -17.54 0.58 29.91
CA ILE B 9 -18.75 1.00 30.61
C ILE B 9 -19.59 1.84 29.67
N GLY B 10 -20.87 1.45 29.52
CA GLY B 10 -21.80 2.14 28.64
C GLY B 10 -22.11 1.40 27.35
N GLU B 11 -21.10 0.76 26.74
CA GLU B 11 -21.30 -0.11 25.58
C GLU B 11 -22.19 -1.31 25.91
N LYS B 12 -22.91 -1.78 24.90
CA LYS B 12 -23.63 -3.03 25.08
C LYS B 12 -22.72 -4.22 25.04
N PHE B 13 -23.01 -5.20 25.88
CA PHE B 13 -22.25 -6.42 25.93
C PHE B 13 -22.31 -7.10 24.56
N PRO B 14 -21.17 -7.56 24.04
CA PRO B 14 -21.12 -8.07 22.66
C PRO B 14 -21.95 -9.34 22.47
N GLU B 15 -22.68 -9.40 21.36
CA GLU B 15 -23.36 -10.64 21.03
C GLU B 15 -22.39 -11.81 20.87
N MET B 16 -22.67 -12.90 21.58
CA MET B 16 -21.82 -14.07 21.50
C MET B 16 -22.57 -15.27 22.04
N GLU B 17 -22.33 -16.43 21.45
CA GLU B 17 -22.94 -17.67 21.92
C GLU B 17 -21.86 -18.53 22.57
N VAL B 18 -22.14 -19.05 23.77
CA VAL B 18 -21.15 -19.74 24.59
C VAL B 18 -21.70 -21.10 25.00
N ILE B 19 -20.79 -22.00 25.34
CA ILE B 19 -21.13 -23.37 25.69
C ILE B 19 -20.78 -23.53 27.16
N THR B 20 -21.78 -23.87 27.97
CA THR B 20 -21.69 -23.87 29.43
C THR B 20 -22.15 -25.20 30.01
N THR B 21 -21.81 -25.44 31.28
CA THR B 21 -22.30 -26.58 32.04
C THR B 21 -23.82 -26.68 32.07
N HIS B 22 -24.55 -25.69 31.58
CA HIS B 22 -26.01 -25.77 31.52
C HIS B 22 -26.51 -25.79 30.07
N GLY B 23 -25.65 -26.13 29.14
CA GLY B 23 -25.97 -26.08 27.74
C GLY B 23 -25.46 -24.83 27.06
N LYS B 24 -25.97 -24.61 25.86
CA LYS B 24 -25.75 -23.36 25.14
C LYS B 24 -26.51 -22.20 25.74
N ILE B 25 -25.92 -21.01 25.60
CA ILE B 25 -26.43 -19.75 26.14
C ILE B 25 -26.03 -18.65 25.16
N LYS B 26 -26.95 -17.71 24.92
CA LYS B 26 -26.77 -16.66 23.91
C LYS B 26 -26.59 -15.40 24.74
N LEU B 27 -25.41 -14.78 24.66
CA LEU B 27 -25.04 -14.25 25.98
C LEU B 27 -25.74 -12.98 26.39
N PRO B 28 -25.71 -11.87 25.64
CA PRO B 28 -26.37 -10.66 26.18
C PRO B 28 -27.88 -10.81 26.32
N ASP B 29 -28.49 -11.70 25.51
CA ASP B 29 -29.94 -11.76 25.24
C ASP B 29 -30.70 -12.76 26.09
N ASP B 30 -30.16 -13.96 26.33
CA ASP B 30 -30.87 -14.92 27.18
C ASP B 30 -31.10 -14.36 28.59
N TYR B 31 -30.48 -13.22 28.92
CA TYR B 31 -30.63 -12.57 30.21
C TYR B 31 -31.22 -11.18 30.04
N LYS B 32 -32.27 -11.07 29.22
CA LYS B 32 -32.59 -9.79 28.61
C LYS B 32 -33.47 -8.95 29.52
N GLY B 33 -33.86 -9.44 30.66
CA GLY B 33 -34.47 -8.49 31.58
C GLY B 33 -33.92 -8.61 32.99
N ARG B 34 -32.95 -9.50 33.11
CA ARG B 34 -32.20 -9.65 34.34
C ARG B 34 -30.85 -8.95 34.23
N TRP B 35 -30.27 -8.65 35.40
CA TRP B 35 -28.85 -8.35 35.47
C TRP B 35 -28.05 -9.65 35.48
N PHE B 36 -26.80 -9.58 35.03
CA PHE B 36 -25.94 -10.72 35.32
C PHE B 36 -24.49 -10.30 35.52
N VAL B 37 -23.80 -11.09 36.34
CA VAL B 37 -22.37 -10.93 36.62
C VAL B 37 -21.61 -12.03 35.89
N LEU B 38 -21.05 -11.69 34.75
CA LEU B 38 -20.08 -12.55 34.08
C LEU B 38 -18.72 -12.38 34.74
N PHE B 39 -18.15 -13.48 35.22
CA PHE B 39 -16.86 -13.38 35.87
C PHE B 39 -15.99 -14.56 35.46
N SER B 40 -14.70 -14.28 35.27
CA SER B 40 -13.71 -15.27 34.91
C SER B 40 -12.90 -15.71 36.13
N HIS B 41 -12.36 -16.92 36.06
CA HIS B 41 -11.34 -17.40 37.00
C HIS B 41 -10.29 -18.10 36.21
N PRO B 42 -9.00 -18.13 36.69
CA PRO B 42 -7.91 -18.76 35.94
C PRO B 42 -8.17 -20.17 35.48
N GLY B 43 -8.45 -21.10 36.41
CA GLY B 43 -8.75 -22.46 36.01
C GLY B 43 -9.42 -23.27 37.10
N ASP B 44 -10.15 -24.29 36.64
CA ASP B 44 -10.75 -25.25 37.56
C ASP B 44 -9.65 -25.99 38.35
N PHE B 45 -10.05 -26.51 39.51
CA PHE B 45 -9.14 -27.18 40.42
C PHE B 45 -7.99 -26.28 40.83
N THR B 46 -8.17 -24.93 40.72
CA THR B 46 -7.21 -24.20 41.52
C THR B 46 -7.86 -23.80 42.84
N PRO B 47 -7.07 -23.64 43.91
CA PRO B 47 -7.68 -23.45 45.24
C PRO B 47 -8.40 -22.11 45.42
N VAL B 48 -7.82 -21.00 44.98
CA VAL B 48 -8.47 -19.71 45.24
C VAL B 48 -9.80 -19.63 44.50
N CYS B 49 -9.81 -20.05 43.21
CA CYS B 49 -11.05 -20.09 42.44
C CYS B 49 -12.11 -20.96 43.11
N THR B 50 -11.69 -22.03 43.81
CA THR B 50 -12.67 -22.84 44.53
C THR B 50 -13.31 -22.05 45.66
N THR B 51 -12.50 -21.37 46.51
CA THR B 51 -13.11 -20.57 47.56
C THR B 51 -14.09 -19.53 46.99
N GLU B 52 -13.76 -18.98 45.80
CA GLU B 52 -14.64 -17.99 45.17
C GLU B 52 -15.98 -18.62 44.76
N PHE B 53 -15.94 -19.84 44.22
CA PHE B 53 -17.19 -20.48 43.83
C PHE B 53 -18.00 -20.90 45.04
N TYR B 54 -17.33 -21.43 46.06
CA TYR B 54 -18.03 -21.68 47.32
C TYR B 54 -18.78 -20.45 47.78
N SER B 55 -18.07 -19.32 47.93
CA SER B 55 -18.67 -18.07 48.38
C SER B 55 -19.83 -17.62 47.50
N PHE B 56 -19.68 -17.69 46.17
CA PHE B 56 -20.76 -17.33 45.25
C PHE B 56 -21.99 -18.21 45.45
N SER B 57 -21.79 -19.53 45.56
CA SER B 57 -22.92 -20.43 45.69
C SER B 57 -23.60 -20.26 47.04
N LYS B 58 -22.82 -20.05 48.10
CA LYS B 58 -23.45 -19.81 49.39
C LYS B 58 -24.27 -18.51 49.39
N LYS B 59 -23.80 -17.48 48.67
CA LYS B 59 -24.51 -16.21 48.64
C LYS B 59 -25.44 -16.09 47.44
N TYR B 60 -25.82 -17.22 46.84
CA TYR B 60 -26.50 -17.16 45.54
C TYR B 60 -27.83 -16.43 45.61
N GLU B 61 -28.50 -16.43 46.77
CA GLU B 61 -29.90 -16.02 46.79
C GLU B 61 -30.01 -14.53 46.98
N GLU B 62 -29.03 -13.94 47.67
CA GLU B 62 -28.85 -12.50 47.58
C GLU B 62 -28.59 -12.05 46.16
N PHE B 63 -27.89 -12.83 45.35
CA PHE B 63 -27.80 -12.45 43.93
C PHE B 63 -29.15 -12.60 43.25
N LYS B 64 -29.91 -13.64 43.61
CA LYS B 64 -31.21 -13.84 42.97
C LYS B 64 -32.19 -12.75 43.41
N LYS B 65 -32.14 -12.34 44.68
CA LYS B 65 -33.07 -11.32 45.18
C LYS B 65 -32.82 -9.97 44.57
N LEU B 66 -31.63 -9.75 44.01
CA LEU B 66 -31.36 -8.53 43.26
C LEU B 66 -31.54 -8.75 41.77
N ASN B 67 -32.23 -9.82 41.38
CA ASN B 67 -32.57 -10.08 39.98
C ASN B 67 -31.32 -10.23 39.11
N THR B 68 -30.21 -10.74 39.65
CA THR B 68 -29.03 -10.95 38.82
C THR B 68 -28.71 -12.44 38.81
N GLU B 69 -28.28 -12.93 37.64
CA GLU B 69 -27.76 -14.28 37.52
C GLU B 69 -26.23 -14.24 37.51
N LEU B 70 -25.62 -15.28 38.06
CA LEU B 70 -24.17 -15.45 37.97
C LEU B 70 -23.82 -16.31 36.76
N ILE B 71 -22.67 -16.02 36.17
CA ILE B 71 -22.19 -16.91 35.14
C ILE B 71 -20.66 -16.81 35.05
N GLY B 72 -19.99 -17.95 35.28
CA GLY B 72 -18.54 -18.01 35.34
C GLY B 72 -17.92 -18.38 34.00
N LEU B 73 -16.59 -18.38 33.97
CA LEU B 73 -15.89 -18.58 32.70
C LEU B 73 -14.42 -18.88 32.95
N SER B 74 -13.87 -19.84 32.19
CA SER B 74 -12.48 -20.25 32.33
C SER B 74 -12.06 -20.97 31.05
N VAL B 75 -10.73 -21.11 30.85
CA VAL B 75 -10.20 -21.71 29.63
C VAL B 75 -10.12 -23.24 29.71
N ASP B 76 -10.94 -23.81 30.59
CA ASP B 76 -10.91 -25.24 30.85
C ASP B 76 -12.07 -25.88 30.11
N SER B 77 -11.87 -27.14 29.79
CA SER B 77 -12.84 -27.93 29.06
C SER B 77 -14.12 -28.08 29.88
N ASN B 78 -15.26 -28.16 29.18
CA ASN B 78 -16.53 -28.25 29.91
C ASN B 78 -16.68 -29.57 30.68
N ILE B 79 -15.95 -30.61 30.30
CA ILE B 79 -15.91 -31.79 31.16
C ILE B 79 -15.18 -31.50 32.46
N SER B 80 -14.07 -30.76 32.40
CA SER B 80 -13.38 -30.43 33.64
C SER B 80 -14.25 -29.54 34.56
N HIS B 81 -15.04 -28.63 33.99
CA HIS B 81 -16.01 -27.88 34.79
C HIS B 81 -16.92 -28.83 35.58
N ILE B 82 -17.55 -29.78 34.87
CA ILE B 82 -18.43 -30.74 35.53
C ILE B 82 -17.69 -31.50 36.64
N GLU B 83 -16.43 -31.89 36.40
CA GLU B 83 -15.74 -32.64 37.45
C GLU B 83 -15.37 -31.72 38.62
N TRP B 84 -15.03 -30.46 38.35
CA TRP B 84 -14.83 -29.49 39.42
C TRP B 84 -16.10 -29.28 40.24
N VAL B 85 -17.22 -29.00 39.57
CA VAL B 85 -18.50 -28.85 40.27
C VAL B 85 -18.83 -30.07 41.11
N MET B 86 -18.52 -31.27 40.60
CA MET B 86 -18.85 -32.45 41.39
C MET B 86 -17.95 -32.56 42.62
N TRP B 87 -16.68 -32.20 42.48
CA TRP B 87 -15.78 -32.18 43.64
C TRP B 87 -16.27 -31.19 44.71
N ILE B 88 -16.76 -30.03 44.28
CA ILE B 88 -17.21 -28.99 45.21
C ILE B 88 -18.45 -29.48 45.95
N GLU B 89 -19.39 -30.08 45.20
CA GLU B 89 -20.64 -30.56 45.79
C GLU B 89 -20.39 -31.60 46.88
N LYS B 90 -19.37 -32.41 46.71
CA LYS B 90 -19.18 -33.48 47.66
C LYS B 90 -18.10 -33.20 48.70
N ASN B 91 -17.15 -32.29 48.48
CA ASN B 91 -16.20 -31.98 49.56
C ASN B 91 -16.62 -30.77 50.40
N LEU B 92 -17.15 -29.73 49.77
CA LEU B 92 -17.58 -28.54 50.47
C LEU B 92 -19.08 -28.52 50.71
N LYS B 93 -19.81 -29.57 50.27
CA LYS B 93 -21.22 -29.74 50.64
C LYS B 93 -22.11 -28.61 50.11
N VAL B 94 -21.90 -28.13 48.89
CA VAL B 94 -22.75 -27.08 48.33
C VAL B 94 -22.85 -27.30 46.83
N GLU B 95 -24.01 -27.00 46.27
CA GLU B 95 -24.19 -27.28 44.85
C GLU B 95 -24.03 -25.98 44.10
N VAL B 96 -23.10 -25.93 43.13
CA VAL B 96 -22.88 -24.73 42.31
C VAL B 96 -24.08 -24.56 41.37
N PRO B 97 -24.91 -23.55 41.58
CA PRO B 97 -26.19 -23.43 40.86
C PRO B 97 -26.16 -22.55 39.62
N PHE B 98 -25.00 -22.12 39.17
CA PHE B 98 -24.97 -21.22 38.03
C PHE B 98 -24.12 -21.81 36.92
N PRO B 99 -24.30 -21.34 35.69
CA PRO B 99 -23.54 -21.93 34.58
C PRO B 99 -22.09 -21.46 34.60
N ILE B 100 -21.22 -22.33 34.12
CA ILE B 100 -19.80 -22.00 33.93
C ILE B 100 -19.49 -22.15 32.44
N ILE B 101 -19.04 -21.05 31.82
CA ILE B 101 -18.69 -21.03 30.41
C ILE B 101 -17.35 -21.73 30.20
N ALA B 102 -17.32 -22.69 29.28
CA ALA B 102 -16.07 -23.32 28.86
C ALA B 102 -15.56 -22.65 27.60
N ASP B 103 -14.37 -22.10 27.69
CA ASP B 103 -13.72 -21.48 26.53
C ASP B 103 -12.25 -21.84 26.54
N PRO B 104 -11.90 -23.01 26.00
CA PRO B 104 -10.50 -23.24 25.63
C PRO B 104 -10.23 -22.49 24.34
N MET B 105 -8.94 -22.32 24.02
CA MET B 105 -8.54 -21.41 22.95
C MET B 105 -8.72 -19.94 23.35
N GLY B 106 -9.67 -19.66 24.25
CA GLY B 106 -9.79 -18.35 24.85
C GLY B 106 -10.39 -17.29 23.94
N ASN B 107 -11.30 -17.68 23.02
CA ASN B 107 -11.82 -16.71 22.06
C ASN B 107 -12.69 -15.68 22.76
N VAL B 108 -13.64 -16.11 23.55
CA VAL B 108 -14.43 -15.13 24.29
C VAL B 108 -13.57 -14.43 25.36
N ALA B 109 -12.56 -15.12 25.93
CA ALA B 109 -11.70 -14.46 26.92
C ALA B 109 -10.89 -13.31 26.31
N LYS B 110 -10.40 -13.48 25.08
CA LYS B 110 -9.60 -12.42 24.48
C LYS B 110 -10.49 -11.26 24.08
N ARG B 111 -11.66 -11.57 23.55
CA ARG B 111 -12.67 -10.58 23.19
C ARG B 111 -13.07 -9.68 24.36
N LEU B 112 -13.13 -10.17 25.59
CA LEU B 112 -13.42 -9.33 26.76
C LEU B 112 -12.17 -8.85 27.51
N GLY B 113 -10.98 -8.92 26.91
CA GLY B 113 -9.77 -8.48 27.61
C GLY B 113 -9.53 -9.16 28.94
N MET B 114 -9.75 -10.45 29.00
CA MET B 114 -9.53 -11.15 30.25
C MET B 114 -8.16 -11.80 30.32
N ILE B 115 -7.35 -11.78 29.24
CA ILE B 115 -6.00 -12.37 29.31
C ILE B 115 -5.04 -11.20 29.47
N HIS B 116 -4.21 -11.21 30.51
CA HIS B 116 -3.31 -10.09 30.73
C HIS B 116 -1.86 -10.53 30.46
N ALA B 117 -0.91 -9.77 31.00
CA ALA B 117 0.49 -9.93 30.64
C ALA B 117 1.23 -10.92 31.52
N GLU B 118 0.63 -11.35 32.63
CA GLU B 118 1.33 -12.15 33.62
C GLU B 118 1.11 -13.66 33.45
N SER B 119 0.09 -14.06 32.71
CA SER B 119 -0.04 -15.45 32.26
C SER B 119 -0.65 -15.48 30.87
N SER B 120 -0.01 -16.24 30.00
CA SER B 120 -0.41 -16.44 28.61
C SER B 120 -1.32 -17.64 28.45
N THR B 121 -1.66 -18.31 29.56
CA THR B 121 -2.34 -19.60 29.60
C THR B 121 -3.69 -19.57 30.34
N ALA B 122 -4.04 -18.47 31.00
CA ALA B 122 -5.26 -18.42 31.80
C ALA B 122 -5.74 -16.97 31.92
N THR B 123 -7.05 -16.83 32.17
CA THR B 123 -7.64 -15.52 32.42
C THR B 123 -7.16 -14.96 33.77
N VAL B 124 -7.42 -13.67 33.98
CA VAL B 124 -7.27 -13.08 35.31
C VAL B 124 -8.61 -13.25 36.01
N ARG B 125 -8.82 -12.52 37.11
CA ARG B 125 -10.10 -12.56 37.82
C ARG B 125 -10.93 -11.35 37.38
N ALA B 126 -11.46 -11.45 36.17
CA ALA B 126 -12.29 -10.39 35.62
C ALA B 126 -13.72 -10.51 36.12
N VAL B 127 -14.37 -9.36 36.26
CA VAL B 127 -15.77 -9.30 36.67
C VAL B 127 -16.46 -8.23 35.83
N PHE B 128 -17.50 -8.64 35.10
CA PHE B 128 -18.37 -7.71 34.38
C PHE B 128 -19.75 -7.75 35.01
N ILE B 129 -20.34 -6.57 35.19
CA ILE B 129 -21.70 -6.44 35.67
C ILE B 129 -22.53 -5.85 34.53
N ILE B 130 -23.48 -6.63 34.05
CA ILE B 130 -24.33 -6.25 32.93
C ILE B 130 -25.73 -6.06 33.49
N ASP B 131 -26.44 -5.05 32.98
CA ASP B 131 -27.76 -4.76 33.53
C ASP B 131 -28.87 -5.38 32.68
N ASP B 132 -30.12 -5.10 33.06
CA ASP B 132 -31.28 -5.68 32.41
C ASP B 132 -31.41 -5.28 30.95
N LYS B 133 -30.66 -4.29 30.46
CA LYS B 133 -30.74 -3.96 29.04
C LYS B 133 -29.48 -4.34 28.31
N GLY B 134 -28.56 -5.00 29.01
CA GLY B 134 -27.37 -5.54 28.40
C GLY B 134 -26.18 -4.60 28.36
N THR B 135 -26.23 -3.43 29.01
CA THR B 135 -25.08 -2.52 28.97
C THR B 135 -24.07 -2.87 30.07
N VAL B 136 -22.79 -2.72 29.74
CA VAL B 136 -21.74 -3.03 30.69
C VAL B 136 -21.67 -1.90 31.71
N ARG B 137 -21.83 -2.26 32.98
CA ARG B 137 -21.98 -1.25 34.01
C ARG B 137 -20.78 -1.08 34.92
N LEU B 138 -19.87 -2.05 34.98
CA LEU B 138 -18.80 -2.10 35.97
C LEU B 138 -17.80 -3.17 35.54
N ILE B 139 -16.51 -2.87 35.64
CA ILE B 139 -15.48 -3.81 35.20
C ILE B 139 -14.39 -3.93 36.26
N LEU B 140 -14.11 -5.14 36.67
CA LEU B 140 -13.05 -5.42 37.64
C LEU B 140 -12.07 -6.43 37.07
N TYR B 141 -10.78 -6.09 37.15
CA TYR B 141 -9.70 -7.03 36.85
C TYR B 141 -8.90 -7.26 38.14
N TYR B 142 -9.22 -8.33 38.87
CA TYR B 142 -8.36 -8.75 39.96
C TYR B 142 -7.32 -9.75 39.45
N PRO B 143 -6.13 -9.77 40.07
CA PRO B 143 -5.07 -10.67 39.62
C PRO B 143 -5.35 -12.11 40.08
N MET B 144 -4.51 -13.03 39.58
CA MET B 144 -4.68 -14.45 39.88
C MET B 144 -4.61 -14.73 41.39
N GLU B 145 -3.68 -14.07 42.07
CA GLU B 145 -3.12 -14.46 43.37
C GLU B 145 -3.94 -14.02 44.58
N ILE B 146 -4.87 -13.07 44.45
CA ILE B 146 -5.80 -12.74 45.53
C ILE B 146 -7.23 -13.05 45.08
N GLY B 147 -8.02 -13.62 45.96
CA GLY B 147 -9.40 -13.83 45.63
C GLY B 147 -10.18 -12.54 45.69
N ARG B 148 -11.37 -12.56 45.11
CA ARG B 148 -12.25 -11.40 45.05
C ARG B 148 -13.06 -11.31 46.34
N ASN B 149 -13.63 -10.12 46.55
CA ASN B 149 -14.57 -9.85 47.64
C ASN B 149 -15.99 -9.89 47.07
N ILE B 150 -16.76 -10.90 47.45
CA ILE B 150 -18.04 -11.12 46.79
C ILE B 150 -19.08 -10.15 47.32
N ASP B 151 -19.04 -9.88 48.63
CA ASP B 151 -19.91 -8.85 49.18
C ASP B 151 -19.71 -7.48 48.52
N GLU B 152 -18.53 -7.19 47.97
CA GLU B 152 -18.38 -5.91 47.28
C GLU B 152 -19.10 -5.90 45.93
N ILE B 153 -19.14 -7.04 45.24
CA ILE B 153 -19.95 -7.14 44.02
C ILE B 153 -21.43 -6.92 44.35
N LEU B 154 -21.91 -7.49 45.46
CA LEU B 154 -23.31 -7.29 45.82
C LEU B 154 -23.59 -5.83 46.14
N ARG B 155 -22.74 -5.24 46.97
CA ARG B 155 -22.84 -3.81 47.29
C ARG B 155 -22.93 -2.96 46.02
N ALA B 156 -22.19 -3.34 44.98
CA ALA B 156 -22.17 -2.52 43.76
C ALA B 156 -23.46 -2.69 42.97
N ILE B 157 -24.01 -3.91 42.93
CA ILE B 157 -25.28 -4.12 42.25
C ILE B 157 -26.40 -3.34 42.96
N ARG B 158 -26.49 -3.45 44.28
CA ARG B 158 -27.47 -2.66 45.04
C ARG B 158 -27.39 -1.18 44.67
N ALA B 159 -26.18 -0.62 44.70
CA ALA B 159 -26.01 0.79 44.37
C ALA B 159 -26.40 1.07 42.92
N LEU B 160 -25.91 0.24 41.98
CA LEU B 160 -26.22 0.47 40.57
C LEU B 160 -27.73 0.42 40.32
N GLN B 161 -28.43 -0.49 41.01
CA GLN B 161 -29.88 -0.61 40.84
C GLN B 161 -30.62 0.58 41.45
N LEU B 162 -30.20 1.03 42.65
CA LEU B 162 -30.76 2.24 43.26
C LEU B 162 -30.59 3.45 42.34
N VAL B 163 -29.45 3.55 41.64
CA VAL B 163 -29.23 4.63 40.69
C VAL B 163 -30.26 4.60 39.58
N ASP B 164 -30.50 3.42 38.99
CA ASP B 164 -31.51 3.30 37.93
C ASP B 164 -32.92 3.62 38.41
N LYS B 165 -33.23 3.40 39.71
CA LYS B 165 -34.59 3.57 40.22
C LYS B 165 -34.86 5.02 40.58
N ALA B 166 -33.98 5.60 41.41
CA ALA B 166 -34.21 6.90 42.03
C ALA B 166 -33.48 8.04 41.34
N GLY B 167 -32.79 7.79 40.23
CA GLY B 167 -31.96 8.79 39.58
C GLY B 167 -31.09 9.54 40.57
N VAL B 168 -30.28 8.82 41.35
CA VAL B 168 -29.37 9.41 42.33
C VAL B 168 -27.98 8.86 42.05
N VAL B 169 -27.06 9.12 42.97
CA VAL B 169 -25.69 8.62 42.91
C VAL B 169 -25.28 8.23 44.32
N THR B 170 -24.61 7.08 44.45
CA THR B 170 -24.32 6.67 45.81
C THR B 170 -22.99 7.25 46.30
N PRO B 171 -22.85 7.65 47.56
CA PRO B 171 -21.54 8.10 48.04
C PRO B 171 -20.58 6.94 48.22
N ALA B 172 -19.33 7.29 48.53
CA ALA B 172 -18.28 6.31 48.79
C ALA B 172 -18.60 5.40 49.99
N ASN B 173 -18.30 4.11 49.84
CA ASN B 173 -18.53 3.08 50.85
C ASN B 173 -20.01 2.95 51.22
N TRP B 174 -20.89 3.47 50.36
CA TRP B 174 -22.33 3.34 50.57
C TRP B 174 -22.73 1.87 50.71
N PRO B 175 -23.65 1.53 51.65
CA PRO B 175 -24.46 2.43 52.47
C PRO B 175 -23.83 2.84 53.80
N ASN B 176 -22.51 2.98 53.85
CA ASN B 176 -21.79 3.29 55.09
C ASN B 176 -20.88 4.48 54.91
N ASN B 177 -21.41 5.55 54.31
CA ASN B 177 -20.56 6.70 54.05
C ASN B 177 -20.37 7.47 55.33
N GLU B 178 -19.10 7.78 55.64
CA GLU B 178 -18.66 8.49 56.85
C GLU B 178 -19.15 9.93 56.91
N LEU B 179 -19.84 10.44 55.88
CA LEU B 179 -20.46 11.75 55.93
C LEU B 179 -21.98 11.69 55.98
N ILE B 180 -22.61 10.76 55.26
CA ILE B 180 -24.07 10.80 55.11
C ILE B 180 -24.67 9.40 55.23
N GLY B 181 -23.85 8.41 55.59
CA GLY B 181 -24.27 7.04 55.84
C GLY B 181 -25.09 6.35 54.76
N ASP B 182 -26.35 6.10 55.10
CA ASP B 182 -27.34 5.51 54.22
C ASP B 182 -27.75 6.44 53.07
N LYS B 183 -27.64 7.75 53.26
CA LYS B 183 -28.20 8.73 52.32
C LYS B 183 -27.51 8.71 50.96
N VAL B 184 -28.29 9.01 49.92
CA VAL B 184 -27.78 9.08 48.57
C VAL B 184 -27.69 10.54 48.13
N ILE B 185 -27.06 10.76 46.99
CA ILE B 185 -26.65 12.10 46.56
C ILE B 185 -27.45 12.51 45.32
N ASN B 186 -27.82 13.78 45.28
CA ASN B 186 -28.51 14.34 44.11
C ASN B 186 -27.51 14.62 43.01
N PRO B 187 -27.81 14.21 41.78
CA PRO B 187 -26.90 14.47 40.65
C PRO B 187 -26.75 15.97 40.43
N ALA B 188 -25.50 16.42 40.38
CA ALA B 188 -25.18 17.85 40.42
C ALA B 188 -25.88 18.61 39.28
N PRO B 189 -26.21 19.89 39.49
CA PRO B 189 -26.94 20.65 38.47
C PRO B 189 -26.11 20.90 37.21
N ARG B 190 -26.81 20.91 36.06
CA ARG B 190 -26.16 20.96 34.75
C ARG B 190 -26.01 22.38 34.17
N THR B 191 -26.94 23.29 34.48
CA THR B 191 -26.89 24.65 33.97
C THR B 191 -26.83 25.61 35.15
N ILE B 192 -26.68 26.91 34.89
CA ILE B 192 -26.57 27.90 35.96
C ILE B 192 -27.95 28.22 36.56
N LYS B 193 -29.03 28.16 35.76
CA LYS B 193 -30.37 28.21 36.32
C LYS B 193 -30.56 27.18 37.42
N ASP B 194 -30.35 25.92 37.07
CA ASP B 194 -30.59 24.84 37.99
C ASP B 194 -29.71 24.97 39.22
N ALA B 195 -28.49 25.48 39.08
CA ALA B 195 -27.58 25.54 40.22
C ALA B 195 -28.06 26.55 41.25
N LYS B 196 -28.53 27.71 40.81
CA LYS B 196 -28.92 28.74 41.78
C LYS B 196 -30.12 28.31 42.60
N MET B 197 -30.99 27.48 42.03
CA MET B 197 -32.15 26.95 42.74
C MET B 197 -31.77 26.15 43.99
N ARG B 198 -30.55 25.63 44.06
CA ARG B 198 -30.14 24.82 45.19
C ARG B 198 -29.17 25.54 46.14
N LEU B 199 -29.12 26.86 46.11
CA LEU B 199 -28.13 27.55 46.92
C LEU B 199 -28.55 27.49 48.39
N GLY B 200 -27.53 27.54 49.27
CA GLY B 200 -27.75 27.45 50.69
C GLY B 200 -28.32 26.16 51.22
N GLN B 201 -28.29 25.06 50.41
CA GLN B 201 -28.62 23.77 51.01
C GLN B 201 -27.35 23.10 51.54
N PRO B 202 -27.50 22.16 52.49
CA PRO B 202 -26.32 21.64 53.19
C PRO B 202 -25.25 21.02 52.29
N PHE B 203 -24.00 21.36 52.66
CA PHE B 203 -22.74 21.23 51.95
C PHE B 203 -22.63 22.37 50.94
N ASP B 204 -23.26 22.22 49.77
CA ASP B 204 -23.19 23.26 48.75
C ASP B 204 -24.17 22.90 47.63
N TRP B 205 -24.21 23.75 46.61
CA TRP B 205 -25.23 23.56 45.57
C TRP B 205 -24.97 22.32 44.73
N TRP B 206 -23.72 21.90 44.59
CA TRP B 206 -23.42 20.68 43.84
C TRP B 206 -23.46 19.41 44.69
N PHE B 207 -23.55 19.55 46.00
CA PHE B 207 -23.43 18.46 46.96
C PHE B 207 -24.68 18.49 47.86
N THR B 208 -25.76 17.91 47.37
CA THR B 208 -27.03 17.83 48.08
C THR B 208 -27.43 16.37 48.24
N TYR B 209 -27.97 16.02 49.42
CA TYR B 209 -28.26 14.64 49.75
C TYR B 209 -29.70 14.51 50.29
N LYS B 210 -30.31 13.38 49.96
CA LYS B 210 -31.66 13.00 50.36
C LYS B 210 -31.60 11.65 51.08
N GLU B 211 -32.75 11.03 51.31
CA GLU B 211 -32.78 9.70 51.86
C GLU B 211 -33.75 8.84 51.08
N VAL B 212 -33.55 7.52 51.16
CA VAL B 212 -34.42 6.60 50.43
C VAL B 212 -34.80 5.47 51.36
N ARG C 5 4.03 23.06 8.31
CA ARG C 5 2.60 22.87 8.31
C ARG C 5 2.23 24.16 8.99
N ILE C 6 0.98 24.57 8.99
CA ILE C 6 0.73 26.00 9.33
C ILE C 6 1.29 26.30 10.72
N PRO C 7 2.12 27.35 10.88
CA PRO C 7 2.76 27.56 12.18
C PRO C 7 1.77 28.04 13.22
N LEU C 8 2.10 27.76 14.47
CA LEU C 8 1.23 28.05 15.60
C LEU C 8 2.01 28.74 16.71
N ILE C 9 1.26 29.30 17.67
CA ILE C 9 1.88 30.02 18.76
C ILE C 9 2.80 29.07 19.53
N GLY C 10 4.06 29.47 19.71
CA GLY C 10 5.05 28.68 20.40
C GLY C 10 6.08 28.02 19.48
N GLU C 11 5.66 27.53 18.31
CA GLU C 11 6.57 27.03 17.28
C GLU C 11 7.51 28.12 16.78
N LYS C 12 8.69 27.69 16.34
CA LYS C 12 9.58 28.62 15.68
C LYS C 12 9.14 28.90 14.26
N PHE C 13 9.29 30.15 13.85
CA PHE C 13 8.94 30.55 12.51
C PHE C 13 9.78 29.73 11.52
N PRO C 14 9.15 29.21 10.48
CA PRO C 14 9.84 28.27 9.56
C PRO C 14 10.99 28.94 8.79
N GLU C 15 12.11 28.24 8.71
CA GLU C 15 13.17 28.73 7.85
C GLU C 15 12.73 28.88 6.39
N MET C 16 12.96 30.07 5.83
CA MET C 16 12.58 30.32 4.45
C MET C 16 13.32 31.55 3.95
N GLU C 17 13.69 31.53 2.67
CA GLU C 17 14.35 32.67 2.05
C GLU C 17 13.37 33.32 1.07
N VAL C 18 13.23 34.65 1.16
CA VAL C 18 12.22 35.38 0.42
C VAL C 18 12.89 36.52 -0.35
N ILE C 19 12.18 36.98 -1.39
CA ILE C 19 12.70 38.01 -2.27
C ILE C 19 11.81 39.22 -2.08
N THR C 20 12.41 40.34 -1.66
CA THR C 20 11.68 41.54 -1.23
C THR C 20 12.21 42.78 -1.95
N THR C 21 11.42 43.86 -1.89
CA THR C 21 11.82 45.16 -2.38
C THR C 21 13.14 45.67 -1.79
N HIS C 22 13.72 44.98 -0.80
CA HIS C 22 15.02 45.38 -0.27
C HIS C 22 16.07 44.31 -0.54
N GLY C 23 15.83 43.45 -1.51
CA GLY C 23 16.71 42.34 -1.79
C GLY C 23 16.22 41.04 -1.19
N LYS C 24 17.13 40.07 -1.16
CA LYS C 24 16.90 38.82 -0.45
C LYS C 24 16.98 38.99 1.05
N ILE C 25 16.21 38.16 1.75
CA ILE C 25 16.07 38.15 3.21
C ILE C 25 15.85 36.70 3.63
N LYS C 26 16.50 36.30 4.73
CA LYS C 26 16.49 34.93 5.21
C LYS C 26 15.64 34.96 6.46
N LEU C 27 14.48 34.29 6.45
CA LEU C 27 13.46 35.04 7.16
C LEU C 27 13.53 34.98 8.68
N PRO C 28 13.52 33.83 9.34
CA PRO C 28 13.53 33.89 10.82
C PRO C 28 14.81 34.49 11.38
N ASP C 29 15.92 34.40 10.65
CA ASP C 29 17.29 34.61 11.13
C ASP C 29 17.85 36.01 10.90
N ASP C 30 17.62 36.62 9.74
CA ASP C 30 18.12 37.97 9.53
C ASP C 30 17.54 38.95 10.55
N TYR C 31 16.56 38.52 11.35
CA TYR C 31 15.95 39.35 12.39
C TYR C 31 16.16 38.71 13.75
N LYS C 32 17.38 38.26 14.03
CA LYS C 32 17.57 37.24 15.04
C LYS C 32 17.71 37.83 16.43
N GLY C 33 17.68 39.14 16.57
CA GLY C 33 17.54 39.63 17.92
C GLY C 33 16.49 40.72 18.04
N ARG C 34 15.84 40.96 16.92
CA ARG C 34 14.70 41.86 16.88
C ARG C 34 13.40 41.07 16.84
N TRP C 35 12.33 41.76 17.22
CA TRP C 35 10.99 41.28 16.88
C TRP C 35 10.65 41.68 15.45
N PHE C 36 9.76 40.92 14.82
CA PHE C 36 9.20 41.47 13.59
C PHE C 36 7.75 41.04 13.38
N VAL C 37 7.02 41.91 12.69
CA VAL C 37 5.63 41.67 12.29
C VAL C 37 5.60 41.36 10.80
N LEU C 38 5.51 40.08 10.47
CA LEU C 38 5.21 39.67 9.11
C LEU C 38 3.71 39.76 8.88
N PHE C 39 3.30 40.52 7.87
CA PHE C 39 1.89 40.68 7.60
C PHE C 39 1.63 40.65 6.11
N SER C 40 0.55 39.99 5.72
CA SER C 40 0.12 39.88 4.33
C SER C 40 -0.98 40.89 4.02
N HIS C 41 -1.09 41.25 2.75
CA HIS C 41 -2.23 41.99 2.22
C HIS C 41 -2.61 41.37 0.90
N PRO C 42 -3.91 41.43 0.49
CA PRO C 42 -4.36 40.79 -0.76
C PRO C 42 -3.54 41.15 -1.99
N GLY C 43 -3.46 42.43 -2.33
CA GLY C 43 -2.67 42.82 -3.48
C GLY C 43 -2.32 44.30 -3.51
N ASP C 44 -1.23 44.61 -4.20
CA ASP C 44 -0.86 45.99 -4.45
C ASP C 44 -1.94 46.69 -5.28
N PHE C 45 -1.96 48.02 -5.18
CA PHE C 45 -2.95 48.85 -5.83
C PHE C 45 -4.37 48.45 -5.44
N THR C 46 -4.53 47.77 -4.26
CA THR C 46 -5.89 47.84 -3.80
C THR C 46 -6.02 48.95 -2.75
N PRO C 47 -7.22 49.54 -2.61
CA PRO C 47 -7.33 50.73 -1.74
C PRO C 47 -7.15 50.46 -0.25
N VAL C 48 -7.75 49.40 0.29
CA VAL C 48 -7.66 49.19 1.74
C VAL C 48 -6.22 48.90 2.14
N CYS C 49 -5.54 48.03 1.37
CA CYS C 49 -4.12 47.73 1.61
C CYS C 49 -3.28 49.00 1.56
N THR C 50 -3.64 49.97 0.72
CA THR C 50 -2.90 51.23 0.69
C THR C 50 -3.05 51.98 2.01
N THR C 51 -4.29 52.14 2.50
CA THR C 51 -4.46 52.81 3.79
C THR C 51 -3.65 52.12 4.89
N GLU C 52 -3.56 50.78 4.83
CA GLU C 52 -2.80 50.03 5.84
C GLU C 52 -1.32 50.34 5.75
N PHE C 53 -0.78 50.45 4.53
CA PHE C 53 0.65 50.77 4.39
C PHE C 53 0.92 52.21 4.80
N TYR C 54 0.05 53.13 4.40
CA TYR C 54 0.18 54.50 4.90
C TYR C 54 0.29 54.51 6.42
N SER C 55 -0.70 53.90 7.10
CA SER C 55 -0.73 53.86 8.57
C SER C 55 0.54 53.24 9.15
N PHE C 56 1.00 52.11 8.59
CA PHE C 56 2.24 51.47 9.06
C PHE C 56 3.45 52.39 8.91
N SER C 57 3.58 53.04 7.76
CA SER C 57 4.74 53.89 7.55
C SER C 57 4.69 55.13 8.41
N LYS C 58 3.51 55.71 8.60
CA LYS C 58 3.42 56.85 9.51
C LYS C 58 3.76 56.46 10.94
N LYS C 59 3.40 55.25 11.37
CA LYS C 59 3.66 54.81 12.74
C LYS C 59 4.96 54.01 12.84
N TYR C 60 5.86 54.14 11.87
CA TYR C 60 6.98 53.21 11.78
C TYR C 60 7.90 53.29 12.99
N GLU C 61 7.97 54.45 13.67
CA GLU C 61 9.05 54.67 14.63
C GLU C 61 8.66 54.16 15.99
N GLU C 62 7.36 54.18 16.28
CA GLU C 62 6.85 53.38 17.38
C GLU C 62 7.13 51.90 17.19
N PHE C 63 7.09 51.39 15.95
CA PHE C 63 7.52 50.01 15.77
C PHE C 63 9.02 49.89 16.01
N LYS C 64 9.80 50.88 15.59
CA LYS C 64 11.24 50.79 15.76
C LYS C 64 11.61 50.92 17.25
N LYS C 65 10.89 51.78 17.98
CA LYS C 65 11.19 51.98 19.40
C LYS C 65 10.88 50.76 20.23
N LEU C 66 10.03 49.86 19.72
CA LEU C 66 9.79 48.58 20.37
C LEU C 66 10.66 47.48 19.78
N ASN C 67 11.72 47.86 19.06
CA ASN C 67 12.69 46.90 18.53
C ASN C 67 12.04 45.90 17.58
N THR C 68 10.99 46.28 16.85
CA THR C 68 10.39 45.36 15.88
C THR C 68 10.52 45.96 14.49
N GLU C 69 10.81 45.09 13.51
CA GLU C 69 10.78 45.48 12.11
C GLU C 69 9.46 45.03 11.47
N LEU C 70 8.98 45.82 10.52
CA LEU C 70 7.83 45.42 9.73
C LEU C 70 8.27 44.72 8.44
N ILE C 71 7.47 43.76 8.00
CA ILE C 71 7.74 43.18 6.70
C ILE C 71 6.45 42.65 6.10
N GLY C 72 6.08 43.18 4.93
CA GLY C 72 4.83 42.87 4.27
C GLY C 72 4.98 41.75 3.26
N LEU C 73 3.85 41.36 2.66
CA LEU C 73 3.86 40.19 1.78
C LEU C 73 2.57 40.15 0.97
N SER C 74 2.69 39.81 -0.32
CA SER C 74 1.54 39.72 -1.23
C SER C 74 1.94 38.88 -2.43
N VAL C 75 0.93 38.42 -3.18
CA VAL C 75 1.16 37.52 -4.33
C VAL C 75 1.48 38.29 -5.61
N ASP C 76 1.95 39.52 -5.46
CA ASP C 76 2.21 40.40 -6.57
C ASP C 76 3.69 40.40 -6.85
N SER C 77 4.00 40.68 -8.10
CA SER C 77 5.36 40.69 -8.58
C SER C 77 6.15 41.80 -7.89
N ASN C 78 7.45 41.57 -7.69
CA ASN C 78 8.25 42.57 -6.98
C ASN C 78 8.41 43.88 -7.77
N ILE C 79 8.22 43.85 -9.09
CA ILE C 79 8.14 45.12 -9.80
C ILE C 79 6.87 45.88 -9.45
N SER C 80 5.74 45.16 -9.33
CA SER C 80 4.52 45.86 -8.95
C SER C 80 4.63 46.46 -7.54
N HIS C 81 5.31 45.76 -6.61
CA HIS C 81 5.58 46.36 -5.29
C HIS C 81 6.28 47.70 -5.44
N ILE C 82 7.38 47.74 -6.20
CA ILE C 82 8.12 48.99 -6.40
C ILE C 82 7.21 50.07 -6.99
N GLU C 83 6.34 49.71 -7.94
CA GLU C 83 5.49 50.75 -8.52
C GLU C 83 4.41 51.20 -7.54
N TRP C 84 3.90 50.29 -6.71
CA TRP C 84 2.99 50.68 -5.63
C TRP C 84 3.67 51.60 -4.64
N VAL C 85 4.85 51.22 -4.14
CA VAL C 85 5.60 52.09 -3.22
C VAL C 85 5.85 53.46 -3.84
N MET C 86 6.14 53.51 -5.13
CA MET C 86 6.39 54.82 -5.73
C MET C 86 5.13 55.65 -5.80
N TRP C 87 3.98 55.01 -6.09
CA TRP C 87 2.72 55.74 -6.09
C TRP C 87 2.39 56.30 -4.70
N ILE C 88 2.68 55.52 -3.65
CA ILE C 88 2.38 55.95 -2.29
C ILE C 88 3.26 57.13 -1.91
N GLU C 89 4.55 57.05 -2.26
CA GLU C 89 5.50 58.11 -1.92
C GLU C 89 5.09 59.44 -2.54
N LYS C 90 4.52 59.39 -3.72
CA LYS C 90 4.23 60.65 -4.38
C LYS C 90 2.77 61.10 -4.28
N ASN C 91 1.80 60.21 -4.01
CA ASN C 91 0.44 60.71 -3.79
C ASN C 91 0.10 60.97 -2.33
N LEU C 92 0.55 60.10 -1.42
CA LEU C 92 0.29 60.24 0.00
C LEU C 92 1.47 60.85 0.74
N LYS C 93 2.57 61.17 0.03
CA LYS C 93 3.66 61.94 0.60
C LYS C 93 4.35 61.23 1.77
N VAL C 94 4.57 59.91 1.68
CA VAL C 94 5.26 59.19 2.74
C VAL C 94 6.06 58.06 2.12
N GLU C 95 7.22 57.76 2.67
CA GLU C 95 8.07 56.76 2.06
C GLU C 95 7.90 55.47 2.84
N VAL C 96 7.51 54.39 2.17
CA VAL C 96 7.35 53.07 2.80
C VAL C 96 8.74 52.53 3.15
N PRO C 97 9.08 52.46 4.44
CA PRO C 97 10.46 52.15 4.84
C PRO C 97 10.75 50.70 5.16
N PHE C 98 9.82 49.79 4.88
CA PHE C 98 10.06 48.40 5.25
C PHE C 98 9.97 47.52 4.01
N PRO C 99 10.53 46.32 4.09
CA PRO C 99 10.52 45.45 2.90
C PRO C 99 9.14 44.85 2.67
N ILE C 100 8.82 44.62 1.41
CA ILE C 100 7.61 43.91 1.00
C ILE C 100 8.03 42.64 0.25
N ILE C 101 7.61 41.49 0.78
CA ILE C 101 7.92 40.19 0.18
C ILE C 101 7.05 39.98 -1.05
N ALA C 102 7.69 39.65 -2.17
CA ALA C 102 6.97 39.25 -3.38
C ALA C 102 6.90 37.74 -3.47
N ASP C 103 5.69 37.22 -3.48
CA ASP C 103 5.47 35.79 -3.62
C ASP C 103 4.30 35.56 -4.56
N PRO C 104 4.56 35.56 -5.87
CA PRO C 104 3.57 34.98 -6.79
C PRO C 104 3.70 33.47 -6.70
N MET C 105 2.69 32.76 -7.23
CA MET C 105 2.56 31.31 -6.98
C MET C 105 2.13 31.02 -5.53
N GLY C 106 2.49 31.91 -4.60
CA GLY C 106 1.97 31.82 -3.25
C GLY C 106 2.60 30.73 -2.41
N ASN C 107 3.88 30.39 -2.64
CA ASN C 107 4.48 29.28 -1.91
C ASN C 107 4.64 29.60 -0.44
N VAL C 108 5.23 30.75 -0.13
CA VAL C 108 5.32 31.12 1.27
C VAL C 108 3.93 31.45 1.84
N ALA C 109 2.99 31.97 1.02
CA ALA C 109 1.66 32.25 1.52
C ALA C 109 0.92 30.98 1.94
N LYS C 110 1.07 29.89 1.18
CA LYS C 110 0.35 28.67 1.53
C LYS C 110 0.97 28.03 2.76
N ARG C 111 2.30 28.06 2.83
CA ARG C 111 3.05 27.56 3.97
C ARG C 111 2.64 28.23 5.29
N LEU C 112 2.29 29.52 5.31
CA LEU C 112 1.80 30.19 6.52
C LEU C 112 0.27 30.24 6.63
N GLY C 113 -0.47 29.44 5.86
CA GLY C 113 -1.93 29.48 5.93
C GLY C 113 -2.53 30.85 5.69
N MET C 114 -2.02 31.58 4.72
CA MET C 114 -2.56 32.89 4.45
C MET C 114 -3.60 32.88 3.34
N ILE C 115 -3.82 31.74 2.65
CA ILE C 115 -4.85 31.71 1.60
C ILE C 115 -6.07 31.02 2.22
N HIS C 116 -7.22 31.67 2.19
CA HIS C 116 -8.40 31.07 2.80
C HIS C 116 -9.40 30.66 1.72
N ALA C 117 -10.65 30.49 2.14
CA ALA C 117 -11.66 29.88 1.28
C ALA C 117 -12.42 30.89 0.41
N GLU C 118 -12.27 32.18 0.66
CA GLU C 118 -13.07 33.20 0.02
C GLU C 118 -12.41 33.81 -1.20
N SER C 119 -11.09 33.67 -1.35
CA SER C 119 -10.41 33.98 -2.60
C SER C 119 -9.28 33.00 -2.81
N SER C 120 -9.24 32.44 -4.02
CA SER C 120 -8.24 31.50 -4.46
C SER C 120 -7.06 32.17 -5.14
N THR C 121 -7.06 33.51 -5.18
CA THR C 121 -6.14 34.34 -5.96
C THR C 121 -5.32 35.33 -5.11
N ALA C 122 -5.61 35.45 -3.81
CA ALA C 122 -4.92 36.44 -2.98
C ALA C 122 -4.95 35.99 -1.53
N THR C 123 -3.98 36.49 -0.76
CA THR C 123 -3.94 36.25 0.68
C THR C 123 -5.10 36.98 1.38
N VAL C 124 -5.31 36.63 2.65
CA VAL C 124 -6.18 37.42 3.52
C VAL C 124 -5.29 38.46 4.19
N ARG C 125 -5.79 39.09 5.25
CA ARG C 125 -4.99 40.05 6.01
C ARG C 125 -4.41 39.35 7.24
N ALA C 126 -3.39 38.52 6.98
CA ALA C 126 -2.74 37.79 8.05
C ALA C 126 -1.69 38.67 8.73
N VAL C 127 -1.51 38.42 10.03
CA VAL C 127 -0.51 39.11 10.83
C VAL C 127 0.17 38.11 11.74
N PHE C 128 1.49 37.97 11.62
CA PHE C 128 2.29 37.18 12.53
C PHE C 128 3.21 38.11 13.30
N ILE C 129 3.33 37.86 14.61
CA ILE C 129 4.24 38.57 15.47
C ILE C 129 5.29 37.58 15.94
N ILE C 130 6.54 37.80 15.53
CA ILE C 130 7.64 36.91 15.86
C ILE C 130 8.55 37.67 16.81
N ASP C 131 9.11 36.98 17.79
CA ASP C 131 9.92 37.66 18.79
C ASP C 131 11.41 37.54 18.46
N ASP C 132 12.24 38.07 19.37
CA ASP C 132 13.68 38.12 19.17
C ASP C 132 14.31 36.74 19.08
N LYS C 133 13.62 35.66 19.44
CA LYS C 133 14.21 34.34 19.28
C LYS C 133 13.55 33.56 18.17
N GLY C 134 12.64 34.21 17.45
CA GLY C 134 12.02 33.62 16.29
C GLY C 134 10.76 32.82 16.54
N THR C 135 10.20 32.82 17.76
CA THR C 135 8.99 32.04 18.01
C THR C 135 7.74 32.85 17.64
N VAL C 136 6.75 32.16 17.11
CA VAL C 136 5.51 32.81 16.71
C VAL C 136 4.70 33.11 17.95
N ARG C 137 4.39 34.39 18.14
CA ARG C 137 3.80 34.82 19.39
C ARG C 137 2.32 35.17 19.31
N LEU C 138 1.78 35.44 18.12
CA LEU C 138 0.45 35.99 17.94
C LEU C 138 0.06 35.86 16.47
N ILE C 139 -1.17 35.43 16.20
CA ILE C 139 -1.60 35.23 14.82
C ILE C 139 -2.96 35.87 14.61
N LEU C 140 -3.06 36.71 13.59
CA LEU C 140 -4.31 37.36 13.21
C LEU C 140 -4.63 37.08 11.77
N TYR C 141 -5.86 36.64 11.51
CA TYR C 141 -6.41 36.53 10.15
C TYR C 141 -7.59 37.50 10.04
N TYR C 142 -7.35 38.71 9.52
CA TYR C 142 -8.44 39.58 9.15
C TYR C 142 -8.84 39.33 7.69
N PRO C 143 -10.12 39.54 7.36
CA PRO C 143 -10.59 39.29 6.00
C PRO C 143 -10.17 40.43 5.07
N MET C 144 -10.41 40.21 3.77
CA MET C 144 -10.01 41.19 2.76
C MET C 144 -10.66 42.55 2.98
N GLU C 145 -11.93 42.57 3.35
CA GLU C 145 -12.86 43.67 3.20
C GLU C 145 -12.81 44.71 4.33
N ILE C 146 -12.21 44.41 5.49
CA ILE C 146 -11.98 45.42 6.52
C ILE C 146 -10.48 45.58 6.74
N GLY C 147 -10.03 46.81 6.90
CA GLY C 147 -8.63 47.01 7.20
C GLY C 147 -8.35 46.67 8.65
N ARG C 148 -7.06 46.52 8.94
CA ARG C 148 -6.59 46.17 10.28
C ARG C 148 -6.49 47.42 11.14
N ASN C 149 -6.41 47.21 12.45
CA ASN C 149 -6.15 48.26 13.44
C ASN C 149 -4.68 48.18 13.84
N ILE C 150 -3.90 49.19 13.45
CA ILE C 150 -2.45 49.09 13.60
C ILE C 150 -2.06 49.37 15.05
N ASP C 151 -2.74 50.32 15.68
CA ASP C 151 -2.51 50.54 17.11
C ASP C 151 -2.78 49.30 17.95
N GLU C 152 -3.62 48.37 17.49
CA GLU C 152 -3.80 47.14 18.28
C GLU C 152 -2.59 46.21 18.16
N ILE C 153 -1.96 46.16 16.99
CA ILE C 153 -0.70 45.42 16.85
C ILE C 153 0.37 46.00 17.79
N LEU C 154 0.45 47.32 17.89
CA LEU C 154 1.45 47.93 18.78
C LEU C 154 1.15 47.58 20.23
N ARG C 155 -0.10 47.77 20.64
CA ARG C 155 -0.55 47.40 21.98
C ARG C 155 -0.15 45.96 22.32
N ALA C 156 -0.23 45.05 21.33
CA ALA C 156 0.06 43.65 21.62
C ALA C 156 1.56 43.42 21.77
N ILE C 157 2.38 44.11 20.97
CA ILE C 157 3.83 43.99 21.13
C ILE C 157 4.27 44.51 22.49
N ARG C 158 3.79 45.70 22.87
CA ARG C 158 4.08 46.24 24.21
C ARG C 158 3.79 45.22 25.29
N ALA C 159 2.58 44.65 25.24
CA ALA C 159 2.19 43.66 26.25
C ALA C 159 3.08 42.42 26.18
N LEU C 160 3.30 41.88 24.97
CA LEU C 160 4.11 40.68 24.83
C LEU C 160 5.53 40.91 25.35
N GLN C 161 6.08 42.11 25.13
CA GLN C 161 7.42 42.42 25.60
C GLN C 161 7.46 42.58 27.12
N LEU C 162 6.46 43.25 27.70
CA LEU C 162 6.36 43.34 29.16
C LEU C 162 6.27 41.96 29.81
N VAL C 163 5.58 41.03 29.16
CA VAL C 163 5.50 39.66 29.66
C VAL C 163 6.89 39.02 29.71
N ASP C 164 7.67 39.15 28.64
CA ASP C 164 9.03 38.60 28.62
C ASP C 164 9.94 39.24 29.67
N LYS C 165 9.69 40.52 30.03
CA LYS C 165 10.60 41.23 30.94
C LYS C 165 10.27 40.93 32.39
N ALA C 166 9.01 41.11 32.77
CA ALA C 166 8.58 41.08 34.16
C ALA C 166 7.94 39.77 34.57
N GLY C 167 7.91 38.76 33.70
CA GLY C 167 7.20 37.53 33.97
C GLY C 167 5.82 37.75 34.55
N VAL C 168 4.99 38.52 33.85
CA VAL C 168 3.62 38.81 34.28
C VAL C 168 2.69 38.46 33.11
N VAL C 169 1.42 38.85 33.24
CA VAL C 169 0.42 38.66 32.21
C VAL C 169 -0.44 39.92 32.16
N THR C 170 -0.77 40.37 30.96
CA THR C 170 -1.49 41.64 30.93
C THR C 170 -3.00 41.40 31.00
N PRO C 171 -3.77 42.23 31.69
CA PRO C 171 -5.24 42.07 31.65
C PRO C 171 -5.82 42.50 30.33
N ALA C 172 -7.12 42.25 30.18
CA ALA C 172 -7.87 42.63 28.98
C ALA C 172 -7.87 44.15 28.76
N ASN C 173 -7.71 44.55 27.49
CA ASN C 173 -7.67 45.95 27.07
C ASN C 173 -6.53 46.73 27.72
N TRP C 174 -5.54 46.01 28.25
CA TRP C 174 -4.36 46.64 28.85
C TRP C 174 -3.68 47.56 27.83
N PRO C 175 -3.21 48.76 28.25
CA PRO C 175 -3.11 49.24 29.63
C PRO C 175 -4.34 49.99 30.14
N ASN C 176 -5.54 49.61 29.69
CA ASN C 176 -6.77 50.30 30.05
C ASN C 176 -7.81 49.34 30.60
N ASN C 177 -7.38 48.48 31.52
CA ASN C 177 -8.30 47.49 32.03
C ASN C 177 -9.24 48.15 33.03
N GLU C 178 -10.55 47.92 32.83
CA GLU C 178 -11.63 48.47 33.64
C GLU C 178 -11.64 47.97 35.08
N LEU C 179 -10.74 47.07 35.46
CA LEU C 179 -10.58 46.66 36.85
C LEU C 179 -9.28 47.16 37.47
N ILE C 180 -8.18 47.15 36.73
CA ILE C 180 -6.88 47.42 37.34
C ILE C 180 -6.03 48.34 36.46
N GLY C 181 -6.63 48.88 35.39
CA GLY C 181 -6.00 49.85 34.51
C GLY C 181 -4.64 49.50 33.94
N ASP C 182 -3.63 50.25 34.39
CA ASP C 182 -2.24 50.07 34.03
C ASP C 182 -1.64 48.78 34.61
N LYS C 183 -2.18 48.27 35.72
CA LYS C 183 -1.55 47.19 36.48
C LYS C 183 -1.54 45.87 35.71
N VAL C 184 -0.50 45.07 35.96
CA VAL C 184 -0.38 43.76 35.35
C VAL C 184 -0.67 42.68 36.41
N ILE C 185 -0.76 41.45 35.94
CA ILE C 185 -1.29 40.35 36.75
C ILE C 185 -0.18 39.33 37.02
N ASN C 186 -0.18 38.80 38.24
CA ASN C 186 0.75 37.76 38.63
C ASN C 186 0.30 36.42 38.06
N PRO C 187 1.21 35.67 37.44
CA PRO C 187 0.84 34.34 36.91
C PRO C 187 0.40 33.42 38.02
N ALA C 188 -0.78 32.82 37.85
CA ALA C 188 -1.46 32.09 38.92
C ALA C 188 -0.57 30.97 39.48
N PRO C 189 -0.72 30.64 40.76
CA PRO C 189 0.15 29.62 41.38
C PRO C 189 -0.08 28.22 40.82
N ARG C 190 1.01 27.45 40.76
CA ARG C 190 1.01 26.15 40.09
C ARG C 190 0.74 24.96 41.03
N THR C 191 1.15 25.05 42.29
CA THR C 191 0.97 23.96 43.25
C THR C 191 0.14 24.48 44.41
N ILE C 192 -0.23 23.60 45.35
CA ILE C 192 -1.05 24.00 46.49
C ILE C 192 -0.21 24.74 47.55
N LYS C 193 1.07 24.39 47.70
CA LYS C 193 1.97 25.21 48.52
C LYS C 193 1.93 26.66 48.10
N ASP C 194 2.24 26.90 46.83
CA ASP C 194 2.34 28.26 46.32
C ASP C 194 1.03 28.99 46.46
N ALA C 195 -0.10 28.29 46.31
CA ALA C 195 -1.40 28.96 46.35
C ALA C 195 -1.72 29.49 47.73
N LYS C 196 -1.43 28.70 48.78
CA LYS C 196 -1.80 29.13 50.11
C LYS C 196 -1.01 30.37 50.56
N MET C 197 0.21 30.51 50.04
CA MET C 197 1.04 31.68 50.33
C MET C 197 0.39 33.00 49.91
N ARG C 198 -0.55 32.96 48.97
CA ARG C 198 -1.17 34.18 48.48
C ARG C 198 -2.61 34.37 48.97
N LEU C 199 -2.99 33.71 50.05
CA LEU C 199 -4.38 33.80 50.47
C LEU C 199 -4.66 35.17 51.09
N GLY C 200 -5.92 35.60 50.97
CA GLY C 200 -6.33 36.90 51.46
C GLY C 200 -5.71 38.09 50.80
N GLN C 201 -5.09 37.93 49.59
CA GLN C 201 -4.72 39.13 48.86
C GLN C 201 -5.86 39.54 47.91
N PRO C 202 -5.89 40.82 47.50
CA PRO C 202 -7.06 41.33 46.79
C PRO C 202 -7.41 40.57 45.51
N PHE C 203 -8.73 40.38 45.37
CA PHE C 203 -9.48 39.49 44.48
C PHE C 203 -9.44 38.08 45.05
N ASP C 204 -8.36 37.35 44.83
CA ASP C 204 -8.26 35.98 45.33
C ASP C 204 -6.83 35.49 45.09
N TRP C 205 -6.58 34.24 45.48
CA TRP C 205 -5.21 33.74 45.42
C TRP C 205 -4.71 33.54 43.99
N TRP C 206 -5.62 33.27 43.05
CA TRP C 206 -5.22 33.14 41.66
C TRP C 206 -5.22 34.47 40.88
N PHE C 207 -5.75 35.52 41.47
CA PHE C 207 -5.96 36.81 40.82
C PHE C 207 -5.29 37.89 41.69
N THR C 208 -3.99 38.05 41.50
CA THR C 208 -3.19 39.03 42.22
C THR C 208 -2.52 39.96 41.22
N TYR C 209 -2.47 41.26 41.55
CA TYR C 209 -1.99 42.28 40.61
C TYR C 209 -0.96 43.18 41.31
N LYS C 210 0.03 43.60 40.53
CA LYS C 210 1.11 44.50 40.91
C LYS C 210 1.10 45.71 40.00
N GLU C 211 2.17 46.52 40.05
CA GLU C 211 2.32 47.62 39.12
C GLU C 211 3.72 47.63 38.55
N VAL C 212 3.87 48.26 37.39
CA VAL C 212 5.18 48.32 36.76
C VAL C 212 5.41 49.74 36.28
N ARG D 5 -11.76 20.38 9.11
CA ARG D 5 -10.33 20.61 9.13
C ARG D 5 -10.38 22.06 9.53
N ILE D 6 -9.27 22.66 9.93
CA ILE D 6 -9.42 23.95 10.66
C ILE D 6 -10.19 24.95 9.78
N PRO D 7 -11.26 25.59 10.28
CA PRO D 7 -12.06 26.44 9.40
C PRO D 7 -11.34 27.73 9.06
N LEU D 8 -11.71 28.29 7.91
CA LEU D 8 -11.05 29.46 7.37
C LEU D 8 -12.09 30.49 6.94
N ILE D 9 -11.61 31.71 6.68
CA ILE D 9 -12.48 32.80 6.29
C ILE D 9 -13.21 32.41 5.01
N GLY D 10 -14.54 32.50 5.02
CA GLY D 10 -15.36 32.14 3.87
C GLY D 10 -16.09 30.82 4.01
N GLU D 11 -15.45 29.80 4.59
CA GLU D 11 -16.09 28.52 4.91
C GLU D 11 -17.23 28.71 5.92
N LYS D 12 -18.22 27.83 5.83
CA LYS D 12 -19.24 27.80 6.86
C LYS D 12 -18.73 27.16 8.13
N PHE D 13 -19.16 27.72 9.26
CA PHE D 13 -18.79 27.18 10.54
C PHE D 13 -19.30 25.74 10.65
N PRO D 14 -18.45 24.83 11.12
CA PRO D 14 -18.80 23.39 11.10
C PRO D 14 -19.98 23.05 12.00
N GLU D 15 -20.89 22.22 11.47
CA GLU D 15 -21.95 21.72 12.34
C GLU D 15 -21.41 20.96 13.55
N MET D 16 -21.88 21.35 14.73
CA MET D 16 -21.44 20.70 15.96
C MET D 16 -22.41 21.04 17.07
N GLU D 17 -22.63 20.08 17.96
CA GLU D 17 -23.49 20.29 19.11
C GLU D 17 -22.63 20.33 20.36
N VAL D 18 -22.84 21.35 21.21
CA VAL D 18 -21.98 21.63 22.35
C VAL D 18 -22.82 21.74 23.61
N ILE D 19 -22.17 21.54 24.75
CA ILE D 19 -22.84 21.54 26.04
C ILE D 19 -22.30 22.74 26.80
N THR D 20 -23.21 23.64 27.19
CA THR D 20 -22.85 24.96 27.74
C THR D 20 -23.60 25.19 29.05
N THR D 21 -23.12 26.20 29.79
CA THR D 21 -23.79 26.68 31.00
C THR D 21 -25.25 27.09 30.78
N HIS D 22 -25.73 27.13 29.53
CA HIS D 22 -27.13 27.44 29.26
C HIS D 22 -27.84 26.24 28.65
N GLY D 23 -27.30 25.05 28.81
CA GLY D 23 -27.84 23.87 28.18
C GLY D 23 -27.10 23.49 26.92
N LYS D 24 -27.73 22.60 26.16
CA LYS D 24 -27.27 22.26 24.82
C LYS D 24 -27.53 23.37 23.82
N ILE D 25 -26.65 23.44 22.82
CA ILE D 25 -26.65 24.45 21.77
C ILE D 25 -26.13 23.78 20.50
N LYS D 26 -26.75 24.07 19.36
CA LYS D 26 -26.43 23.44 18.09
C LYS D 26 -25.75 24.53 17.28
N LEU D 27 -24.48 24.33 16.95
CA LEU D 27 -23.75 25.59 17.04
C LEU D 27 -23.96 26.54 15.88
N PRO D 28 -23.73 26.19 14.61
CA PRO D 28 -23.88 27.23 13.56
C PRO D 28 -25.32 27.69 13.42
N ASP D 29 -26.31 26.86 13.80
CA ASP D 29 -27.72 26.98 13.44
C ASP D 29 -28.59 27.67 14.49
N ASP D 30 -28.41 27.37 15.77
CA ASP D 30 -29.20 28.05 16.79
C ASP D 30 -29.01 29.56 16.75
N TYR D 31 -28.04 30.04 15.97
CA TYR D 31 -27.76 31.47 15.83
C TYR D 31 -27.94 31.89 14.37
N LYS D 32 -29.02 31.45 13.75
CA LYS D 32 -29.04 31.36 12.30
C LYS D 32 -29.47 32.68 11.67
N GLY D 33 -29.79 33.69 12.44
CA GLY D 33 -29.91 34.97 11.78
C GLY D 33 -29.19 36.08 12.53
N ARG D 34 -28.51 35.66 13.58
CA ARG D 34 -27.65 36.55 14.33
C ARG D 34 -26.19 36.30 13.97
N TRP D 35 -25.36 37.30 14.25
CA TRP D 35 -23.92 37.09 14.31
C TRP D 35 -23.56 36.49 15.66
N PHE D 36 -22.44 35.77 15.71
CA PHE D 36 -21.92 35.46 17.04
C PHE D 36 -20.40 35.39 17.05
N VAL D 37 -19.84 35.71 18.22
CA VAL D 37 -18.41 35.64 18.48
C VAL D 37 -18.14 34.43 19.39
N LEU D 38 -17.71 33.33 18.78
CA LEU D 38 -17.18 32.21 19.53
C LEU D 38 -15.74 32.50 19.92
N PHE D 39 -15.44 32.46 21.21
CA PHE D 39 -14.08 32.75 21.65
C PHE D 39 -13.69 31.79 22.75
N SER D 40 -12.44 31.35 22.71
CA SER D 40 -11.87 30.45 23.70
C SER D 40 -11.03 31.22 24.71
N HIS D 41 -10.88 30.64 25.91
CA HIS D 41 -9.92 31.10 26.90
C HIS D 41 -9.27 29.88 27.48
N PRO D 42 -7.99 29.97 27.97
CA PRO D 42 -7.27 28.80 28.50
C PRO D 42 -8.03 28.02 29.56
N GLY D 43 -8.40 28.67 30.67
CA GLY D 43 -9.15 27.97 31.70
C GLY D 43 -9.85 28.89 32.67
N ASP D 44 -10.91 28.37 33.28
CA ASP D 44 -11.59 29.08 34.35
C ASP D 44 -10.65 29.27 35.54
N PHE D 45 -10.98 30.28 36.35
CA PHE D 45 -10.16 30.68 37.49
C PHE D 45 -8.74 31.02 37.07
N THR D 46 -8.53 31.37 35.77
CA THR D 46 -7.28 32.07 35.61
C THR D 46 -7.54 33.59 35.59
N PRO D 47 -6.56 34.39 36.01
CA PRO D 47 -6.83 35.83 36.19
C PRO D 47 -7.09 36.59 34.88
N VAL D 48 -6.29 36.37 33.83
CA VAL D 48 -6.47 37.18 32.62
C VAL D 48 -7.82 36.87 31.99
N CYS D 49 -8.18 35.58 31.90
CA CYS D 49 -9.49 35.18 31.38
C CYS D 49 -10.63 35.82 32.18
N THR D 50 -10.44 36.02 33.49
CA THR D 50 -11.47 36.69 34.28
C THR D 50 -11.64 38.14 33.82
N THR D 51 -10.53 38.90 33.69
CA THR D 51 -10.68 40.28 33.22
C THR D 51 -11.39 40.32 31.87
N GLU D 52 -11.13 39.31 31.00
CA GLU D 52 -11.76 39.27 29.68
C GLU D 52 -13.26 39.06 29.81
N PHE D 53 -13.70 38.18 30.73
CA PHE D 53 -15.13 37.96 30.89
C PHE D 53 -15.81 39.16 31.53
N TYR D 54 -15.16 39.75 32.53
CA TYR D 54 -15.66 41.01 33.07
C TYR D 54 -15.93 42.01 31.95
N SER D 55 -14.90 42.30 31.14
CA SER D 55 -15.00 43.26 30.03
C SER D 55 -16.12 42.89 29.05
N PHE D 56 -16.23 41.61 28.66
CA PHE D 56 -17.30 41.17 27.76
C PHE D 56 -18.68 41.40 28.37
N SER D 57 -18.86 41.05 29.65
CA SER D 57 -20.17 41.21 30.25
C SER D 57 -20.52 42.67 30.45
N LYS D 58 -19.55 43.49 30.82
CA LYS D 58 -19.84 44.93 30.93
C LYS D 58 -20.22 45.53 29.57
N LYS D 59 -19.60 45.06 28.49
CA LYS D 59 -19.89 45.60 27.16
C LYS D 59 -20.94 44.79 26.41
N TYR D 60 -21.74 43.99 27.13
CA TYR D 60 -22.58 43.00 26.45
C TYR D 60 -23.60 43.64 25.54
N GLU D 61 -24.03 44.89 25.80
CA GLU D 61 -25.22 45.41 25.13
C GLU D 61 -24.85 46.06 23.83
N GLU D 62 -23.63 46.61 23.76
CA GLU D 62 -23.05 46.90 22.46
C GLU D 62 -22.92 45.68 21.59
N PHE D 63 -22.63 44.50 22.16
CA PHE D 63 -22.68 43.31 21.33
C PHE D 63 -24.11 43.01 20.91
N LYS D 64 -25.08 43.21 21.82
CA LYS D 64 -26.46 42.91 21.49
C LYS D 64 -26.99 43.90 20.44
N LYS D 65 -26.60 45.18 20.55
CA LYS D 65 -27.07 46.20 19.61
C LYS D 65 -26.54 45.98 18.22
N LEU D 66 -25.46 45.22 18.07
CA LEU D 66 -24.96 44.82 16.76
C LEU D 66 -25.47 43.44 16.36
N ASN D 67 -26.50 42.94 17.04
CA ASN D 67 -27.14 41.69 16.69
C ASN D 67 -26.17 40.50 16.79
N THR D 68 -25.18 40.55 17.69
CA THR D 68 -24.28 39.42 17.84
C THR D 68 -24.43 38.86 19.25
N GLU D 69 -24.38 37.53 19.37
CA GLU D 69 -24.30 36.87 20.66
C GLU D 69 -22.86 36.47 20.95
N LEU D 70 -22.50 36.50 22.24
CA LEU D 70 -21.21 35.98 22.67
C LEU D 70 -21.33 34.52 23.10
N ILE D 71 -20.28 33.75 22.86
CA ILE D 71 -20.26 32.41 23.41
C ILE D 71 -18.82 31.96 23.62
N GLY D 72 -18.50 31.65 24.88
CA GLY D 72 -17.15 31.31 25.27
C GLY D 72 -16.91 29.80 25.26
N LEU D 73 -15.65 29.41 25.54
CA LEU D 73 -15.28 28.00 25.41
C LEU D 73 -13.95 27.76 26.09
N SER D 74 -13.84 26.63 26.81
CA SER D 74 -12.64 26.25 27.53
C SER D 74 -12.68 24.76 27.82
N VAL D 75 -11.51 24.18 28.16
CA VAL D 75 -11.40 22.74 28.38
C VAL D 75 -11.77 22.33 29.81
N ASP D 76 -12.55 23.17 30.47
CA ASP D 76 -12.91 22.97 31.86
C ASP D 76 -14.32 22.42 31.91
N SER D 77 -14.55 21.68 32.98
CA SER D 77 -15.83 21.04 33.22
C SER D 77 -16.94 22.07 33.37
N ASN D 78 -18.14 21.71 32.94
CA ASN D 78 -19.25 22.69 33.01
C ASN D 78 -19.64 23.04 34.45
N ILE D 79 -19.32 22.18 35.42
CA ILE D 79 -19.49 22.60 36.80
C ILE D 79 -18.49 23.69 37.17
N SER D 80 -17.25 23.56 36.73
CA SER D 80 -16.28 24.61 37.03
C SER D 80 -16.68 25.95 36.37
N HIS D 81 -17.25 25.92 35.16
CA HIS D 81 -17.79 27.14 34.57
C HIS D 81 -18.80 27.81 35.50
N ILE D 82 -19.79 27.04 35.98
CA ILE D 82 -20.79 27.60 36.90
C ILE D 82 -20.14 28.18 38.15
N GLU D 83 -19.11 27.51 38.69
CA GLU D 83 -18.50 28.06 39.89
C GLU D 83 -17.67 29.31 39.58
N TRP D 84 -17.02 29.35 38.41
CA TRP D 84 -16.36 30.58 37.97
C TRP D 84 -17.35 31.72 37.79
N VAL D 85 -18.44 31.49 37.05
CA VAL D 85 -19.47 32.52 36.89
C VAL D 85 -20.00 33.00 38.23
N MET D 86 -20.15 32.09 39.19
CA MET D 86 -20.67 32.54 40.47
C MET D 86 -19.66 33.40 41.21
N TRP D 87 -18.37 33.05 41.12
CA TRP D 87 -17.34 33.88 41.73
C TRP D 87 -17.30 35.27 41.11
N ILE D 88 -17.49 35.37 39.79
CA ILE D 88 -17.45 36.65 39.10
C ILE D 88 -18.63 37.51 39.52
N GLU D 89 -19.82 36.90 39.60
CA GLU D 89 -21.03 37.62 39.97
C GLU D 89 -20.91 38.23 41.35
N LYS D 90 -20.24 37.56 42.26
CA LYS D 90 -20.20 38.06 43.61
C LYS D 90 -18.93 38.82 43.98
N ASN D 91 -17.80 38.63 43.29
CA ASN D 91 -16.63 39.47 43.60
C ASN D 91 -16.52 40.71 42.72
N LEU D 92 -16.82 40.60 41.43
CA LEU D 92 -16.75 41.70 40.51
C LEU D 92 -18.11 42.32 40.25
N LYS D 93 -19.17 41.81 40.88
CA LYS D 93 -20.48 42.46 40.87
C LYS D 93 -21.08 42.56 39.46
N VAL D 94 -20.94 41.53 38.63
CA VAL D 94 -21.53 41.56 37.29
C VAL D 94 -21.95 40.15 36.91
N GLU D 95 -23.05 40.03 36.18
CA GLU D 95 -23.55 38.70 35.88
C GLU D 95 -23.14 38.36 34.46
N VAL D 96 -22.43 37.25 34.27
CA VAL D 96 -22.01 36.79 32.94
C VAL D 96 -23.24 36.31 32.18
N PRO D 97 -23.68 37.03 31.15
CA PRO D 97 -24.98 36.74 30.50
C PRO D 97 -24.90 35.87 29.26
N PHE D 98 -23.76 35.28 28.96
CA PHE D 98 -23.67 34.50 27.75
C PHE D 98 -23.23 33.08 28.05
N PRO D 99 -23.48 32.14 27.15
CA PRO D 99 -23.13 30.75 27.44
C PRO D 99 -21.63 30.53 27.34
N ILE D 100 -21.14 29.59 28.15
CA ILE D 100 -19.76 29.14 28.09
C ILE D 100 -19.76 27.64 27.76
N ILE D 101 -19.12 27.30 26.63
CA ILE D 101 -19.03 25.91 26.18
C ILE D 101 -18.02 25.15 27.03
N ALA D 102 -18.44 24.02 27.56
CA ALA D 102 -17.52 23.11 28.26
C ALA D 102 -17.08 22.01 27.32
N ASP D 103 -15.77 21.95 27.10
CA ASP D 103 -15.18 20.91 26.27
C ASP D 103 -13.91 20.42 26.93
N PRO D 104 -14.02 19.48 27.87
CA PRO D 104 -12.84 18.70 28.25
C PRO D 104 -12.58 17.67 27.16
N MET D 105 -11.37 17.08 27.17
CA MET D 105 -10.92 16.28 26.04
C MET D 105 -10.57 17.14 24.82
N GLY D 106 -11.24 18.30 24.68
CA GLY D 106 -10.85 19.27 23.69
C GLY D 106 -11.26 18.91 22.27
N ASN D 107 -12.39 18.21 22.09
CA ASN D 107 -12.75 17.76 20.75
C ASN D 107 -13.13 18.94 19.87
N VAL D 108 -14.02 19.79 20.35
CA VAL D 108 -14.33 20.97 19.55
C VAL D 108 -13.13 21.93 19.50
N ALA D 109 -12.30 21.98 20.55
CA ALA D 109 -11.13 22.85 20.50
C ALA D 109 -10.13 22.43 19.42
N LYS D 110 -9.93 21.12 19.22
CA LYS D 110 -8.96 20.69 18.22
C LYS D 110 -9.52 20.91 16.83
N ARG D 111 -10.82 20.64 16.66
CA ARG D 111 -11.52 20.87 15.42
C ARG D 111 -11.43 22.33 14.94
N LEU D 112 -11.42 23.32 15.82
CA LEU D 112 -11.23 24.73 15.42
C LEU D 112 -9.79 25.22 15.53
N GLY D 113 -8.80 24.34 15.64
CA GLY D 113 -7.42 24.78 15.76
C GLY D 113 -7.16 25.73 16.91
N MET D 114 -7.74 25.46 18.06
CA MET D 114 -7.52 26.33 19.19
C MET D 114 -6.41 25.83 20.11
N ILE D 115 -5.83 24.63 19.88
CA ILE D 115 -4.74 24.18 20.74
C ILE D 115 -3.46 24.41 19.94
N HIS D 116 -2.50 25.14 20.50
CA HIS D 116 -1.28 25.44 19.77
C HIS D 116 -0.10 24.67 20.40
N ALA D 117 1.11 25.15 20.10
CA ALA D 117 2.32 24.40 20.42
C ALA D 117 2.87 24.71 21.81
N GLU D 118 2.38 25.75 22.47
CA GLU D 118 2.96 26.23 23.72
C GLU D 118 2.28 25.67 24.96
N SER D 119 1.06 25.13 24.83
CA SER D 119 0.46 24.35 25.90
C SER D 119 -0.37 23.23 25.29
N SER D 120 -0.14 22.02 25.81
CA SER D 120 -0.81 20.81 25.38
C SER D 120 -2.06 20.53 26.22
N THR D 121 -2.38 21.44 27.15
CA THR D 121 -3.41 21.26 28.18
C THR D 121 -4.53 22.31 28.14
N ALA D 122 -4.42 23.34 27.30
CA ALA D 122 -5.41 24.41 27.28
C ALA D 122 -5.41 25.08 25.91
N THR D 123 -6.56 25.70 25.58
CA THR D 123 -6.67 26.49 24.35
C THR D 123 -5.81 27.76 24.45
N VAL D 124 -5.64 28.42 23.30
CA VAL D 124 -5.09 29.78 23.28
C VAL D 124 -6.28 30.73 23.38
N ARG D 125 -6.07 32.01 23.09
CA ARG D 125 -7.16 32.98 23.09
C ARG D 125 -7.66 33.17 21.66
N ALA D 126 -8.40 32.16 21.20
CA ALA D 126 -8.95 32.20 19.86
C ALA D 126 -10.25 33.01 19.83
N VAL D 127 -10.48 33.66 18.68
CA VAL D 127 -11.70 34.42 18.47
C VAL D 127 -12.19 34.17 17.05
N PHE D 128 -13.42 33.65 16.92
CA PHE D 128 -14.07 33.50 15.64
C PHE D 128 -15.27 34.43 15.59
N ILE D 129 -15.45 35.11 14.47
CA ILE D 129 -16.61 35.95 14.22
C ILE D 129 -17.41 35.31 13.10
N ILE D 130 -18.61 34.88 13.42
CA ILE D 130 -19.48 34.20 12.47
C ILE D 130 -20.64 35.14 12.20
N ASP D 131 -21.11 35.17 10.94
CA ASP D 131 -22.16 36.11 10.60
C ASP D 131 -23.53 35.43 10.60
N ASP D 132 -24.56 36.20 10.21
CA ASP D 132 -25.93 35.74 10.24
C ASP D 132 -26.20 34.55 9.32
N LYS D 133 -25.28 34.21 8.41
CA LYS D 133 -25.50 33.04 7.57
C LYS D 133 -24.56 31.91 7.94
N GLY D 134 -23.77 32.11 8.99
CA GLY D 134 -22.91 31.08 9.51
C GLY D 134 -21.52 31.01 8.92
N THR D 135 -21.11 31.96 8.07
CA THR D 135 -19.76 31.90 7.50
C THR D 135 -18.74 32.53 8.44
N VAL D 136 -17.55 31.94 8.45
CA VAL D 136 -16.49 32.44 9.31
C VAL D 136 -15.91 33.69 8.68
N ARG D 137 -15.94 34.79 9.43
CA ARG D 137 -15.61 36.08 8.85
C ARG D 137 -14.27 36.65 9.30
N LEU D 138 -13.70 36.16 10.40
CA LEU D 138 -12.53 36.77 11.05
C LEU D 138 -11.99 35.79 12.08
N ILE D 139 -10.67 35.62 12.12
CA ILE D 139 -10.07 34.66 13.04
C ILE D 139 -8.89 35.31 13.77
N LEU D 140 -8.91 35.25 15.09
CA LEU D 140 -7.84 35.76 15.92
C LEU D 140 -7.31 34.68 16.84
N TYR D 141 -6.00 34.51 16.84
CA TYR D 141 -5.31 33.67 17.82
C TYR D 141 -4.40 34.56 18.68
N TYR D 142 -4.89 34.99 19.84
CA TYR D 142 -4.02 35.64 20.82
C TYR D 142 -3.42 34.59 21.75
N PRO D 143 -2.22 34.83 22.26
CA PRO D 143 -1.57 33.87 23.15
C PRO D 143 -2.17 33.92 24.55
N MET D 144 -1.75 32.97 25.39
CA MET D 144 -2.28 32.86 26.75
C MET D 144 -2.04 34.13 27.56
N GLU D 145 -0.84 34.71 27.42
CA GLU D 145 -0.22 35.62 28.36
C GLU D 145 -0.64 37.09 28.24
N ILE D 146 -1.25 37.50 27.13
CA ILE D 146 -1.84 38.84 27.01
C ILE D 146 -3.35 38.71 26.81
N GLY D 147 -4.10 39.56 27.47
CA GLY D 147 -5.52 39.56 27.24
C GLY D 147 -5.85 40.23 25.92
N ARG D 148 -7.09 39.98 25.47
CA ARG D 148 -7.58 40.52 24.21
C ARG D 148 -8.08 41.94 24.41
N ASN D 149 -8.24 42.65 23.28
CA ASN D 149 -8.85 43.98 23.24
C ASN D 149 -10.29 43.82 22.75
N ILE D 150 -11.25 44.07 23.63
CA ILE D 150 -12.64 43.73 23.30
C ILE D 150 -13.22 44.80 22.39
N ASP D 151 -12.88 46.07 22.63
CA ASP D 151 -13.30 47.10 21.71
C ASP D 151 -12.81 46.87 20.27
N GLU D 152 -11.71 46.14 20.07
CA GLU D 152 -11.31 45.85 18.70
C GLU D 152 -12.22 44.81 18.03
N ILE D 153 -12.71 43.84 18.81
CA ILE D 153 -13.71 42.91 18.28
C ILE D 153 -14.99 43.67 17.87
N LEU D 154 -15.42 44.65 18.68
CA LEU D 154 -16.61 45.41 18.33
C LEU D 154 -16.38 46.22 17.06
N ARG D 155 -15.26 46.94 17.01
CA ARG D 155 -14.87 47.68 15.81
C ARG D 155 -14.92 46.80 14.57
N ALA D 156 -14.51 45.54 14.68
CA ALA D 156 -14.48 44.67 13.51
C ALA D 156 -15.87 44.23 13.10
N ILE D 157 -16.75 43.98 14.06
CA ILE D 157 -18.14 43.63 13.72
C ILE D 157 -18.82 44.80 13.03
N ARG D 158 -18.71 46.01 13.59
CA ARG D 158 -19.26 47.19 12.94
C ARG D 158 -18.82 47.29 11.49
N ALA D 159 -17.51 47.17 11.26
CA ALA D 159 -16.98 47.25 9.90
C ALA D 159 -17.52 46.11 9.03
N LEU D 160 -17.47 44.87 9.54
CA LEU D 160 -17.94 43.73 8.75
C LEU D 160 -19.41 43.88 8.37
N GLN D 161 -20.23 44.43 9.30
CA GLN D 161 -21.64 44.62 9.02
C GLN D 161 -21.88 45.74 8.00
N LEU D 162 -21.14 46.86 8.14
CA LEU D 162 -21.20 47.93 7.13
C LEU D 162 -20.84 47.42 5.74
N VAL D 163 -19.87 46.50 5.65
CA VAL D 163 -19.50 45.90 4.38
C VAL D 163 -20.67 45.15 3.76
N ASP D 164 -21.35 44.31 4.56
CA ASP D 164 -22.51 43.57 4.07
C ASP D 164 -23.66 44.49 3.64
N LYS D 165 -23.79 45.69 4.25
CA LYS D 165 -24.92 46.57 3.98
C LYS D 165 -24.68 47.42 2.74
N ALA D 166 -23.55 48.11 2.71
CA ALA D 166 -23.26 49.13 1.71
C ALA D 166 -22.37 48.66 0.59
N GLY D 167 -21.98 47.37 0.56
CA GLY D 167 -21.02 46.87 -0.39
C GLY D 167 -19.80 47.77 -0.54
N VAL D 168 -19.13 48.05 0.58
CA VAL D 168 -17.92 48.89 0.60
C VAL D 168 -16.84 48.09 1.32
N VAL D 169 -15.73 48.77 1.61
CA VAL D 169 -14.60 48.19 2.34
C VAL D 169 -14.09 49.27 3.30
N THR D 170 -13.78 48.86 4.53
CA THR D 170 -13.39 49.90 5.47
C THR D 170 -11.89 50.16 5.40
N PRO D 171 -11.43 51.40 5.54
CA PRO D 171 -9.98 51.64 5.60
C PRO D 171 -9.39 51.20 6.93
N ALA D 172 -8.06 51.25 6.99
CA ALA D 172 -7.32 50.90 8.21
C ALA D 172 -7.68 51.82 9.39
N ASN D 173 -7.80 51.21 10.57
CA ASN D 173 -8.15 51.89 11.83
C ASN D 173 -9.51 52.57 11.75
N TRP D 174 -10.34 52.18 10.77
CA TRP D 174 -11.69 52.73 10.65
C TRP D 174 -12.48 52.52 11.94
N PRO D 175 -13.27 53.51 12.39
CA PRO D 175 -13.64 54.75 11.69
C PRO D 175 -12.69 55.93 11.94
N ASN D 176 -11.40 55.66 12.13
CA ASN D 176 -10.42 56.70 12.45
C ASN D 176 -9.24 56.65 11.51
N ASN D 177 -9.52 56.57 10.21
CA ASN D 177 -8.43 56.45 9.26
C ASN D 177 -7.80 57.81 9.07
N GLU D 178 -6.46 57.85 9.18
CA GLU D 178 -5.63 59.05 9.07
C GLU D 178 -5.64 59.67 7.69
N LEU D 179 -6.32 59.06 6.70
CA LEU D 179 -6.51 59.68 5.39
C LEU D 179 -7.94 60.11 5.14
N ILE D 180 -8.94 59.32 5.57
CA ILE D 180 -10.31 59.59 5.17
C ILE D 180 -11.28 59.44 6.35
N GLY D 181 -10.73 59.25 7.55
CA GLY D 181 -11.49 59.17 8.79
C GLY D 181 -12.65 58.19 8.84
N ASP D 182 -13.86 58.77 8.91
CA ASP D 182 -15.12 58.05 8.91
C ASP D 182 -15.42 57.38 7.56
N LYS D 183 -14.89 57.92 6.46
CA LYS D 183 -15.31 57.51 5.12
C LYS D 183 -14.90 56.07 4.79
N VAL D 184 -15.72 55.42 3.97
CA VAL D 184 -15.45 54.07 3.53
C VAL D 184 -14.99 54.09 2.06
N ILE D 185 -14.54 52.94 1.59
CA ILE D 185 -13.84 52.85 0.31
C ILE D 185 -14.67 52.05 -0.68
N ASN D 186 -14.66 52.49 -1.94
CA ASN D 186 -15.34 51.79 -3.01
C ASN D 186 -14.51 50.59 -3.45
N PRO D 187 -15.13 49.41 -3.59
CA PRO D 187 -14.39 48.22 -4.05
C PRO D 187 -13.84 48.44 -5.45
N ALA D 188 -12.54 48.20 -5.60
CA ALA D 188 -11.81 48.58 -6.81
C ALA D 188 -12.44 47.96 -8.05
N PRO D 189 -12.34 48.62 -9.21
CA PRO D 189 -12.97 48.11 -10.43
C PRO D 189 -12.34 46.82 -10.94
N ARG D 190 -13.18 45.95 -11.52
CA ARG D 190 -12.79 44.60 -11.90
C ARG D 190 -12.33 44.46 -13.36
N THR D 191 -12.87 45.26 -14.28
CA THR D 191 -12.51 45.19 -15.68
C THR D 191 -11.96 46.56 -16.11
N ILE D 192 -11.48 46.65 -17.35
CA ILE D 192 -10.90 47.91 -17.83
C ILE D 192 -12.00 48.92 -18.21
N LYS D 193 -13.16 48.46 -18.68
CA LYS D 193 -14.31 49.35 -18.82
C LYS D 193 -14.60 50.09 -17.53
N ASP D 194 -14.84 49.33 -16.47
CA ASP D 194 -15.23 49.91 -15.20
C ASP D 194 -14.16 50.86 -14.67
N ALA D 195 -12.88 50.54 -14.92
CA ALA D 195 -11.80 51.36 -14.37
C ALA D 195 -11.77 52.74 -15.00
N LYS D 196 -11.96 52.82 -16.32
CA LYS D 196 -11.83 54.12 -16.99
C LYS D 196 -12.95 55.07 -16.57
N MET D 197 -14.12 54.51 -16.21
CA MET D 197 -15.24 55.31 -15.72
C MET D 197 -14.91 56.11 -14.47
N ARG D 198 -13.90 55.69 -13.71
CA ARG D 198 -13.56 56.38 -12.47
C ARG D 198 -12.27 57.20 -12.56
N LEU D 199 -11.84 57.57 -13.76
CA LEU D 199 -10.57 58.26 -13.86
C LEU D 199 -10.71 59.69 -13.38
N GLY D 200 -9.60 60.24 -12.88
CA GLY D 200 -9.58 61.58 -12.33
C GLY D 200 -10.42 61.81 -11.10
N GLN D 201 -10.85 60.74 -10.38
CA GLN D 201 -11.43 60.99 -9.08
C GLN D 201 -10.36 60.93 -7.99
N PRO D 202 -10.60 61.55 -6.83
CA PRO D 202 -9.53 61.72 -5.84
C PRO D 202 -8.87 60.42 -5.38
N PHE D 203 -7.54 60.53 -5.27
CA PHE D 203 -6.51 59.51 -5.13
C PHE D 203 -6.25 58.90 -6.50
N ASP D 204 -7.08 57.95 -6.95
CA ASP D 204 -6.88 57.32 -8.24
C ASP D 204 -8.10 56.45 -8.54
N TRP D 205 -8.07 55.78 -9.68
CA TRP D 205 -9.27 55.05 -10.11
C TRP D 205 -9.54 53.82 -9.23
N TRP D 206 -8.51 53.23 -8.63
CA TRP D 206 -8.72 52.10 -7.73
C TRP D 206 -8.98 52.51 -6.28
N PHE D 207 -8.80 53.78 -5.95
CA PHE D 207 -8.85 54.30 -4.59
C PHE D 207 -9.86 55.45 -4.57
N THR D 208 -11.14 55.11 -4.46
CA THR D 208 -12.22 56.08 -4.40
C THR D 208 -13.01 55.88 -3.12
N TYR D 209 -13.40 57.00 -2.49
CA TYR D 209 -14.04 56.97 -1.18
C TYR D 209 -15.33 57.80 -1.19
N LYS D 210 -16.31 57.32 -0.43
CA LYS D 210 -17.61 57.94 -0.22
C LYS D 210 -17.82 58.17 1.27
N GLU D 211 -19.06 58.50 1.66
CA GLU D 211 -19.39 58.60 3.07
C GLU D 211 -20.69 57.87 3.34
N VAL D 212 -20.87 57.50 4.62
CA VAL D 212 -22.09 56.78 4.98
C VAL D 212 -22.62 57.40 6.27
N ARG E 5 12.35 13.63 -16.87
CA ARG E 5 10.94 13.92 -17.04
C ARG E 5 11.09 15.03 -18.04
N ILE E 6 10.02 15.48 -18.70
CA ILE E 6 10.27 16.30 -19.90
C ILE E 6 11.10 17.53 -19.53
N PRO E 7 12.21 17.81 -20.22
CA PRO E 7 13.07 18.91 -19.78
C PRO E 7 12.44 20.26 -20.06
N LEU E 8 12.86 21.24 -19.26
CA LEU E 8 12.28 22.58 -19.31
C LEU E 8 13.39 23.62 -19.34
N ILE E 9 12.99 24.85 -19.65
CA ILE E 9 13.94 25.95 -19.76
C ILE E 9 14.63 26.13 -18.40
N GLY E 10 15.98 26.11 -18.41
CA GLY E 10 16.77 26.24 -17.20
C GLY E 10 17.41 24.94 -16.72
N GLU E 11 16.69 23.82 -16.81
CA GLU E 11 17.23 22.49 -16.53
C GLU E 11 18.39 22.14 -17.48
N LYS E 12 19.31 21.33 -16.99
CA LYS E 12 20.32 20.80 -17.87
C LYS E 12 19.79 19.69 -18.74
N PHE E 13 20.25 19.68 -19.98
CA PHE E 13 19.85 18.65 -20.92
C PHE E 13 20.25 17.28 -20.36
N PRO E 14 19.34 16.31 -20.42
CA PRO E 14 19.58 15.01 -19.77
C PRO E 14 20.75 14.24 -20.38
N GLU E 15 21.59 13.66 -19.53
CA GLU E 15 22.61 12.78 -20.04
C GLU E 15 22.02 11.60 -20.82
N MET E 16 22.52 11.39 -22.04
CA MET E 16 22.03 10.31 -22.87
C MET E 16 23.04 10.06 -23.99
N GLU E 17 23.18 8.79 -24.36
CA GLU E 17 24.06 8.42 -25.47
C GLU E 17 23.19 7.97 -26.64
N VAL E 18 23.47 8.49 -27.83
CA VAL E 18 22.64 8.30 -29.01
C VAL E 18 23.49 7.79 -30.16
N ILE E 19 22.83 7.16 -31.12
CA ILE E 19 23.50 6.55 -32.26
C ILE E 19 23.05 7.33 -33.48
N THR E 20 24.02 7.91 -34.20
CA THR E 20 23.76 8.87 -35.27
C THR E 20 24.51 8.46 -36.54
N THR E 21 24.11 9.07 -37.66
CA THR E 21 24.81 8.93 -38.94
C THR E 21 26.29 9.30 -38.86
N HIS E 22 26.77 9.85 -37.75
CA HIS E 22 28.19 10.16 -37.59
C HIS E 22 28.83 9.31 -36.50
N GLY E 23 28.20 8.21 -36.14
CA GLY E 23 28.65 7.39 -35.04
C GLY E 23 27.88 7.64 -33.76
N LYS E 24 28.44 7.14 -32.67
CA LYS E 24 27.96 7.45 -31.34
C LYS E 24 28.31 8.87 -30.91
N ILE E 25 27.43 9.43 -30.07
CA ILE E 25 27.50 10.79 -29.56
C ILE E 25 26.92 10.78 -28.16
N LYS E 26 27.57 11.50 -27.23
CA LYS E 26 27.21 11.51 -25.82
C LYS E 26 26.61 12.88 -25.59
N LEU E 27 25.32 12.93 -25.26
CA LEU E 27 24.68 14.07 -25.90
C LEU E 27 24.95 15.42 -25.27
N PRO E 28 24.69 15.67 -23.98
CA PRO E 28 24.93 17.06 -23.49
C PRO E 28 26.40 17.44 -23.52
N ASP E 29 27.32 16.47 -23.46
CA ASP E 29 28.74 16.64 -23.15
C ASP E 29 29.65 16.73 -24.36
N ASP E 30 29.45 15.92 -25.40
CA ASP E 30 30.30 16.04 -26.58
C ASP E 30 30.20 17.42 -27.21
N TYR E 31 29.27 18.26 -26.75
CA TYR E 31 29.09 19.61 -27.25
C TYR E 31 29.29 20.61 -26.12
N LYS E 32 30.35 20.43 -25.34
CA LYS E 32 30.37 20.99 -24.00
C LYS E 32 30.88 22.41 -23.99
N GLY E 33 31.27 22.97 -25.12
CA GLY E 33 31.48 24.40 -25.09
C GLY E 33 30.84 25.11 -26.26
N ARG E 34 30.14 24.32 -27.06
CA ARG E 34 29.34 24.84 -28.13
C ARG E 34 27.86 24.87 -27.75
N TRP E 35 27.11 25.70 -28.47
CA TRP E 35 25.66 25.57 -28.47
C TRP E 35 25.25 24.46 -29.44
N PHE E 36 24.09 23.85 -29.20
CA PHE E 36 23.55 23.03 -30.29
C PHE E 36 22.02 23.06 -30.30
N VAL E 37 21.49 22.88 -31.51
CA VAL E 37 20.06 22.78 -31.77
C VAL E 37 19.72 21.33 -32.05
N LEU E 38 19.20 20.63 -31.05
CA LEU E 38 18.59 19.33 -31.25
C LEU E 38 17.17 19.51 -31.77
N PHE E 39 16.88 18.93 -32.92
CA PHE E 39 15.55 19.07 -33.47
C PHE E 39 15.09 17.75 -34.07
N SER E 40 13.80 17.46 -33.88
CA SER E 40 13.17 16.25 -34.39
C SER E 40 12.39 16.56 -35.67
N HIS E 41 12.21 15.53 -36.49
CA HIS E 41 11.28 15.56 -37.61
C HIS E 41 10.54 14.24 -37.63
N PRO E 42 9.27 14.20 -38.15
CA PRO E 42 8.48 12.97 -38.14
C PRO E 42 9.19 11.75 -38.72
N GLY E 43 9.60 11.83 -39.99
CA GLY E 43 10.30 10.70 -40.59
C GLY E 43 11.06 11.05 -41.84
N ASP E 44 12.08 10.25 -42.13
CA ASP E 44 12.81 10.37 -43.38
C ASP E 44 11.89 10.09 -44.55
N PHE E 45 12.29 10.62 -45.72
CA PHE E 45 11.50 10.53 -46.94
C PHE E 45 10.10 11.10 -46.76
N THR E 46 9.92 12.00 -45.75
CA THR E 46 8.72 12.77 -45.96
C THR E 46 9.09 14.13 -46.59
N PRO E 47 8.17 14.73 -47.35
CA PRO E 47 8.55 15.93 -48.12
C PRO E 47 8.84 17.16 -47.28
N VAL E 48 8.04 17.47 -46.27
CA VAL E 48 8.28 18.71 -45.52
C VAL E 48 9.60 18.64 -44.78
N CYS E 49 9.86 17.49 -44.12
CA CYS E 49 11.14 17.28 -43.44
C CYS E 49 12.32 17.43 -44.40
N THR E 50 12.15 17.05 -45.67
CA THR E 50 13.22 17.25 -46.65
C THR E 50 13.49 18.73 -46.86
N THR E 51 12.46 19.53 -47.11
CA THR E 51 12.69 20.96 -47.28
C THR E 51 13.39 21.55 -46.06
N GLU E 52 13.07 21.05 -44.86
CA GLU E 52 13.70 21.55 -43.63
C GLU E 52 15.19 21.22 -43.60
N PHE E 53 15.55 19.99 -44.03
CA PHE E 53 16.97 19.63 -44.03
C PHE E 53 17.72 20.39 -45.12
N TYR E 54 17.12 20.52 -46.29
CA TYR E 54 17.72 21.38 -47.31
C TYR E 54 18.05 22.75 -46.72
N SER E 55 17.04 23.43 -46.16
CA SER E 55 17.22 24.77 -45.58
C SER E 55 18.30 24.80 -44.51
N PHE E 56 18.32 23.81 -43.60
CA PHE E 56 19.35 23.75 -42.55
C PHE E 56 20.75 23.61 -43.16
N SER E 57 20.90 22.71 -44.15
CA SER E 57 22.22 22.51 -44.72
C SER E 57 22.68 23.71 -45.53
N LYS E 58 21.76 24.36 -46.24
CA LYS E 58 22.15 25.57 -46.96
C LYS E 58 22.57 26.68 -46.00
N LYS E 59 21.93 26.77 -44.84
CA LYS E 59 22.25 27.82 -43.87
C LYS E 59 23.23 27.35 -42.82
N TYR E 60 23.99 26.28 -43.09
CA TYR E 60 24.74 25.63 -42.02
C TYR E 60 25.81 26.54 -41.43
N GLU E 61 26.32 27.52 -42.21
CA GLU E 61 27.55 28.19 -41.79
C GLU E 61 27.23 29.37 -40.92
N GLU E 62 26.05 29.97 -41.13
CA GLU E 62 25.49 30.85 -40.12
C GLU E 62 25.27 30.14 -38.80
N PHE E 63 24.90 28.85 -38.82
CA PHE E 63 24.87 28.14 -37.54
C PHE E 63 26.27 27.96 -36.98
N LYS E 64 27.25 27.69 -37.86
CA LYS E 64 28.61 27.48 -37.39
C LYS E 64 29.20 28.79 -36.86
N LYS E 65 28.90 29.92 -37.53
CA LYS E 65 29.45 31.20 -37.11
C LYS E 65 28.91 31.65 -35.79
N LEU E 66 27.76 31.11 -35.35
CA LEU E 66 27.25 31.36 -34.02
C LEU E 66 27.65 30.26 -33.05
N ASN E 67 28.66 29.46 -33.41
CA ASN E 67 29.19 28.44 -32.52
C ASN E 67 28.14 27.40 -32.12
N THR E 68 27.16 27.11 -32.98
CA THR E 68 26.18 26.08 -32.65
C THR E 68 26.29 24.95 -33.68
N GLU E 69 26.14 23.72 -33.20
CA GLU E 69 26.03 22.56 -34.07
C GLU E 69 24.56 22.16 -34.21
N LEU E 70 24.20 21.65 -35.38
CA LEU E 70 22.89 21.08 -35.59
C LEU E 70 22.90 19.58 -35.33
N ILE E 71 21.80 19.06 -34.81
CA ILE E 71 21.69 17.61 -34.72
C ILE E 71 20.22 17.22 -34.76
N GLY E 72 19.87 16.39 -35.76
CA GLY E 72 18.50 16.00 -36.02
C GLY E 72 18.15 14.67 -35.34
N LEU E 73 16.88 14.28 -35.48
CA LEU E 73 16.41 13.10 -34.76
C LEU E 73 15.06 12.66 -35.31
N SER E 74 14.89 11.35 -35.46
CA SER E 74 13.65 10.76 -35.98
C SER E 74 13.59 9.29 -35.58
N VAL E 75 12.38 8.70 -35.68
CA VAL E 75 12.17 7.32 -35.25
C VAL E 75 12.51 6.31 -36.33
N ASP E 76 13.35 6.72 -37.28
CA ASP E 76 13.69 5.91 -38.43
C ASP E 76 15.06 5.30 -38.19
N SER E 77 15.25 4.16 -38.83
CA SER E 77 16.47 3.40 -38.71
C SER E 77 17.64 4.18 -39.26
N ASN E 78 18.83 3.97 -38.68
CA ASN E 78 20.00 4.75 -39.14
C ASN E 78 20.42 4.41 -40.57
N ILE E 79 20.05 3.24 -41.07
CA ILE E 79 20.24 3.00 -42.50
C ILE E 79 19.31 3.87 -43.34
N SER E 80 18.07 4.03 -42.92
CA SER E 80 17.18 4.90 -43.68
C SER E 80 17.67 6.36 -43.66
N HIS E 81 18.23 6.83 -42.55
CA HIS E 81 18.87 8.15 -42.53
C HIS E 81 19.91 8.28 -43.62
N ILE E 82 20.84 7.32 -43.69
CA ILE E 82 21.89 7.36 -44.72
C ILE E 82 21.27 7.37 -46.12
N GLU E 83 20.20 6.59 -46.35
CA GLU E 83 19.63 6.61 -47.69
C GLU E 83 18.90 7.91 -47.98
N TRP E 84 18.26 8.51 -46.98
CA TRP E 84 17.68 9.83 -47.13
C TRP E 84 18.75 10.88 -47.45
N VAL E 85 19.82 10.92 -46.63
CA VAL E 85 20.92 11.86 -46.91
C VAL E 85 21.48 11.67 -48.31
N MET E 86 21.57 10.42 -48.78
CA MET E 86 22.13 10.23 -50.11
C MET E 86 21.17 10.73 -51.18
N TRP E 87 19.86 10.54 -50.98
CA TRP E 87 18.89 11.08 -51.92
C TRP E 87 18.94 12.61 -51.98
N ILE E 88 19.14 13.26 -50.83
CA ILE E 88 19.20 14.72 -50.77
C ILE E 88 20.43 15.23 -51.49
N GLU E 89 21.57 14.57 -51.25
CA GLU E 89 22.83 14.98 -51.86
C GLU E 89 22.76 14.93 -53.38
N LYS E 90 22.04 13.97 -53.91
CA LYS E 90 22.04 13.84 -55.36
C LYS E 90 20.82 14.43 -56.05
N ASN E 91 19.69 14.64 -55.39
CA ASN E 91 18.58 15.33 -56.06
C ASN E 91 18.56 16.83 -55.83
N LEU E 92 18.85 17.27 -54.61
CA LEU E 92 18.85 18.68 -54.28
C LEU E 92 20.25 19.25 -54.27
N LYS E 93 21.28 18.45 -54.57
CA LYS E 93 22.63 18.96 -54.80
C LYS E 93 23.23 19.63 -53.55
N VAL E 94 23.02 19.07 -52.36
CA VAL E 94 23.61 19.65 -51.15
C VAL E 94 23.92 18.53 -50.18
N GLU E 95 25.02 18.67 -49.45
CA GLU E 95 25.43 17.58 -48.58
C GLU E 95 24.98 17.93 -47.17
N VAL E 96 24.20 17.06 -46.53
CA VAL E 96 23.75 17.26 -45.15
C VAL E 96 24.94 17.08 -44.21
N PRO E 97 25.43 18.14 -43.59
CA PRO E 97 26.69 18.09 -42.84
C PRO E 97 26.56 17.86 -41.35
N PHE E 98 25.38 17.53 -40.85
CA PHE E 98 25.24 17.37 -39.42
C PHE E 98 24.70 15.98 -39.09
N PRO E 99 24.88 15.53 -37.87
CA PRO E 99 24.44 14.18 -37.53
C PRO E 99 22.92 14.12 -37.39
N ILE E 100 22.37 12.95 -37.73
CA ILE E 100 20.96 12.65 -37.52
C ILE E 100 20.86 11.46 -36.56
N ILE E 101 20.19 11.69 -35.42
CA ILE E 101 20.00 10.65 -34.41
C ILE E 101 18.94 9.67 -34.88
N ALA E 102 19.28 8.37 -34.85
CA ALA E 102 18.30 7.32 -35.11
C ALA E 102 17.78 6.78 -33.79
N ASP E 103 16.47 6.89 -33.61
CA ASP E 103 15.80 6.37 -32.42
C ASP E 103 14.51 5.72 -32.85
N PRO E 104 14.55 4.45 -33.27
CA PRO E 104 13.31 3.67 -33.32
C PRO E 104 12.99 3.24 -31.89
N MET E 105 11.74 2.78 -31.68
CA MET E 105 11.23 2.58 -30.33
C MET E 105 10.94 3.92 -29.62
N GLY E 106 11.69 4.97 -29.99
CA GLY E 106 11.37 6.30 -29.53
C GLY E 106 11.75 6.57 -28.09
N ASN E 107 12.83 5.95 -27.58
CA ASN E 107 13.16 6.12 -26.17
C ASN E 107 13.63 7.53 -25.88
N VAL E 108 14.57 8.02 -26.65
CA VAL E 108 14.97 9.42 -26.44
C VAL E 108 13.84 10.38 -26.85
N ALA E 109 13.00 10.01 -27.84
CA ALA E 109 11.90 10.90 -28.22
C ALA E 109 10.87 11.05 -27.10
N LYS E 110 10.58 9.97 -26.36
CA LYS E 110 9.59 10.08 -25.29
C LYS E 110 10.16 10.86 -24.12
N ARG E 111 11.43 10.61 -23.82
CA ARG E 111 12.15 11.31 -22.78
C ARG E 111 12.15 12.83 -22.98
N LEU E 112 12.22 13.35 -24.21
CA LEU E 112 12.14 14.79 -24.47
C LEU E 112 10.72 15.28 -24.83
N GLY E 113 9.68 14.50 -24.58
CA GLY E 113 8.32 14.93 -24.91
C GLY E 113 8.13 15.30 -26.38
N MET E 114 8.70 14.51 -27.27
CA MET E 114 8.54 14.81 -28.68
C MET E 114 7.41 14.04 -29.32
N ILE E 115 6.75 13.09 -28.60
CA ILE E 115 5.61 12.38 -29.22
C ILE E 115 4.35 13.02 -28.64
N HIS E 116 3.45 13.49 -29.49
CA HIS E 116 2.26 14.14 -29.01
C HIS E 116 1.03 13.27 -29.27
N ALA E 117 -0.15 13.90 -29.25
CA ALA E 117 -1.40 13.16 -29.25
C ALA E 117 -1.93 12.86 -30.65
N GLU E 118 -1.36 13.48 -31.68
CA GLU E 118 -1.91 13.40 -33.03
C GLU E 118 -1.27 12.31 -33.88
N SER E 119 -0.10 11.81 -33.50
CA SER E 119 0.45 10.59 -34.10
C SER E 119 1.19 9.81 -33.03
N SER E 120 0.89 8.51 -32.97
CA SER E 120 1.47 7.57 -32.05
C SER E 120 2.70 6.87 -32.63
N THR E 121 3.08 7.27 -33.85
CA THR E 121 4.10 6.59 -34.67
C THR E 121 5.29 7.47 -35.06
N ALA E 122 5.24 8.78 -34.76
CA ALA E 122 6.31 9.68 -35.17
C ALA E 122 6.36 10.89 -34.24
N THR E 123 7.54 11.51 -34.17
CA THR E 123 7.72 12.74 -33.42
C THR E 123 6.95 13.90 -34.08
N VAL E 124 6.82 15.00 -33.34
CA VAL E 124 6.37 16.26 -33.94
C VAL E 124 7.62 16.99 -34.41
N ARG E 125 7.50 18.28 -34.71
CA ARG E 125 8.66 19.08 -35.10
C ARG E 125 9.17 19.85 -33.88
N ALA E 126 9.83 19.11 -33.00
CA ALA E 126 10.39 19.69 -31.79
C ALA E 126 11.74 20.35 -32.08
N VAL E 127 12.02 21.41 -31.33
CA VAL E 127 13.30 22.12 -31.43
C VAL E 127 13.76 22.48 -30.03
N PHE E 128 14.94 21.99 -29.65
CA PHE E 128 15.58 22.39 -28.41
C PHE E 128 16.85 23.17 -28.75
N ILE E 129 17.07 24.25 -28.01
CA ILE E 129 18.28 25.05 -28.12
C ILE E 129 19.03 24.91 -26.81
N ILE E 130 20.21 24.31 -26.87
CA ILE E 130 21.03 24.05 -25.70
C ILE E 130 22.25 24.95 -25.82
N ASP E 131 22.72 25.49 -24.70
CA ASP E 131 23.83 26.43 -24.76
C ASP E 131 25.16 25.73 -24.43
N ASP E 132 26.23 26.52 -24.37
CA ASP E 132 27.56 26.00 -24.16
C ASP E 132 27.74 25.33 -22.81
N LYS E 133 26.80 25.48 -21.87
CA LYS E 133 26.95 24.78 -20.60
C LYS E 133 25.92 23.67 -20.47
N GLY E 134 25.16 23.43 -21.52
CA GLY E 134 24.23 22.34 -21.56
C GLY E 134 22.84 22.63 -21.04
N THR E 135 22.49 23.87 -20.72
CA THR E 135 21.14 24.15 -20.20
C THR E 135 20.16 24.38 -21.37
N VAL E 136 18.94 23.92 -21.16
CA VAL E 136 17.91 24.05 -22.18
C VAL E 136 17.43 25.48 -22.19
N ARG E 137 17.54 26.15 -23.33
CA ARG E 137 17.29 27.57 -23.39
C ARG E 137 16.00 27.97 -24.08
N LEU E 138 15.39 27.09 -24.88
CA LEU E 138 14.27 27.42 -25.76
C LEU E 138 13.67 26.13 -26.27
N ILE E 139 12.34 26.04 -26.28
CA ILE E 139 11.67 24.81 -26.71
C ILE E 139 10.55 25.16 -27.68
N LEU E 140 10.56 24.51 -28.84
CA LEU E 140 9.53 24.68 -29.85
C LEU E 140 8.92 23.35 -30.21
N TYR E 141 7.60 23.27 -30.19
CA TYR E 141 6.85 22.12 -30.73
C TYR E 141 6.01 22.61 -31.90
N TYR E 142 6.53 22.45 -33.12
CA TYR E 142 5.71 22.66 -34.31
C TYR E 142 5.04 21.35 -34.72
N PRO E 143 3.86 21.42 -35.32
CA PRO E 143 3.14 20.21 -35.71
C PRO E 143 3.75 19.62 -36.98
N MET E 144 3.27 18.42 -37.32
CA MET E 144 3.79 17.69 -38.48
C MET E 144 3.64 18.48 -39.78
N GLU E 145 2.49 19.13 -39.94
CA GLU E 145 1.92 19.59 -41.22
C GLU E 145 2.45 20.93 -41.72
N ILE E 146 3.09 21.75 -40.89
CA ILE E 146 3.76 22.96 -41.35
C ILE E 146 5.26 22.84 -41.07
N GLY E 147 6.08 23.25 -42.01
CA GLY E 147 7.49 23.28 -41.76
C GLY E 147 7.87 24.42 -40.85
N ARG E 148 9.08 24.32 -40.30
CA ARG E 148 9.61 25.33 -39.38
C ARG E 148 10.21 26.49 -40.17
N ASN E 149 10.41 27.60 -39.46
CA ASN E 149 11.12 28.78 -39.98
C ASN E 149 12.55 28.76 -39.43
N ILE E 150 13.52 28.54 -40.31
CA ILE E 150 14.87 28.29 -39.82
C ILE E 150 15.54 29.61 -39.44
N ASP E 151 15.28 30.66 -40.22
CA ASP E 151 15.78 31.98 -39.83
C ASP E 151 15.27 32.42 -38.47
N GLU E 152 14.12 31.92 -38.00
CA GLU E 152 13.70 32.30 -36.65
C GLU E 152 14.53 31.59 -35.57
N ILE E 153 14.95 30.35 -35.82
CA ILE E 153 15.89 29.69 -34.91
C ILE E 153 17.21 30.47 -34.83
N LEU E 154 17.71 30.96 -35.97
CA LEU E 154 18.95 31.73 -35.95
C LEU E 154 18.78 33.01 -35.16
N ARG E 155 17.72 33.76 -35.48
CA ARG E 155 17.38 34.98 -34.75
C ARG E 155 17.36 34.74 -33.23
N ALA E 156 16.88 33.57 -32.79
CA ALA E 156 16.77 33.31 -31.36
C ALA E 156 18.14 33.01 -30.76
N ILE E 157 18.99 32.29 -31.49
CA ILE E 157 20.35 32.05 -30.98
C ILE E 157 21.11 33.36 -30.85
N ARG E 158 21.09 34.20 -31.89
CA ARG E 158 21.72 35.52 -31.81
C ARG E 158 21.29 36.27 -30.55
N ALA E 159 19.97 36.34 -30.33
CA ALA E 159 19.46 37.04 -29.16
C ALA E 159 19.90 36.37 -27.87
N LEU E 160 19.77 35.04 -27.79
CA LEU E 160 20.16 34.33 -26.56
C LEU E 160 21.63 34.54 -26.25
N GLN E 161 22.49 34.58 -27.29
CA GLN E 161 23.91 34.77 -27.08
C GLN E 161 24.22 36.20 -26.65
N LEU E 162 23.57 37.20 -27.27
CA LEU E 162 23.71 38.60 -26.83
C LEU E 162 23.31 38.77 -25.37
N VAL E 163 22.27 38.06 -24.93
CA VAL E 163 21.86 38.10 -23.53
C VAL E 163 22.98 37.61 -22.61
N ASP E 164 23.60 36.48 -22.95
CA ASP E 164 24.70 35.95 -22.15
C ASP E 164 25.91 36.89 -22.13
N LYS E 165 26.13 37.69 -23.19
CA LYS E 165 27.32 38.53 -23.30
C LYS E 165 27.14 39.84 -22.57
N ALA E 166 26.06 40.55 -22.88
CA ALA E 166 25.85 41.92 -22.42
C ALA E 166 24.91 42.05 -21.25
N GLY E 167 24.44 40.93 -20.67
CA GLY E 167 23.44 40.95 -19.62
C GLY E 167 22.30 41.91 -19.93
N VAL E 168 21.64 41.72 -21.07
CA VAL E 168 20.50 42.53 -21.49
C VAL E 168 19.36 41.57 -21.83
N VAL E 169 18.29 42.12 -22.42
CA VAL E 169 17.14 41.35 -22.87
C VAL E 169 16.70 41.92 -24.21
N THR E 170 16.37 41.04 -25.15
CA THR E 170 16.05 41.59 -26.46
C THR E 170 14.57 41.95 -26.56
N PRO E 171 14.20 43.03 -27.24
CA PRO E 171 12.77 43.30 -27.44
C PRO E 171 12.15 42.36 -28.46
N ALA E 172 10.82 42.47 -28.58
CA ALA E 172 10.07 41.67 -29.55
C ALA E 172 10.49 41.95 -30.99
N ASN E 173 10.57 40.88 -31.79
CA ASN E 173 10.97 40.92 -33.20
C ASN E 173 12.37 41.48 -33.40
N TRP E 174 13.18 41.50 -32.32
CA TRP E 174 14.56 41.96 -32.40
C TRP E 174 15.33 41.15 -33.45
N PRO E 175 16.20 41.80 -34.25
CA PRO E 175 16.64 43.19 -34.16
C PRO E 175 15.78 44.19 -34.93
N ASN E 176 14.47 43.96 -35.02
CA ASN E 176 13.57 44.80 -35.79
C ASN E 176 12.39 45.25 -34.96
N ASN E 177 12.66 45.74 -33.75
CA ASN E 177 11.57 46.11 -32.89
C ASN E 177 11.03 47.46 -33.33
N GLU E 178 9.71 47.52 -33.49
CA GLU E 178 8.96 48.70 -33.94
C GLU E 178 9.02 49.87 -32.96
N LEU E 179 9.64 49.71 -31.79
CA LEU E 179 9.87 50.82 -30.87
C LEU E 179 11.33 51.23 -30.79
N ILE E 180 12.27 50.28 -30.81
CA ILE E 180 13.66 50.61 -30.52
C ILE E 180 14.62 49.89 -31.48
N GLY E 181 14.06 49.23 -32.49
CA GLY E 181 14.82 48.57 -33.56
C GLY E 181 15.91 47.59 -33.13
N ASP E 182 17.14 48.01 -33.42
CA ASP E 182 18.35 47.28 -33.06
C ASP E 182 18.61 47.25 -31.55
N LYS E 183 18.11 48.25 -30.81
CA LYS E 183 18.49 48.45 -29.41
C LYS E 183 17.99 47.33 -28.50
N VAL E 184 18.76 47.04 -27.45
CA VAL E 184 18.39 46.04 -26.47
C VAL E 184 17.94 46.74 -25.18
N ILE E 185 17.41 45.95 -24.25
CA ILE E 185 16.71 46.47 -23.09
C ILE E 185 17.48 46.13 -21.83
N ASN E 186 17.49 47.08 -20.89
CA ASN E 186 18.12 46.88 -19.59
C ASN E 186 17.21 46.04 -18.70
N PRO E 187 17.75 45.01 -18.04
CA PRO E 187 16.93 44.19 -17.14
C PRO E 187 16.39 45.04 -15.99
N ALA E 188 15.07 44.97 -15.80
CA ALA E 188 14.37 45.89 -14.90
C ALA E 188 14.95 45.83 -13.48
N PRO E 189 14.89 46.94 -12.74
CA PRO E 189 15.49 46.98 -11.39
C PRO E 189 14.77 46.08 -10.40
N ARG E 190 15.55 45.51 -9.47
CA ARG E 190 15.06 44.48 -8.55
C ARG E 190 14.59 45.03 -7.19
N THR E 191 15.19 46.12 -6.70
CA THR E 191 14.83 46.68 -5.42
C THR E 191 14.37 48.13 -5.64
N ILE E 192 13.89 48.79 -4.59
CA ILE E 192 13.40 50.17 -4.72
C ILE E 192 14.57 51.18 -4.79
N LYS E 193 15.70 50.89 -4.13
CA LYS E 193 16.91 51.67 -4.35
C LYS E 193 17.26 51.76 -5.83
N ASP E 194 17.44 50.59 -6.44
CA ASP E 194 17.86 50.54 -7.82
C ASP E 194 16.86 51.22 -8.74
N ALA E 195 15.57 51.13 -8.42
CA ALA E 195 14.55 51.69 -9.32
C ALA E 195 14.63 53.21 -9.34
N LYS E 196 14.81 53.84 -8.18
CA LYS E 196 14.78 55.30 -8.15
C LYS E 196 15.96 55.90 -8.92
N MET E 197 17.08 55.18 -8.95
CA MET E 197 18.26 55.61 -9.71
C MET E 197 17.99 55.80 -11.20
N ARG E 198 16.95 55.15 -11.73
CA ARG E 198 16.66 55.25 -13.15
C ARG E 198 15.44 56.10 -13.48
N LEU E 199 15.03 56.98 -12.58
CA LEU E 199 13.81 57.73 -12.82
C LEU E 199 14.06 58.80 -13.88
N GLY E 200 12.99 59.14 -14.60
CA GLY E 200 13.05 60.10 -15.69
C GLY E 200 13.91 59.71 -16.86
N GLN E 201 14.27 58.41 -17.02
CA GLN E 201 14.86 58.03 -18.29
C GLN E 201 13.78 57.56 -19.27
N PRO E 202 14.08 57.60 -20.58
CA PRO E 202 13.03 57.39 -21.58
C PRO E 202 12.27 56.06 -21.45
N PHE E 203 10.95 56.19 -21.63
CA PHE E 203 9.86 55.28 -21.34
C PHE E 203 9.55 55.35 -19.85
N ASP E 204 10.31 54.64 -19.02
CA ASP E 204 10.07 54.66 -17.58
C ASP E 204 11.22 53.93 -16.90
N TRP E 205 11.15 53.84 -15.57
CA TRP E 205 12.28 53.29 -14.83
C TRP E 205 12.48 51.79 -15.08
N TRP E 206 11.41 51.07 -15.38
CA TRP E 206 11.54 49.64 -15.70
C TRP E 206 11.83 49.35 -17.17
N PHE E 207 11.74 50.35 -18.03
CA PHE E 207 11.82 50.23 -19.47
C PHE E 207 12.91 51.19 -19.96
N THR E 208 14.17 50.75 -19.88
CA THR E 208 15.32 51.53 -20.32
C THR E 208 16.09 50.74 -21.36
N TYR E 209 16.56 51.44 -22.41
CA TYR E 209 17.20 50.80 -23.54
C TYR E 209 18.53 51.47 -23.87
N LYS E 210 19.47 50.64 -24.30
CA LYS E 210 20.82 51.02 -24.72
C LYS E 210 21.05 50.56 -26.15
N GLU E 211 22.30 50.61 -26.61
CA GLU E 211 22.64 50.07 -27.92
C GLU E 211 23.89 49.21 -27.80
N VAL E 212 24.05 48.31 -28.77
CA VAL E 212 25.22 47.43 -28.74
C VAL E 212 25.78 47.37 -30.16
N ARG F 5 -3.17 17.38 -17.79
CA ARG F 5 -1.74 17.13 -17.66
C ARG F 5 -1.30 17.98 -18.83
N ILE F 6 -0.01 18.27 -18.97
CA ILE F 6 0.33 19.37 -19.90
C ILE F 6 -0.22 19.07 -21.29
N PRO F 7 -0.96 19.98 -21.93
CA PRO F 7 -1.61 19.64 -23.21
C PRO F 7 -0.58 19.56 -24.32
N LEU F 8 -0.94 18.78 -25.33
CA LEU F 8 -0.04 18.48 -26.44
C LEU F 8 -0.78 18.66 -27.77
N ILE F 9 -0.01 18.70 -28.85
CA ILE F 9 -0.56 18.90 -30.17
C ILE F 9 -1.54 17.77 -30.47
N GLY F 10 -2.77 18.13 -30.84
CA GLY F 10 -3.82 17.16 -31.13
C GLY F 10 -4.89 17.04 -30.06
N GLU F 11 -4.50 17.10 -28.77
CA GLU F 11 -5.43 17.15 -27.65
C GLU F 11 -6.31 18.40 -27.71
N LYS F 12 -7.52 18.28 -27.17
CA LYS F 12 -8.34 19.47 -27.00
C LYS F 12 -7.87 20.31 -25.83
N PHE F 13 -7.94 21.62 -26.03
CA PHE F 13 -7.57 22.55 -24.98
C PHE F 13 -8.46 22.30 -23.75
N PRO F 14 -7.86 22.25 -22.57
CA PRO F 14 -8.62 21.87 -21.36
C PRO F 14 -9.71 22.86 -21.00
N GLU F 15 -10.88 22.35 -20.65
CA GLU F 15 -11.91 23.23 -20.12
C GLU F 15 -11.45 23.98 -18.86
N MET F 16 -11.60 25.30 -18.89
CA MET F 16 -11.21 26.11 -17.75
C MET F 16 -11.87 27.47 -17.86
N GLU F 17 -12.23 28.04 -16.71
CA GLU F 17 -12.81 29.38 -16.67
C GLU F 17 -11.79 30.33 -16.06
N VAL F 18 -11.57 31.47 -16.71
CA VAL F 18 -10.50 32.40 -16.34
C VAL F 18 -11.09 33.80 -16.16
N ILE F 19 -10.37 34.63 -15.41
CA ILE F 19 -10.81 35.97 -15.10
C ILE F 19 -9.84 36.91 -15.77
N THR F 20 -10.36 37.77 -16.65
CA THR F 20 -9.56 38.60 -17.55
C THR F 20 -10.00 40.07 -17.45
N THR F 21 -9.14 40.95 -17.97
CA THR F 21 -9.45 42.37 -18.11
C THR F 21 -10.74 42.63 -18.89
N HIS F 22 -11.36 41.63 -19.50
CA HIS F 22 -12.63 41.82 -20.20
C HIS F 22 -13.75 41.05 -19.51
N GLY F 23 -13.57 40.70 -18.25
CA GLY F 23 -14.53 39.87 -17.55
C GLY F 23 -14.12 38.41 -17.49
N LYS F 24 -15.09 37.59 -17.12
CA LYS F 24 -14.95 36.15 -17.21
C LYS F 24 -15.02 35.64 -18.63
N ILE F 25 -14.30 34.54 -18.86
CA ILE F 25 -14.16 33.88 -20.16
C ILE F 25 -14.05 32.38 -19.90
N LYS F 26 -14.71 31.58 -20.74
CA LYS F 26 -14.79 30.13 -20.56
C LYS F 26 -13.95 29.57 -21.69
N LEU F 27 -12.85 28.90 -21.34
CA LEU F 27 -11.77 29.20 -22.28
C LEU F 27 -11.84 28.48 -23.62
N PRO F 28 -11.92 27.15 -23.70
CA PRO F 28 -11.92 26.56 -25.07
C PRO F 28 -13.16 26.93 -25.87
N ASP F 29 -14.29 27.24 -25.20
CA ASP F 29 -15.63 27.29 -25.76
C ASP F 29 -16.10 28.68 -26.18
N ASP F 30 -15.82 29.72 -25.40
CA ASP F 30 -16.22 31.06 -25.82
C ASP F 30 -15.60 31.45 -27.15
N TYR F 31 -14.64 30.66 -27.65
CA TYR F 31 -13.98 30.91 -28.93
C TYR F 31 -14.23 29.75 -29.89
N LYS F 32 -15.48 29.30 -29.97
CA LYS F 32 -15.73 27.95 -30.44
C LYS F 32 -15.84 27.88 -31.95
N GLY F 33 -15.72 28.99 -32.65
CA GLY F 33 -15.55 28.81 -34.08
C GLY F 33 -14.44 29.67 -34.63
N ARG F 34 -13.76 30.35 -33.71
CA ARG F 34 -12.58 31.11 -34.04
C ARG F 34 -11.32 30.35 -33.62
N TRP F 35 -10.20 30.72 -34.23
CA TRP F 35 -8.91 30.36 -33.68
C TRP F 35 -8.54 31.32 -32.56
N PHE F 36 -7.69 30.87 -31.64
CA PHE F 36 -7.10 31.88 -30.75
C PHE F 36 -5.69 31.50 -30.34
N VAL F 37 -4.90 32.53 -30.07
CA VAL F 37 -3.52 32.41 -29.58
C VAL F 37 -3.51 32.79 -28.11
N LEU F 38 -3.51 31.78 -27.24
CA LEU F 38 -3.24 31.99 -25.83
C LEU F 38 -1.73 32.09 -25.62
N PHE F 39 -1.27 33.19 -25.04
CA PHE F 39 0.15 33.35 -24.82
C PHE F 39 0.40 33.97 -23.47
N SER F 40 1.45 33.49 -22.80
CA SER F 40 1.86 33.98 -21.49
C SER F 40 3.03 34.95 -21.63
N HIS F 41 3.16 35.83 -20.63
CA HIS F 41 4.36 36.65 -20.45
C HIS F 41 4.69 36.65 -18.99
N PRO F 42 6.00 36.81 -18.60
CA PRO F 42 6.40 36.77 -17.19
C PRO F 42 5.61 37.67 -16.27
N GLY F 43 5.61 38.99 -16.53
CA GLY F 43 4.84 39.88 -15.69
C GLY F 43 4.60 41.24 -16.32
N ASP F 44 3.53 41.89 -15.87
CA ASP F 44 3.26 43.26 -16.26
C ASP F 44 4.38 44.18 -15.78
N PHE F 45 4.49 45.32 -16.47
CA PHE F 45 5.54 46.30 -16.22
C PHE F 45 6.93 45.69 -16.36
N THR F 46 7.03 44.55 -17.11
CA THR F 46 8.40 44.33 -17.51
C THR F 46 8.61 44.84 -18.94
N PRO F 47 9.83 45.24 -19.29
CA PRO F 47 10.02 45.92 -20.58
C PRO F 47 9.83 45.03 -21.81
N VAL F 48 10.36 43.81 -21.82
CA VAL F 48 10.24 42.99 -23.03
C VAL F 48 8.79 42.64 -23.29
N CYS F 49 8.05 42.23 -22.25
CA CYS F 49 6.62 41.95 -22.38
C CYS F 49 5.86 43.16 -22.91
N THR F 50 6.29 44.38 -22.57
CA THR F 50 5.63 45.56 -23.12
C THR F 50 5.84 45.64 -24.63
N THR F 51 7.08 45.50 -25.10
CA THR F 51 7.28 45.53 -26.56
C THR F 51 6.44 44.47 -27.26
N GLU F 52 6.26 43.30 -26.61
CA GLU F 52 5.45 42.23 -27.21
C GLU F 52 3.98 42.64 -27.31
N PHE F 53 3.46 43.32 -26.29
CA PHE F 53 2.05 43.74 -26.34
C PHE F 53 1.88 44.86 -27.35
N TYR F 54 2.81 45.81 -27.36
CA TYR F 54 2.78 46.83 -28.41
C TYR F 54 2.66 46.18 -29.79
N SER F 55 3.61 45.28 -30.11
CA SER F 55 3.63 44.59 -31.41
C SER F 55 2.33 43.85 -31.70
N PHE F 56 1.79 43.11 -30.70
CA PHE F 56 0.51 42.40 -30.88
C PHE F 56 -0.63 43.37 -31.19
N SER F 57 -0.72 44.46 -30.44
CA SER F 57 -1.82 45.40 -30.66
C SER F 57 -1.69 46.12 -31.98
N LYS F 58 -0.47 46.48 -32.37
CA LYS F 58 -0.31 47.10 -33.68
C LYS F 58 -0.68 46.15 -34.81
N LYS F 59 -0.40 44.85 -34.66
CA LYS F 59 -0.70 43.87 -35.69
C LYS F 59 -2.04 43.19 -35.47
N TYR F 60 -2.93 43.79 -34.68
CA TYR F 60 -4.11 43.06 -34.22
C TYR F 60 -5.03 42.66 -35.37
N GLU F 61 -5.01 43.40 -36.49
CA GLU F 61 -6.08 43.23 -37.48
C GLU F 61 -5.73 42.15 -38.46
N GLU F 62 -4.42 41.97 -38.70
CA GLU F 62 -3.97 40.73 -39.32
C GLU F 62 -4.35 39.52 -38.51
N PHE F 63 -4.34 39.59 -37.17
CA PHE F 63 -4.86 38.46 -36.41
C PHE F 63 -6.36 38.34 -36.61
N LYS F 64 -7.08 39.47 -36.69
CA LYS F 64 -8.52 39.40 -36.86
C LYS F 64 -8.88 38.87 -38.26
N LYS F 65 -8.11 39.28 -39.28
CA LYS F 65 -8.39 38.85 -40.65
C LYS F 65 -8.16 37.38 -40.85
N LEU F 66 -7.39 36.74 -39.97
CA LEU F 66 -7.24 35.29 -39.99
C LEU F 66 -8.18 34.62 -39.00
N ASN F 67 -9.20 35.34 -38.55
CA ASN F 67 -10.22 34.77 -37.67
C ASN F 67 -9.64 34.25 -36.36
N THR F 68 -8.58 34.86 -35.84
CA THR F 68 -8.04 34.42 -34.56
C THR F 68 -8.14 35.58 -33.57
N GLU F 69 -8.47 35.26 -32.32
CA GLU F 69 -8.41 36.22 -31.22
C GLU F 69 -7.11 36.01 -30.43
N LEU F 70 -6.59 37.10 -29.90
CA LEU F 70 -5.46 37.03 -28.98
C LEU F 70 -5.96 36.99 -27.54
N ILE F 71 -5.22 36.28 -26.69
CA ILE F 71 -5.53 36.35 -25.28
C ILE F 71 -4.26 36.06 -24.47
N GLY F 72 -3.88 37.04 -23.64
CA GLY F 72 -2.64 36.97 -22.88
C GLY F 72 -2.86 36.42 -21.47
N LEU F 73 -1.76 36.25 -20.74
CA LEU F 73 -1.84 35.61 -19.43
C LEU F 73 -0.55 35.84 -18.66
N SER F 74 -0.69 36.11 -17.35
CA SER F 74 0.44 36.36 -16.47
C SER F 74 0.00 36.16 -15.02
N VAL F 75 0.97 36.02 -14.12
CA VAL F 75 0.69 35.73 -12.70
C VAL F 75 0.42 37.01 -11.90
N ASP F 76 0.03 38.07 -12.58
CA ASP F 76 -0.17 39.36 -11.98
C ASP F 76 -1.65 39.59 -11.78
N SER F 77 -1.93 40.39 -10.78
CA SER F 77 -3.29 40.70 -10.40
C SER F 77 -4.01 41.44 -11.53
N ASN F 78 -5.32 41.22 -11.63
CA ASN F 78 -6.06 41.86 -12.74
C ASN F 78 -6.12 43.38 -12.62
N ILE F 79 -5.94 43.93 -11.42
CA ILE F 79 -5.77 45.38 -11.32
C ILE F 79 -4.45 45.82 -11.93
N SER F 80 -3.37 45.06 -11.71
CA SER F 80 -2.11 45.43 -12.31
C SER F 80 -2.18 45.36 -13.85
N HIS F 81 -2.90 44.37 -14.40
CA HIS F 81 -3.14 44.35 -15.86
C HIS F 81 -3.76 45.65 -16.33
N ILE F 82 -4.85 46.09 -15.69
CA ILE F 82 -5.50 47.34 -16.08
C ILE F 82 -4.52 48.52 -16.00
N GLU F 83 -3.68 48.56 -14.95
CA GLU F 83 -2.75 49.69 -14.87
C GLU F 83 -1.65 49.60 -15.93
N TRP F 84 -1.20 48.38 -16.24
CA TRP F 84 -0.27 48.21 -17.36
C TRP F 84 -0.89 48.64 -18.69
N VAL F 85 -2.09 48.15 -19.00
CA VAL F 85 -2.79 48.57 -20.22
C VAL F 85 -2.95 50.08 -20.28
N MET F 86 -3.22 50.71 -19.14
CA MET F 86 -3.39 52.17 -19.19
C MET F 86 -2.07 52.86 -19.46
N TRP F 87 -0.97 52.36 -18.88
CA TRP F 87 0.34 52.93 -19.17
C TRP F 87 0.71 52.79 -20.64
N ILE F 88 0.36 51.65 -21.26
CA ILE F 88 0.67 51.42 -22.67
C ILE F 88 -0.12 52.36 -23.55
N GLU F 89 -1.41 52.53 -23.23
CA GLU F 89 -2.28 53.38 -24.03
C GLU F 89 -1.79 54.83 -24.04
N LYS F 90 -1.22 55.27 -22.95
CA LYS F 90 -0.85 56.67 -22.89
C LYS F 90 0.64 56.94 -23.15
N ASN F 91 1.55 55.97 -22.98
CA ASN F 91 2.94 56.24 -23.35
C ASN F 91 3.29 55.79 -24.78
N LEU F 92 2.79 54.65 -25.21
CA LEU F 92 3.06 54.14 -26.53
C LEU F 92 1.91 54.42 -27.50
N LYS F 93 0.85 55.09 -27.04
CA LYS F 93 -0.20 55.61 -27.93
C LYS F 93 -0.94 54.48 -28.68
N VAL F 94 -1.23 53.36 -28.02
CA VAL F 94 -1.98 52.29 -28.69
C VAL F 94 -2.85 51.60 -27.65
N GLU F 95 -4.03 51.16 -28.06
CA GLU F 95 -4.94 50.58 -27.08
C GLU F 95 -4.86 49.07 -27.21
N VAL F 96 -4.55 48.37 -26.12
CA VAL F 96 -4.48 46.90 -26.11
C VAL F 96 -5.90 46.35 -26.22
N PRO F 97 -6.25 45.74 -27.36
CA PRO F 97 -7.64 45.37 -27.62
C PRO F 97 -8.01 43.94 -27.28
N PHE F 98 -7.16 43.19 -26.60
CA PHE F 98 -7.48 41.81 -26.33
C PHE F 98 -7.45 41.55 -24.84
N PRO F 99 -8.09 40.48 -24.39
CA PRO F 99 -8.14 40.23 -22.94
C PRO F 99 -6.80 39.70 -22.43
N ILE F 100 -6.51 40.03 -21.18
CA ILE F 100 -5.33 39.51 -20.47
C ILE F 100 -5.83 38.72 -19.26
N ILE F 101 -5.50 37.42 -19.21
CA ILE F 101 -5.89 36.55 -18.12
C ILE F 101 -5.04 36.85 -16.89
N ALA F 102 -5.69 37.08 -15.76
CA ALA F 102 -5.00 37.22 -14.48
C ALA F 102 -5.04 35.90 -13.74
N ASP F 103 -3.86 35.37 -13.46
CA ASP F 103 -3.74 34.13 -12.70
C ASP F 103 -2.59 34.28 -11.73
N PRO F 104 -2.84 34.86 -10.56
CA PRO F 104 -1.90 34.69 -9.44
C PRO F 104 -2.11 33.31 -8.86
N MET F 105 -1.16 32.84 -8.05
CA MET F 105 -1.13 31.42 -7.64
C MET F 105 -0.72 30.50 -8.80
N GLY F 106 -1.02 30.90 -10.03
CA GLY F 106 -0.51 30.20 -11.19
C GLY F 106 -1.22 28.88 -11.49
N ASN F 107 -2.51 28.77 -11.17
CA ASN F 107 -3.18 27.49 -11.35
C ASN F 107 -3.32 27.14 -12.82
N VAL F 108 -3.84 28.07 -13.62
CA VAL F 108 -3.90 27.78 -15.05
C VAL F 108 -2.48 27.75 -15.65
N ALA F 109 -1.53 28.52 -15.12
CA ALA F 109 -0.18 28.47 -15.66
C ALA F 109 0.49 27.11 -15.45
N LYS F 110 0.25 26.47 -14.30
CA LYS F 110 0.89 25.18 -14.05
C LYS F 110 0.23 24.10 -14.89
N ARG F 111 -1.10 24.19 -15.01
CA ARG F 111 -1.87 23.28 -15.84
C ARG F 111 -1.42 23.27 -17.30
N LEU F 112 -0.99 24.39 -17.88
CA LEU F 112 -0.46 24.43 -19.25
C LEU F 112 1.07 24.34 -19.32
N GLY F 113 1.76 23.92 -18.26
CA GLY F 113 3.22 23.83 -18.31
C GLY F 113 3.91 25.12 -18.67
N MET F 114 3.45 26.24 -18.14
CA MET F 114 4.08 27.50 -18.46
C MET F 114 5.10 27.92 -17.42
N ILE F 115 5.26 27.18 -16.29
CA ILE F 115 6.29 27.56 -15.31
C ILE F 115 7.44 26.60 -15.52
N HIS F 116 8.64 27.12 -15.76
CA HIS F 116 9.79 26.25 -16.01
C HIS F 116 10.75 26.29 -14.83
N ALA F 117 12.00 25.88 -15.09
CA ALA F 117 12.96 25.65 -14.02
C ALA F 117 13.78 26.88 -13.67
N GLU F 118 13.71 27.94 -14.47
CA GLU F 118 14.59 29.09 -14.31
C GLU F 118 13.96 30.23 -13.50
N SER F 119 12.64 30.23 -13.35
CA SER F 119 11.99 31.11 -12.38
C SER F 119 10.79 30.39 -11.78
N SER F 120 10.72 30.43 -10.46
CA SER F 120 9.66 29.83 -9.67
C SER F 120 8.52 30.80 -9.39
N THR F 121 8.63 32.03 -9.95
CA THR F 121 7.76 33.16 -9.64
C THR F 121 7.00 33.72 -10.85
N ALA F 122 7.30 33.24 -12.07
CA ALA F 122 6.68 33.80 -13.26
C ALA F 122 6.68 32.76 -14.37
N THR F 123 5.73 32.93 -15.31
CA THR F 123 5.67 32.09 -16.50
C THR F 123 6.88 32.36 -17.42
N VAL F 124 7.07 31.47 -18.39
CA VAL F 124 7.99 31.75 -19.49
C VAL F 124 7.17 32.43 -20.59
N ARG F 125 7.70 32.51 -21.81
CA ARG F 125 6.96 33.09 -22.93
C ARG F 125 6.34 31.95 -23.74
N ALA F 126 5.28 31.39 -23.17
CA ALA F 126 4.57 30.30 -23.83
C ALA F 126 3.58 30.84 -24.86
N VAL F 127 3.38 30.06 -25.91
CA VAL F 127 2.43 30.40 -26.96
C VAL F 127 1.69 29.13 -27.37
N PHE F 128 0.36 29.14 -27.23
CA PHE F 128 -0.50 28.08 -27.73
C PHE F 128 -1.35 28.63 -28.85
N ILE F 129 -1.48 27.83 -29.91
CA ILE F 129 -2.36 28.16 -31.03
C ILE F 129 -3.46 27.11 -31.04
N ILE F 130 -4.69 27.57 -30.81
CA ILE F 130 -5.85 26.70 -30.75
C ILE F 130 -6.71 27.02 -31.96
N ASP F 131 -7.32 25.99 -32.56
CA ASP F 131 -8.08 26.21 -33.77
C ASP F 131 -9.58 26.34 -33.47
N ASP F 132 -10.37 26.47 -34.54
CA ASP F 132 -11.80 26.69 -34.42
C ASP F 132 -12.53 25.52 -33.76
N LYS F 133 -11.90 24.37 -33.57
CA LYS F 133 -12.59 23.29 -32.88
C LYS F 133 -11.98 23.04 -31.51
N GLY F 134 -11.02 23.88 -31.13
CA GLY F 134 -10.44 23.82 -29.81
C GLY F 134 -9.24 22.92 -29.65
N THR F 135 -8.69 22.35 -30.73
CA THR F 135 -7.53 21.47 -30.57
C THR F 135 -6.23 22.29 -30.58
N VAL F 136 -5.28 21.83 -29.75
CA VAL F 136 -4.01 22.52 -29.65
C VAL F 136 -3.18 22.20 -30.88
N ARG F 137 -2.77 23.23 -31.60
CA ARG F 137 -2.16 23.04 -32.90
C ARG F 137 -0.66 23.30 -32.94
N LEU F 138 -0.11 24.02 -31.97
CA LEU F 138 1.27 24.52 -32.01
C LEU F 138 1.63 25.03 -30.62
N ILE F 139 2.84 24.70 -30.15
CA ILE F 139 3.26 25.10 -28.82
C ILE F 139 4.66 25.68 -28.87
N LEU F 140 4.82 26.87 -28.32
CA LEU F 140 6.10 27.55 -28.24
C LEU F 140 6.41 27.92 -26.81
N TYR F 141 7.61 27.55 -26.35
CA TYR F 141 8.15 28.02 -25.07
C TYR F 141 9.40 28.86 -25.35
N TYR F 142 9.22 30.19 -25.42
CA TYR F 142 10.38 31.07 -25.44
C TYR F 142 10.78 31.46 -24.02
N PRO F 143 12.06 31.71 -23.78
CA PRO F 143 12.51 32.07 -22.43
C PRO F 143 12.17 33.52 -22.11
N MET F 144 12.40 33.89 -20.84
CA MET F 144 12.06 35.22 -20.36
C MET F 144 12.79 36.31 -21.15
N GLU F 145 14.07 36.09 -21.45
CA GLU F 145 15.07 37.09 -21.78
C GLU F 145 15.09 37.53 -23.25
N ILE F 146 14.47 36.79 -24.18
CA ILE F 146 14.30 37.25 -25.55
C ILE F 146 12.81 37.38 -25.85
N GLY F 147 12.44 38.44 -26.55
CA GLY F 147 11.07 38.57 -26.96
C GLY F 147 10.76 37.65 -28.11
N ARG F 148 9.46 37.45 -28.34
CA ARG F 148 8.97 36.59 -29.40
C ARG F 148 8.95 37.34 -30.73
N ASN F 149 8.85 36.57 -31.81
CA ASN F 149 8.66 37.09 -33.17
C ASN F 149 7.18 36.94 -33.53
N ILE F 150 6.48 38.06 -33.65
CA ILE F 150 5.03 37.99 -33.78
C ILE F 150 4.66 37.64 -35.21
N ASP F 151 5.39 38.17 -36.19
CA ASP F 151 5.17 37.75 -37.56
C ASP F 151 5.36 36.24 -37.77
N GLU F 152 6.15 35.56 -36.93
CA GLU F 152 6.23 34.11 -37.09
C GLU F 152 4.97 33.39 -36.60
N ILE F 153 4.34 33.91 -35.56
CA ILE F 153 3.04 33.39 -35.14
C ILE F 153 2.01 33.56 -36.27
N LEU F 154 2.00 34.70 -36.95
CA LEU F 154 1.05 34.91 -38.04
C LEU F 154 1.32 33.95 -39.17
N ARG F 155 2.60 33.86 -39.59
CA ARG F 155 3.01 32.91 -40.62
C ARG F 155 2.52 31.49 -40.30
N ALA F 156 2.54 31.11 -39.02
CA ALA F 156 2.15 29.74 -38.66
C ALA F 156 0.64 29.56 -38.74
N ILE F 157 -0.13 30.58 -38.35
CA ILE F 157 -1.58 30.49 -38.48
C ILE F 157 -1.99 30.39 -39.95
N ARG F 158 -1.44 31.26 -40.80
CA ARG F 158 -1.70 31.16 -42.24
C ARG F 158 -1.47 29.76 -42.75
N ALA F 159 -0.30 29.19 -42.44
CA ALA F 159 0.02 27.84 -42.89
C ALA F 159 -0.95 26.81 -42.30
N LEU F 160 -1.20 26.88 -40.99
CA LEU F 160 -2.10 25.91 -40.36
C LEU F 160 -3.49 25.97 -40.97
N GLN F 161 -3.96 27.18 -41.31
CA GLN F 161 -5.29 27.33 -41.91
C GLN F 161 -5.32 26.81 -43.33
N LEU F 162 -4.27 27.10 -44.13
CA LEU F 162 -4.16 26.53 -45.48
C LEU F 162 -4.18 25.01 -45.45
N VAL F 163 -3.54 24.41 -44.44
CA VAL F 163 -3.55 22.95 -44.29
C VAL F 163 -4.98 22.45 -44.10
N ASP F 164 -5.75 23.08 -43.21
CA ASP F 164 -7.13 22.67 -42.99
C ASP F 164 -8.01 22.85 -44.23
N LYS F 165 -7.68 23.81 -45.11
CA LYS F 165 -8.53 24.12 -46.27
C LYS F 165 -8.23 23.18 -47.43
N ALA F 166 -6.96 23.10 -47.82
CA ALA F 166 -6.54 22.44 -49.03
C ALA F 166 -5.99 21.04 -48.81
N GLY F 167 -6.02 20.52 -47.59
CA GLY F 167 -5.39 19.25 -47.26
C GLY F 167 -4.01 19.11 -47.86
N VAL F 168 -3.12 20.07 -47.54
CA VAL F 168 -1.73 20.06 -48.01
C VAL F 168 -0.84 20.20 -46.79
N VAL F 169 0.46 20.41 -47.03
CA VAL F 169 1.44 20.63 -45.99
C VAL F 169 2.39 21.73 -46.48
N THR F 170 2.75 22.66 -45.59
CA THR F 170 3.55 23.75 -46.10
C THR F 170 5.05 23.40 -46.01
N PRO F 171 5.87 23.81 -46.98
CA PRO F 171 7.32 23.59 -46.84
C PRO F 171 7.94 24.52 -45.82
N ALA F 172 9.21 24.29 -45.54
CA ALA F 172 9.98 25.11 -44.61
C ALA F 172 10.08 26.57 -45.08
N ASN F 173 9.96 27.50 -44.13
CA ASN F 173 10.01 28.95 -44.35
C ASN F 173 8.93 29.43 -45.31
N TRP F 174 7.89 28.60 -45.50
CA TRP F 174 6.76 28.98 -46.34
C TRP F 174 6.14 30.29 -45.86
N PRO F 175 5.74 31.21 -46.76
CA PRO F 175 5.68 31.05 -48.22
C PRO F 175 6.95 31.41 -48.97
N ASN F 176 8.12 31.20 -48.37
CA ASN F 176 9.40 31.58 -48.97
C ASN F 176 10.36 30.42 -49.00
N ASN F 177 9.89 29.26 -49.47
CA ASN F 177 10.74 28.10 -49.47
C ASN F 177 11.71 28.20 -50.63
N GLU F 178 12.99 27.99 -50.31
CA GLU F 178 14.12 28.07 -51.24
C GLU F 178 14.09 27.00 -52.32
N LEU F 179 13.13 26.06 -52.29
CA LEU F 179 12.95 25.10 -53.37
C LEU F 179 11.69 25.34 -54.18
N ILE F 180 10.58 25.74 -53.54
CA ILE F 180 9.30 25.79 -54.24
C ILE F 180 8.52 27.05 -53.89
N GLY F 181 9.15 27.96 -53.14
CA GLY F 181 8.59 29.26 -52.79
C GLY F 181 7.21 29.28 -52.16
N ASP F 182 6.25 29.81 -52.93
CA ASP F 182 4.85 29.89 -52.57
C ASP F 182 4.18 28.52 -52.53
N LYS F 183 4.68 27.54 -53.30
CA LYS F 183 3.96 26.28 -53.52
C LYS F 183 3.87 25.44 -52.25
N VAL F 184 2.80 24.67 -52.15
CA VAL F 184 2.58 23.78 -51.04
C VAL F 184 2.80 22.33 -51.50
N ILE F 185 2.80 21.42 -50.54
CA ILE F 185 3.25 20.05 -50.76
C ILE F 185 2.09 19.09 -50.60
N ASN F 186 2.06 18.07 -51.46
CA ASN F 186 1.04 17.03 -51.38
C ASN F 186 1.41 16.05 -50.27
N PRO F 187 0.45 15.70 -49.40
CA PRO F 187 0.73 14.72 -48.33
C PRO F 187 1.11 13.38 -48.92
N ALA F 188 2.25 12.85 -48.46
CA ALA F 188 2.87 11.69 -49.08
C ALA F 188 1.91 10.49 -49.12
N PRO F 189 2.03 9.61 -50.12
CA PRO F 189 1.11 8.48 -50.26
C PRO F 189 1.24 7.47 -49.14
N ARG F 190 0.11 6.86 -48.77
CA ARG F 190 0.02 5.99 -47.59
C ARG F 190 0.20 4.50 -47.90
N THR F 191 -0.20 4.04 -49.09
CA THR F 191 -0.09 2.63 -49.47
C THR F 191 0.77 2.54 -50.73
N ILE F 192 1.08 1.32 -51.16
CA ILE F 192 1.92 1.14 -52.34
C ILE F 192 1.13 1.37 -53.64
N LYS F 193 -0.16 1.07 -53.67
CA LYS F 193 -1.02 1.50 -54.78
C LYS F 193 -0.88 2.99 -55.03
N ASP F 194 -1.17 3.78 -54.01
CA ASP F 194 -1.19 5.22 -54.16
C ASP F 194 0.18 5.74 -54.57
N ALA F 195 1.27 5.11 -54.09
CA ALA F 195 2.60 5.62 -54.38
C ALA F 195 2.95 5.46 -55.85
N LYS F 196 2.61 4.31 -56.44
CA LYS F 196 3.01 4.09 -57.83
C LYS F 196 2.30 5.04 -58.78
N MET F 197 1.09 5.48 -58.42
CA MET F 197 0.34 6.45 -59.22
C MET F 197 1.07 7.77 -59.40
N ARG F 198 2.01 8.09 -58.52
CA ARG F 198 2.72 9.36 -58.60
C ARG F 198 4.16 9.24 -59.07
N LEU F 199 4.50 8.14 -59.75
CA LEU F 199 5.89 7.96 -60.12
C LEU F 199 6.25 8.89 -61.27
N GLY F 200 7.54 9.26 -61.33
CA GLY F 200 8.04 10.17 -62.33
C GLY F 200 7.50 11.59 -62.27
N GLN F 201 6.87 11.99 -61.13
CA GLN F 201 6.58 13.42 -61.01
C GLN F 201 7.74 14.14 -60.31
N PRO F 202 7.87 15.46 -60.50
CA PRO F 202 9.07 16.16 -60.05
C PRO F 202 9.37 16.02 -58.56
N PHE F 203 10.68 15.83 -58.31
CA PHE F 203 11.36 15.38 -57.11
C PHE F 203 11.23 13.88 -57.00
N ASP F 204 10.10 13.38 -56.50
CA ASP F 204 9.91 11.93 -56.36
C ASP F 204 8.46 11.68 -55.96
N TRP F 205 8.11 10.41 -55.77
CA TRP F 205 6.71 10.08 -55.54
C TRP F 205 6.22 10.56 -54.18
N TRP F 206 7.10 10.67 -53.20
CA TRP F 206 6.70 11.20 -51.89
C TRP F 206 6.78 12.72 -51.79
N PHE F 207 7.38 13.38 -52.76
CA PHE F 207 7.68 14.81 -52.74
C PHE F 207 7.08 15.43 -54.01
N THR F 208 5.79 15.73 -53.95
CA THR F 208 5.06 16.35 -55.04
C THR F 208 4.45 17.67 -54.58
N TYR F 209 4.50 18.69 -55.44
CA TYR F 209 4.07 20.03 -55.07
C TYR F 209 3.11 20.60 -56.12
N LYS F 210 2.16 21.37 -55.62
CA LYS F 210 1.13 22.08 -56.39
C LYS F 210 1.22 23.56 -56.11
N GLU F 211 0.22 24.33 -56.53
CA GLU F 211 0.14 25.73 -56.19
C GLU F 211 -1.26 26.07 -55.73
N VAL F 212 -1.36 27.16 -54.97
CA VAL F 212 -2.67 27.56 -54.46
C VAL F 212 -2.81 29.07 -54.65
N ARG G 5 13.50 -14.39 -15.83
CA ARG G 5 12.25 -14.10 -16.49
C ARG G 5 12.60 -14.71 -17.82
N ILE G 6 11.64 -14.91 -18.73
CA ILE G 6 11.96 -15.81 -19.85
C ILE G 6 13.18 -15.30 -20.61
N PRO G 7 14.21 -16.12 -20.85
CA PRO G 7 15.44 -15.60 -21.45
C PRO G 7 15.23 -15.27 -22.92
N LEU G 8 16.06 -14.34 -23.40
CA LEU G 8 15.94 -13.82 -24.75
C LEU G 8 17.30 -13.81 -25.42
N ILE G 9 17.28 -13.60 -26.74
CA ILE G 9 18.51 -13.60 -27.52
C ILE G 9 19.41 -12.48 -27.00
N GLY G 10 20.66 -12.84 -26.66
CA GLY G 10 21.62 -11.88 -26.14
C GLY G 10 21.88 -12.01 -24.64
N GLU G 11 20.83 -12.26 -23.85
CA GLU G 11 20.97 -12.56 -22.42
C GLU G 11 21.79 -13.82 -22.17
N LYS G 12 22.47 -13.85 -21.03
CA LYS G 12 23.11 -15.09 -20.63
C LYS G 12 22.12 -16.10 -20.10
N PHE G 13 22.36 -17.35 -20.44
CA PHE G 13 21.52 -18.43 -19.98
C PHE G 13 21.54 -18.45 -18.44
N PRO G 14 20.37 -18.57 -17.81
CA PRO G 14 20.28 -18.44 -16.35
C PRO G 14 21.03 -19.54 -15.60
N GLU G 15 21.75 -19.14 -14.56
CA GLU G 15 22.34 -20.16 -13.70
C GLU G 15 21.31 -21.09 -13.09
N MET G 16 21.52 -22.40 -13.24
CA MET G 16 20.60 -23.37 -12.69
C MET G 16 21.28 -24.72 -12.63
N GLU G 17 20.97 -25.50 -11.60
CA GLU G 17 21.50 -26.85 -11.47
C GLU G 17 20.37 -27.84 -11.72
N VAL G 18 20.62 -28.84 -12.56
CA VAL G 18 19.60 -29.77 -13.03
C VAL G 18 20.07 -31.21 -12.79
N ILE G 19 19.10 -32.10 -12.74
CA ILE G 19 19.35 -33.51 -12.46
C ILE G 19 19.00 -34.28 -13.72
N THR G 20 19.98 -34.99 -14.28
CA THR G 20 19.90 -35.61 -15.60
C THR G 20 20.28 -37.09 -15.52
N THR G 21 19.93 -37.83 -16.57
CA THR G 21 20.35 -39.22 -16.75
C THR G 21 21.86 -39.40 -16.69
N HIS G 22 22.66 -38.34 -16.65
CA HIS G 22 24.11 -38.46 -16.52
C HIS G 22 24.60 -37.88 -15.19
N GLY G 23 23.70 -37.74 -14.22
CA GLY G 23 24.03 -37.10 -12.98
C GLY G 23 23.58 -35.66 -12.92
N LYS G 24 24.12 -34.95 -11.93
CA LYS G 24 23.97 -33.52 -11.82
C LYS G 24 24.80 -32.77 -12.84
N ILE G 25 24.28 -31.61 -13.25
CA ILE G 25 24.87 -30.73 -14.26
C ILE G 25 24.54 -29.30 -13.87
N LYS G 26 25.50 -28.40 -14.02
CA LYS G 26 25.39 -27.01 -13.59
C LYS G 26 25.30 -26.22 -14.88
N LEU G 27 24.16 -25.57 -15.12
CA LEU G 27 23.83 -25.65 -16.53
C LEU G 27 24.61 -24.71 -17.44
N PRO G 28 24.63 -23.40 -17.25
CA PRO G 28 25.37 -22.57 -18.24
C PRO G 28 26.87 -22.85 -18.24
N ASP G 29 27.43 -23.33 -17.11
CA ASP G 29 28.86 -23.35 -16.80
C ASP G 29 29.56 -24.67 -17.12
N ASP G 30 28.96 -25.82 -16.82
CA ASP G 30 29.61 -27.07 -17.16
C ASP G 30 29.87 -27.21 -18.65
N TYR G 31 29.34 -26.28 -19.46
CA TYR G 31 29.53 -26.28 -20.91
C TYR G 31 30.21 -24.98 -21.34
N LYS G 32 31.25 -24.59 -20.62
CA LYS G 32 31.64 -23.19 -20.61
C LYS G 32 32.58 -22.87 -21.76
N GLY G 33 32.96 -23.83 -22.57
CA GLY G 33 33.63 -23.40 -23.80
C GLY G 33 33.08 -24.10 -25.02
N ARG G 34 32.05 -24.89 -24.78
CA ARG G 34 31.30 -25.52 -25.84
C ARG G 34 30.00 -24.78 -26.09
N TRP G 35 29.44 -24.99 -27.29
CA TRP G 35 28.04 -24.67 -27.53
C TRP G 35 27.16 -25.79 -27.00
N PHE G 36 25.91 -25.47 -26.67
CA PHE G 36 24.98 -26.58 -26.46
C PHE G 36 23.57 -26.20 -26.87
N VAL G 37 22.83 -27.24 -27.29
CA VAL G 37 21.42 -27.14 -27.65
C VAL G 37 20.59 -27.76 -26.55
N LEU G 38 20.03 -26.93 -25.68
CA LEU G 38 19.02 -27.36 -24.72
C LEU G 38 17.67 -27.43 -25.43
N PHE G 39 17.03 -28.59 -25.42
CA PHE G 39 15.75 -28.72 -26.09
C PHE G 39 14.82 -29.55 -25.24
N SER G 40 13.55 -29.14 -25.22
CA SER G 40 12.49 -29.83 -24.49
C SER G 40 11.67 -30.71 -25.43
N HIS G 41 11.05 -31.73 -24.86
CA HIS G 41 10.01 -32.51 -25.53
C HIS G 41 8.91 -32.76 -24.54
N PRO G 42 7.63 -32.92 -25.01
CA PRO G 42 6.50 -33.10 -24.10
C PRO G 42 6.67 -34.19 -23.06
N GLY G 43 6.89 -35.44 -23.50
CA GLY G 43 7.10 -36.50 -22.54
C GLY G 43 7.74 -37.74 -23.13
N ASP G 44 8.40 -38.51 -22.27
CA ASP G 44 8.92 -39.81 -22.66
C ASP G 44 7.80 -40.74 -23.08
N PHE G 45 8.16 -41.73 -23.88
CA PHE G 45 7.22 -42.68 -24.45
C PHE G 45 6.12 -41.99 -25.24
N THR G 46 6.39 -40.74 -25.72
CA THR G 46 5.48 -40.39 -26.79
C THR G 46 6.16 -40.63 -28.14
N PRO G 47 5.39 -40.91 -29.19
CA PRO G 47 6.01 -41.34 -30.46
C PRO G 47 6.82 -40.26 -31.17
N VAL G 48 6.30 -39.03 -31.27
CA VAL G 48 7.04 -38.02 -32.05
C VAL G 48 8.37 -37.70 -31.38
N CYS G 49 8.34 -37.51 -30.03
CA CYS G 49 9.58 -37.28 -29.28
C CYS G 49 10.58 -38.42 -29.48
N THR G 50 10.10 -39.66 -29.66
CA THR G 50 11.02 -40.76 -29.92
C THR G 50 11.73 -40.57 -31.27
N THR G 51 10.96 -40.28 -32.34
CA THR G 51 11.62 -40.04 -33.63
C THR G 51 12.66 -38.92 -33.52
N GLU G 52 12.37 -37.89 -32.70
CA GLU G 52 13.31 -36.78 -32.54
C GLU G 52 14.59 -37.23 -31.85
N PHE G 53 14.48 -38.10 -30.84
CA PHE G 53 15.68 -38.58 -30.16
C PHE G 53 16.47 -39.51 -31.06
N TYR G 54 15.77 -40.41 -31.77
CA TYR G 54 16.46 -41.22 -32.77
C TYR G 54 17.30 -40.34 -33.69
N SER G 55 16.66 -39.36 -34.34
CA SER G 55 17.33 -38.45 -35.27
C SER G 55 18.52 -37.74 -34.64
N PHE G 56 18.35 -37.21 -33.41
CA PHE G 56 19.46 -36.54 -32.70
C PHE G 56 20.63 -37.49 -32.46
N SER G 57 20.34 -38.71 -31.99
CA SER G 57 21.42 -39.64 -31.70
C SER G 57 22.11 -40.11 -32.96
N LYS G 58 21.35 -40.34 -34.03
CA LYS G 58 22.00 -40.72 -35.28
C LYS G 58 22.89 -39.60 -35.81
N LYS G 59 22.50 -38.34 -35.63
CA LYS G 59 23.27 -37.21 -36.13
C LYS G 59 24.20 -36.63 -35.07
N TYR G 60 24.52 -37.41 -34.02
CA TYR G 60 25.18 -36.82 -32.86
C TYR G 60 26.57 -36.28 -33.19
N GLU G 61 27.23 -36.81 -34.22
CA GLU G 61 28.66 -36.54 -34.37
C GLU G 61 28.88 -35.29 -35.19
N GLU G 62 27.92 -34.99 -36.10
CA GLU G 62 27.84 -33.65 -36.64
C GLU G 62 27.60 -32.61 -35.56
N PHE G 63 26.85 -32.93 -34.51
CA PHE G 63 26.77 -31.97 -33.41
C PHE G 63 28.11 -31.88 -32.69
N LYS G 64 28.81 -33.01 -32.54
CA LYS G 64 30.09 -32.98 -31.84
C LYS G 64 31.14 -32.25 -32.67
N LYS G 65 31.11 -32.43 -34.00
CA LYS G 65 32.10 -31.79 -34.86
C LYS G 65 31.94 -30.29 -34.91
N LEU G 66 30.76 -29.78 -34.53
CA LEU G 66 30.56 -28.34 -34.39
C LEU G 66 30.72 -27.91 -32.95
N ASN G 67 31.35 -28.73 -32.11
CA ASN G 67 31.66 -28.37 -30.73
C ASN G 67 30.40 -28.07 -29.92
N THR G 68 29.27 -28.71 -30.22
CA THR G 68 28.07 -28.47 -29.43
C THR G 68 27.67 -29.78 -28.77
N GLU G 69 27.20 -29.69 -27.52
CA GLU G 69 26.59 -30.82 -26.84
C GLU G 69 25.07 -30.71 -26.89
N LEU G 70 24.39 -31.85 -26.96
CA LEU G 70 22.95 -31.88 -26.85
C LEU G 70 22.53 -32.11 -25.41
N ILE G 71 21.40 -31.52 -25.03
CA ILE G 71 20.85 -31.86 -23.72
C ILE G 71 19.34 -31.65 -23.74
N GLY G 72 18.60 -32.74 -23.47
CA GLY G 72 17.15 -32.74 -23.55
C GLY G 72 16.51 -32.45 -22.21
N LEU G 73 15.17 -32.37 -22.21
CA LEU G 73 14.46 -31.97 -21.01
C LEU G 73 12.97 -32.26 -21.15
N SER G 74 12.36 -32.76 -20.07
CA SER G 74 10.94 -33.11 -20.05
C SER G 74 10.48 -33.19 -18.59
N VAL G 75 9.14 -33.15 -18.41
CA VAL G 75 8.56 -33.14 -17.06
C VAL G 75 8.40 -34.54 -16.47
N ASP G 76 9.17 -35.48 -16.99
CA ASP G 76 9.06 -36.88 -16.61
C ASP G 76 10.18 -37.19 -15.64
N SER G 77 9.89 -38.18 -14.81
CA SER G 77 10.81 -38.62 -13.78
C SER G 77 12.08 -39.18 -14.41
N ASN G 78 13.20 -39.01 -13.71
CA ASN G 78 14.47 -39.49 -14.28
C ASN G 78 14.55 -41.01 -14.41
N ILE G 79 13.75 -41.74 -13.64
CA ILE G 79 13.65 -43.18 -13.90
C ILE G 79 12.94 -43.43 -15.23
N SER G 80 11.88 -42.68 -15.52
CA SER G 80 11.21 -42.89 -16.80
C SER G 80 12.15 -42.54 -17.98
N HIS G 81 12.99 -41.52 -17.85
CA HIS G 81 14.01 -41.24 -18.86
C HIS G 81 14.86 -42.48 -19.12
N ILE G 82 15.42 -43.07 -18.06
CA ILE G 82 16.25 -44.27 -18.22
C ILE G 82 15.48 -45.39 -18.90
N GLU G 83 14.18 -45.57 -18.56
CA GLU G 83 13.46 -46.66 -19.21
C GLU G 83 13.15 -46.33 -20.67
N TRP G 84 12.89 -45.06 -20.99
CA TRP G 84 12.75 -44.64 -22.37
C TRP G 84 14.04 -44.87 -23.16
N VAL G 85 15.17 -44.38 -22.64
CA VAL G 85 16.46 -44.63 -23.30
C VAL G 85 16.72 -46.11 -23.52
N MET G 86 16.34 -46.95 -22.55
CA MET G 86 16.59 -48.37 -22.74
C MET G 86 15.69 -48.95 -23.83
N TRP G 87 14.44 -48.50 -23.91
CA TRP G 87 13.56 -48.95 -24.99
C TRP G 87 14.10 -48.53 -26.35
N ILE G 88 14.66 -47.33 -26.45
CA ILE G 88 15.18 -46.84 -27.72
C ILE G 88 16.40 -47.65 -28.14
N GLU G 89 17.29 -47.92 -27.19
CA GLU G 89 18.51 -48.67 -27.47
C GLU G 89 18.20 -50.06 -28.01
N LYS G 90 17.13 -50.66 -27.53
CA LYS G 90 16.88 -52.03 -27.94
C LYS G 90 15.82 -52.18 -29.04
N ASN G 91 14.93 -51.22 -29.25
CA ASN G 91 14.02 -51.34 -30.39
C ASN G 91 14.51 -50.65 -31.66
N LEU G 92 15.10 -49.47 -31.52
CA LEU G 92 15.61 -48.72 -32.66
C LEU G 92 17.11 -48.89 -32.83
N LYS G 93 17.76 -49.68 -31.97
CA LYS G 93 19.16 -50.08 -32.17
C LYS G 93 20.13 -48.88 -32.16
N VAL G 94 19.93 -47.90 -31.27
CA VAL G 94 20.84 -46.77 -31.20
C VAL G 94 20.92 -46.31 -29.75
N GLU G 95 22.10 -45.86 -29.33
CA GLU G 95 22.26 -45.52 -27.93
C GLU G 95 22.17 -44.00 -27.82
N VAL G 96 21.25 -43.48 -27.00
CA VAL G 96 21.10 -42.04 -26.79
C VAL G 96 22.29 -41.54 -25.98
N PRO G 97 23.19 -40.76 -26.58
CA PRO G 97 24.47 -40.42 -25.93
C PRO G 97 24.49 -39.09 -25.21
N PHE G 98 23.35 -38.45 -25.03
CA PHE G 98 23.38 -37.14 -24.38
C PHE G 98 22.49 -37.14 -23.15
N PRO G 99 22.69 -36.20 -22.24
CA PRO G 99 21.89 -36.20 -21.02
C PRO G 99 20.48 -35.71 -21.28
N ILE G 100 19.54 -36.24 -20.50
CA ILE G 100 18.15 -35.79 -20.52
C ILE G 100 17.82 -35.25 -19.12
N ILE G 101 17.44 -33.97 -19.05
CA ILE G 101 17.09 -33.32 -17.80
C ILE G 101 15.71 -33.79 -17.35
N ALA G 102 15.61 -34.25 -16.10
CA ALA G 102 14.33 -34.57 -15.49
C ALA G 102 13.85 -33.40 -14.65
N ASP G 103 12.70 -32.86 -15.01
CA ASP G 103 12.08 -31.78 -14.26
C ASP G 103 10.60 -32.04 -14.16
N PRO G 104 10.17 -32.83 -13.18
CA PRO G 104 8.75 -32.81 -12.79
C PRO G 104 8.53 -31.55 -11.96
N MET G 105 7.25 -31.19 -11.78
CA MET G 105 6.90 -29.87 -11.22
C MET G 105 7.18 -28.74 -12.23
N GLY G 106 8.15 -28.93 -13.12
CA GLY G 106 8.34 -28.02 -14.22
C GLY G 106 9.01 -26.71 -13.83
N ASN G 107 9.89 -26.72 -12.82
CA ASN G 107 10.46 -25.45 -12.36
C ASN G 107 11.39 -24.86 -13.40
N VAL G 108 12.32 -25.65 -13.90
CA VAL G 108 13.17 -25.13 -14.97
C VAL G 108 12.36 -24.93 -16.26
N ALA G 109 11.32 -25.73 -16.51
CA ALA G 109 10.51 -25.52 -17.71
C ALA G 109 9.77 -24.18 -17.69
N LYS G 110 9.27 -23.77 -16.52
CA LYS G 110 8.52 -22.51 -16.47
C LYS G 110 9.48 -21.34 -16.59
N ARG G 111 10.63 -21.46 -15.94
CA ARG G 111 11.69 -20.47 -15.99
C ARG G 111 12.16 -20.18 -17.43
N LEU G 112 12.19 -21.17 -18.33
CA LEU G 112 12.53 -20.93 -19.74
C LEU G 112 11.32 -20.76 -20.67
N GLY G 113 10.13 -20.50 -20.13
CA GLY G 113 8.95 -20.33 -20.98
C GLY G 113 8.68 -21.51 -21.89
N MET G 114 8.81 -22.72 -21.38
CA MET G 114 8.55 -23.87 -22.21
C MET G 114 7.15 -24.43 -22.04
N ILE G 115 6.34 -23.88 -21.09
CA ILE G 115 4.96 -24.38 -20.95
C ILE G 115 4.06 -23.34 -21.63
N HIS G 116 3.25 -23.75 -22.59
CA HIS G 116 2.41 -22.80 -23.30
C HIS G 116 0.94 -23.00 -22.91
N ALA G 117 0.05 -22.49 -23.75
CA ALA G 117 -1.36 -22.40 -23.41
C ALA G 117 -2.16 -23.64 -23.80
N GLU G 118 -1.59 -24.53 -24.59
CA GLU G 118 -2.33 -25.66 -25.15
C GLU G 118 -2.21 -26.94 -24.34
N SER G 119 -1.22 -27.04 -23.46
CA SER G 119 -1.17 -28.10 -22.46
C SER G 119 -0.57 -27.56 -21.17
N SER G 120 -1.26 -27.83 -20.08
CA SER G 120 -0.88 -27.43 -18.74
C SER G 120 -0.04 -28.48 -18.03
N THR G 121 0.26 -29.58 -18.74
CA THR G 121 0.86 -30.80 -18.19
C THR G 121 2.21 -31.18 -18.84
N ALA G 122 2.62 -30.49 -19.90
CA ALA G 122 3.85 -30.86 -20.60
C ALA G 122 4.42 -29.63 -21.32
N THR G 123 5.74 -29.68 -21.56
CA THR G 123 6.41 -28.65 -22.34
C THR G 123 5.97 -28.71 -23.80
N VAL G 124 6.31 -27.65 -24.55
CA VAL G 124 6.20 -27.69 -26.01
C VAL G 124 7.53 -28.21 -26.53
N ARG G 125 7.79 -28.05 -27.83
CA ARG G 125 9.07 -28.45 -28.41
C ARG G 125 9.97 -27.23 -28.51
N ALA G 126 10.49 -26.82 -27.35
CA ALA G 126 11.38 -25.67 -27.29
C ALA G 126 12.81 -26.07 -27.65
N VAL G 127 13.53 -25.13 -28.25
CA VAL G 127 14.93 -25.32 -28.61
C VAL G 127 15.69 -24.04 -28.29
N PHE G 128 16.70 -24.14 -27.43
CA PHE G 128 17.61 -23.05 -27.16
C PHE G 128 18.99 -23.43 -27.66
N ILE G 129 19.65 -22.48 -28.32
CA ILE G 129 21.03 -22.64 -28.77
C ILE G 129 21.89 -21.67 -27.96
N ILE G 130 22.78 -22.21 -27.16
CA ILE G 130 23.64 -21.43 -26.29
C ILE G 130 25.05 -21.58 -26.83
N ASP G 131 25.83 -20.49 -26.78
CA ASP G 131 27.16 -20.53 -27.37
C ASP G 131 28.23 -20.79 -26.29
N ASP G 132 29.49 -20.77 -26.72
CA ASP G 132 30.61 -21.07 -25.85
C ASP G 132 30.76 -20.08 -24.70
N LYS G 133 30.07 -18.94 -24.72
CA LYS G 133 30.18 -18.02 -23.57
C LYS G 133 28.88 -17.99 -22.79
N GLY G 134 27.92 -18.84 -23.16
CA GLY G 134 26.70 -18.99 -22.44
C GLY G 134 25.57 -18.07 -22.84
N THR G 135 25.69 -17.29 -23.92
CA THR G 135 24.60 -16.40 -24.31
C THR G 135 23.59 -17.13 -25.18
N VAL G 136 22.32 -16.79 -24.99
CA VAL G 136 21.25 -17.43 -25.75
C VAL G 136 21.26 -16.85 -27.16
N ARG G 137 21.40 -17.72 -28.13
CA ARG G 137 21.63 -17.27 -29.50
C ARG G 137 20.44 -17.45 -30.44
N LEU G 138 19.46 -18.31 -30.09
CA LEU G 138 18.39 -18.73 -30.99
C LEU G 138 17.34 -19.44 -30.18
N ILE G 139 16.06 -19.14 -30.43
CA ILE G 139 14.98 -19.76 -29.66
C ILE G 139 13.90 -20.25 -30.60
N LEU G 140 13.53 -21.51 -30.46
CA LEU G 140 12.47 -22.12 -31.24
C LEU G 140 11.42 -22.72 -30.33
N TYR G 141 10.15 -22.38 -30.58
CA TYR G 141 9.01 -23.05 -29.94
C TYR G 141 8.20 -23.76 -31.02
N TYR G 142 8.46 -25.07 -31.20
CA TYR G 142 7.58 -25.87 -32.03
C TYR G 142 6.48 -26.49 -31.17
N PRO G 143 5.30 -26.71 -31.77
CA PRO G 143 4.18 -27.27 -31.00
C PRO G 143 4.37 -28.77 -30.79
N MET G 144 3.48 -29.34 -29.96
CA MET G 144 3.56 -30.76 -29.61
C MET G 144 3.47 -31.66 -30.84
N GLU G 145 2.59 -31.32 -31.78
CA GLU G 145 2.02 -32.20 -32.79
C GLU G 145 2.87 -32.37 -34.05
N ILE G 146 3.85 -31.52 -34.32
CA ILE G 146 4.81 -31.73 -35.40
C ILE G 146 6.20 -31.90 -34.82
N GLY G 147 6.96 -32.83 -35.35
CA GLY G 147 8.33 -32.95 -34.92
C GLY G 147 9.19 -31.86 -35.52
N ARG G 148 10.38 -31.69 -34.92
CA ARG G 148 11.33 -30.68 -35.35
C ARG G 148 12.14 -31.18 -36.53
N ASN G 149 12.79 -30.25 -37.22
CA ASN G 149 13.75 -30.53 -38.28
C ASN G 149 15.17 -30.39 -37.71
N ILE G 150 15.87 -31.51 -37.59
CA ILE G 150 17.14 -31.49 -36.86
C ILE G 150 18.23 -30.90 -37.74
N ASP G 151 18.21 -31.22 -39.03
CA ASP G 151 19.15 -30.57 -39.93
C ASP G 151 19.03 -29.06 -39.96
N GLU G 152 17.87 -28.49 -39.61
CA GLU G 152 17.79 -27.03 -39.55
C GLU G 152 18.51 -26.48 -38.32
N ILE G 153 18.46 -27.20 -37.20
CA ILE G 153 19.26 -26.81 -36.04
C ILE G 153 20.76 -26.83 -36.37
N LEU G 154 21.22 -27.84 -37.11
CA LEU G 154 22.63 -27.90 -37.48
C LEU G 154 22.99 -26.74 -38.39
N ARG G 155 22.19 -26.52 -39.43
CA ARG G 155 22.38 -25.39 -40.32
C ARG G 155 22.51 -24.07 -39.56
N ALA G 156 21.74 -23.92 -38.47
CA ALA G 156 21.78 -22.66 -37.73
C ALA G 156 23.05 -22.54 -36.90
N ILE G 157 23.52 -23.65 -36.32
CA ILE G 157 24.78 -23.61 -35.58
C ILE G 157 25.94 -23.28 -36.52
N ARG G 158 26.03 -23.96 -37.66
CA ARG G 158 27.05 -23.62 -38.65
C ARG G 158 27.08 -22.13 -38.96
N ALA G 159 25.89 -21.58 -39.27
CA ALA G 159 25.81 -20.15 -39.59
C ALA G 159 26.21 -19.30 -38.40
N LEU G 160 25.67 -19.60 -37.21
CA LEU G 160 25.99 -18.80 -36.02
C LEU G 160 27.49 -18.82 -35.73
N GLN G 161 28.14 -19.97 -35.93
CA GLN G 161 29.57 -20.09 -35.69
C GLN G 161 30.38 -19.32 -36.73
N LEU G 162 30.00 -19.42 -38.02
CA LEU G 162 30.64 -18.62 -39.07
C LEU G 162 30.54 -17.13 -38.78
N VAL G 163 29.41 -16.68 -38.23
CA VAL G 163 29.25 -15.28 -37.84
C VAL G 163 30.27 -14.88 -36.79
N ASP G 164 30.44 -15.69 -35.75
CA ASP G 164 31.42 -15.40 -34.71
C ASP G 164 32.86 -15.40 -35.24
N LYS G 165 33.15 -16.18 -36.30
CA LYS G 165 34.53 -16.32 -36.80
C LYS G 165 34.88 -15.18 -37.74
N ALA G 166 34.05 -14.97 -38.77
CA ALA G 166 34.37 -14.09 -39.87
C ALA G 166 33.70 -12.72 -39.77
N GLY G 167 33.00 -12.44 -38.67
CA GLY G 167 32.23 -11.21 -38.55
C GLY G 167 31.41 -10.90 -39.79
N VAL G 168 30.57 -11.85 -40.22
CA VAL G 168 29.70 -11.69 -41.38
C VAL G 168 28.28 -12.00 -40.94
N VAL G 169 27.37 -12.10 -41.91
CA VAL G 169 25.97 -12.46 -41.67
C VAL G 169 25.54 -13.41 -42.79
N THR G 170 24.81 -14.46 -42.44
CA THR G 170 24.49 -15.41 -43.49
C THR G 170 23.20 -15.01 -44.21
N PRO G 171 23.10 -15.21 -45.53
CA PRO G 171 21.82 -14.93 -46.20
C PRO G 171 20.80 -16.00 -45.90
N ALA G 172 19.57 -15.76 -46.36
CA ALA G 172 18.46 -16.70 -46.19
C ALA G 172 18.72 -18.04 -46.88
N ASN G 173 18.35 -19.12 -46.19
CA ASN G 173 18.52 -20.50 -46.65
C ASN G 173 19.99 -20.86 -46.89
N TRP G 174 20.90 -20.07 -46.30
CA TRP G 174 22.33 -20.35 -46.40
C TRP G 174 22.64 -21.75 -45.88
N PRO G 175 23.54 -22.52 -46.54
CA PRO G 175 24.41 -22.10 -47.65
C PRO G 175 23.81 -22.28 -49.04
N ASN G 176 22.50 -22.11 -49.18
CA ASN G 176 21.80 -22.33 -50.46
C ASN G 176 20.97 -21.13 -50.85
N ASN G 177 21.57 -19.94 -50.75
CA ASN G 177 20.79 -18.75 -51.03
C ASN G 177 20.65 -18.60 -52.54
N GLU G 178 19.40 -18.40 -52.98
CA GLU G 178 19.02 -18.25 -54.39
C GLU G 178 19.60 -17.01 -55.05
N LEU G 179 20.31 -16.13 -54.32
CA LEU G 179 21.02 -15.01 -54.93
C LEU G 179 22.52 -15.17 -54.90
N ILE G 180 23.09 -15.73 -53.82
CA ILE G 180 24.54 -15.71 -53.66
C ILE G 180 25.06 -17.05 -53.15
N GLY G 181 24.17 -18.05 -53.06
CA GLY G 181 24.51 -19.42 -52.68
C GLY G 181 25.28 -19.61 -51.39
N ASP G 182 26.54 -20.05 -51.55
CA ASP G 182 27.48 -20.26 -50.47
C ASP G 182 27.94 -18.95 -49.82
N LYS G 183 27.91 -17.83 -50.56
CA LYS G 183 28.54 -16.59 -50.12
C LYS G 183 27.83 -15.98 -48.91
N VAL G 184 28.62 -15.30 -48.08
CA VAL G 184 28.11 -14.62 -46.90
C VAL G 184 28.11 -13.10 -47.15
N ILE G 185 27.49 -12.38 -46.23
CA ILE G 185 27.17 -10.97 -46.44
C ILE G 185 27.97 -10.10 -45.47
N ASN G 186 28.43 -8.96 -45.97
CA ASN G 186 29.15 -7.99 -45.15
C ASN G 186 28.16 -7.20 -44.30
N PRO G 187 28.43 -7.06 -43.01
CA PRO G 187 27.54 -6.28 -42.13
C PRO G 187 27.48 -4.83 -42.59
N ALA G 188 26.25 -4.34 -42.78
CA ALA G 188 26.03 -3.05 -43.44
C ALA G 188 26.77 -1.91 -42.73
N PRO G 189 27.18 -0.87 -43.45
CA PRO G 189 27.95 0.22 -42.84
C PRO G 189 27.13 1.03 -41.84
N ARG G 190 27.82 1.51 -40.80
CA ARG G 190 27.17 2.15 -39.66
C ARG G 190 27.11 3.68 -39.76
N THR G 191 28.09 4.32 -40.39
CA THR G 191 28.13 5.77 -40.52
C THR G 191 28.13 6.12 -42.01
N ILE G 192 28.06 7.42 -42.33
CA ILE G 192 28.02 7.85 -43.73
C ILE G 192 29.42 7.81 -44.36
N LYS G 193 30.49 8.04 -43.59
CA LYS G 193 31.83 7.77 -44.08
C LYS G 193 31.96 6.35 -44.61
N ASP G 194 31.67 5.39 -43.75
CA ASP G 194 31.85 4.00 -44.11
C ASP G 194 30.98 3.62 -45.30
N ALA G 195 29.79 4.21 -45.43
CA ALA G 195 28.90 3.82 -46.52
C ALA G 195 29.44 4.25 -47.87
N LYS G 196 29.99 5.47 -47.96
CA LYS G 196 30.43 5.95 -49.26
C LYS G 196 31.62 5.14 -49.78
N MET G 197 32.43 4.59 -48.88
CA MET G 197 33.55 3.74 -49.25
C MET G 197 33.13 2.52 -50.04
N ARG G 198 31.89 2.08 -49.92
CA ARG G 198 31.43 0.88 -50.60
C ARG G 198 30.52 1.16 -51.79
N LEU G 199 30.55 2.36 -52.34
CA LEU G 199 29.61 2.68 -53.41
C LEU G 199 30.02 1.98 -54.70
N GLY G 200 29.03 1.69 -55.53
CA GLY G 200 29.24 0.98 -56.77
C GLY G 200 29.73 -0.43 -56.66
N GLN G 201 29.62 -1.07 -55.46
CA GLN G 201 29.87 -2.50 -55.44
C GLN G 201 28.57 -3.27 -55.67
N PRO G 202 28.66 -4.53 -56.11
CA PRO G 202 27.45 -5.25 -56.55
C PRO G 202 26.35 -5.36 -55.50
N PHE G 203 25.13 -5.15 -56.01
CA PHE G 203 23.85 -4.88 -55.36
C PHE G 203 23.82 -3.42 -54.95
N ASP G 204 24.42 -3.08 -53.82
CA ASP G 204 24.41 -1.69 -53.35
C ASP G 204 25.36 -1.59 -52.16
N TRP G 205 25.46 -0.38 -51.60
CA TRP G 205 26.45 -0.16 -50.57
C TRP G 205 26.12 -0.90 -49.26
N TRP G 206 24.84 -1.15 -48.99
CA TRP G 206 24.46 -1.89 -47.80
C TRP G 206 24.42 -3.41 -48.01
N PHE G 207 24.52 -3.86 -49.26
CA PHE G 207 24.35 -5.26 -49.66
C PHE G 207 25.60 -5.67 -50.44
N THR G 208 26.65 -6.04 -49.71
CA THR G 208 27.91 -6.50 -50.28
C THR G 208 28.22 -7.90 -49.78
N TYR G 209 28.73 -8.75 -50.68
CA TYR G 209 28.95 -10.16 -50.36
C TYR G 209 30.37 -10.59 -50.75
N LYS G 210 30.92 -11.49 -49.93
CA LYS G 210 32.23 -12.08 -50.10
C LYS G 210 32.09 -13.59 -50.17
N GLU G 211 33.21 -14.32 -50.06
CA GLU G 211 33.15 -15.77 -49.98
C GLU G 211 34.06 -16.25 -48.87
N VAL G 212 33.79 -17.46 -48.39
CA VAL G 212 34.59 -18.01 -47.31
C VAL G 212 34.90 -19.46 -47.64
N ARG H 5 -0.05 -10.13 -23.37
CA ARG H 5 1.22 -10.45 -22.75
C ARG H 5 1.74 -11.37 -23.82
N ILE H 6 3.01 -11.73 -23.82
CA ILE H 6 3.55 -12.33 -25.06
C ILE H 6 2.74 -13.57 -25.44
N PRO H 7 2.24 -13.68 -26.68
CA PRO H 7 1.35 -14.80 -27.00
C PRO H 7 2.12 -16.11 -27.09
N LEU H 8 1.38 -17.19 -26.84
CA LEU H 8 1.96 -18.52 -26.78
C LEU H 8 1.14 -19.50 -27.61
N ILE H 9 1.72 -20.67 -27.84
CA ILE H 9 1.07 -21.69 -28.65
C ILE H 9 -0.26 -22.06 -27.98
N GLY H 10 -1.35 -21.99 -28.75
CA GLY H 10 -2.68 -22.30 -28.26
C GLY H 10 -3.56 -21.07 -28.02
N GLU H 11 -2.99 -19.99 -27.50
CA GLU H 11 -3.69 -18.70 -27.37
C GLU H 11 -4.11 -18.14 -28.73
N LYS H 12 -5.20 -17.38 -28.72
CA LYS H 12 -5.57 -16.66 -29.93
C LYS H 12 -4.69 -15.45 -30.14
N PHE H 13 -4.36 -15.21 -31.39
CA PHE H 13 -3.56 -14.05 -31.75
C PHE H 13 -4.29 -12.79 -31.31
N PRO H 14 -3.58 -11.85 -30.67
CA PRO H 14 -4.24 -10.67 -30.07
C PRO H 14 -4.88 -9.76 -31.10
N GLU H 15 -6.09 -9.31 -30.80
CA GLU H 15 -6.69 -8.30 -31.65
C GLU H 15 -5.84 -7.02 -31.74
N MET H 16 -5.57 -6.60 -32.97
CA MET H 16 -4.77 -5.41 -33.19
C MET H 16 -4.96 -4.92 -34.61
N GLU H 17 -4.95 -3.61 -34.79
CA GLU H 17 -5.05 -3.02 -36.12
C GLU H 17 -3.71 -2.41 -36.48
N VAL H 18 -3.23 -2.71 -37.69
CA VAL H 18 -1.89 -2.35 -38.12
C VAL H 18 -1.96 -1.62 -39.46
N ILE H 19 -0.91 -0.85 -39.74
CA ILE H 19 -0.84 -0.03 -40.94
C ILE H 19 0.27 -0.60 -41.79
N THR H 20 -0.08 -1.02 -43.01
CA THR H 20 0.81 -1.79 -43.89
C THR H 20 0.89 -1.14 -45.27
N THR H 21 1.89 -1.55 -46.05
CA THR H 21 2.04 -1.16 -47.44
C THR H 21 0.81 -1.48 -48.29
N HIS H 22 -0.18 -2.19 -47.77
CA HIS H 22 -1.42 -2.45 -48.51
C HIS H 22 -2.62 -1.78 -47.85
N GLY H 23 -2.37 -0.78 -47.02
CA GLY H 23 -3.42 -0.16 -46.26
C GLY H 23 -3.51 -0.66 -44.83
N LYS H 24 -4.62 -0.33 -44.20
CA LYS H 24 -4.97 -0.88 -42.91
C LYS H 24 -5.40 -2.34 -42.99
N ILE H 25 -5.13 -3.07 -41.91
CA ILE H 25 -5.39 -4.49 -41.77
C ILE H 25 -5.73 -4.75 -40.30
N LYS H 26 -6.73 -5.59 -40.06
CA LYS H 26 -7.25 -5.86 -38.72
C LYS H 26 -6.80 -7.27 -38.42
N LEU H 27 -5.93 -7.43 -37.42
CA LEU H 27 -4.97 -8.47 -37.76
C LEU H 27 -5.46 -9.90 -37.63
N PRO H 28 -5.97 -10.38 -36.48
CA PRO H 28 -6.35 -11.81 -36.46
C PRO H 28 -7.51 -12.13 -37.39
N ASP H 29 -8.37 -11.14 -37.70
CA ASP H 29 -9.70 -11.30 -38.29
C ASP H 29 -9.74 -11.14 -39.81
N ASP H 30 -9.04 -10.18 -40.39
CA ASP H 30 -9.05 -10.05 -41.85
C ASP H 30 -8.53 -11.30 -42.53
N TYR H 31 -7.97 -12.24 -41.77
CA TYR H 31 -7.46 -13.51 -42.29
C TYR H 31 -8.20 -14.68 -41.67
N LYS H 32 -9.53 -14.58 -41.60
CA LYS H 32 -10.27 -15.36 -40.63
C LYS H 32 -10.61 -16.75 -41.15
N GLY H 33 -10.25 -17.08 -42.37
CA GLY H 33 -10.34 -18.48 -42.70
C GLY H 33 -9.11 -19.00 -43.40
N ARG H 34 -8.13 -18.12 -43.51
CA ARG H 34 -6.82 -18.48 -44.01
C ARG H 34 -5.84 -18.64 -42.85
N TRP H 35 -4.76 -19.37 -43.13
CA TRP H 35 -3.57 -19.31 -42.28
C TRP H 35 -2.76 -18.06 -42.64
N PHE H 36 -1.98 -17.56 -41.69
CA PHE H 36 -0.98 -16.60 -42.11
C PHE H 36 0.29 -16.68 -41.26
N VAL H 37 1.40 -16.31 -41.89
CA VAL H 37 2.71 -16.24 -41.27
C VAL H 37 3.07 -14.78 -41.05
N LEU H 38 2.87 -14.29 -39.84
CA LEU H 38 3.40 -13.00 -39.44
C LEU H 38 4.87 -13.15 -39.07
N PHE H 39 5.73 -12.39 -39.73
CA PHE H 39 7.16 -12.50 -39.44
C PHE H 39 7.78 -11.12 -39.43
N SER H 40 8.70 -10.92 -38.50
CA SER H 40 9.44 -9.67 -38.34
C SER H 40 10.83 -9.78 -38.97
N HIS H 41 11.37 -8.64 -39.36
CA HIS H 41 12.79 -8.52 -39.73
C HIS H 41 13.31 -7.26 -39.11
N PRO H 42 14.64 -7.17 -38.79
CA PRO H 42 15.21 -5.99 -38.12
C PRO H 42 14.90 -4.67 -38.80
N GLY H 43 15.29 -4.51 -40.06
CA GLY H 43 14.97 -3.27 -40.75
C GLY H 43 15.09 -3.37 -42.26
N ASP H 44 14.36 -2.48 -42.95
CA ASP H 44 14.50 -2.35 -44.38
C ASP H 44 15.90 -1.92 -44.75
N PHE H 45 16.27 -2.22 -46.00
CA PHE H 45 17.61 -1.95 -46.51
C PHE H 45 18.68 -2.61 -45.67
N THR H 46 18.32 -3.68 -44.91
CA THR H 46 19.47 -4.46 -44.51
C THR H 46 19.61 -5.66 -45.45
N PRO H 47 20.83 -6.17 -45.64
CA PRO H 47 21.04 -7.19 -46.67
C PRO H 47 20.39 -8.55 -46.37
N VAL H 48 20.50 -9.06 -45.14
CA VAL H 48 19.96 -10.40 -44.89
C VAL H 48 18.44 -10.39 -45.04
N CYS H 49 17.78 -9.36 -44.47
CA CYS H 49 16.33 -9.22 -44.62
C CYS H 49 15.92 -9.14 -46.10
N THR H 50 16.76 -8.56 -46.95
CA THR H 50 16.46 -8.54 -48.38
C THR H 50 16.45 -9.96 -48.96
N THR H 51 17.50 -10.75 -48.69
CA THR H 51 17.49 -12.11 -49.21
C THR H 51 16.25 -12.87 -48.72
N GLU H 52 15.80 -12.60 -47.49
CA GLU H 52 14.61 -13.28 -46.95
C GLU H 52 13.36 -12.88 -47.72
N PHE H 53 13.23 -11.60 -48.07
CA PHE H 53 12.05 -11.17 -48.82
C PHE H 53 12.09 -11.70 -50.24
N TYR H 54 13.27 -11.65 -50.87
CA TYR H 54 13.41 -12.30 -52.18
C TYR H 54 12.90 -13.74 -52.13
N SER H 55 13.43 -14.54 -51.20
CA SER H 55 13.05 -15.95 -51.06
C SER H 55 11.55 -16.12 -50.82
N PHE H 56 10.96 -15.30 -49.93
CA PHE H 56 9.51 -15.37 -49.69
C PHE H 56 8.70 -15.06 -50.95
N SER H 57 9.09 -14.01 -51.68
CA SER H 57 8.32 -13.66 -52.86
C SER H 57 8.49 -14.68 -53.96
N LYS H 58 9.68 -15.23 -54.12
CA LYS H 58 9.85 -16.28 -55.12
C LYS H 58 9.02 -17.52 -54.78
N LYS H 59 8.90 -17.85 -53.49
CA LYS H 59 8.14 -19.03 -53.08
C LYS H 59 6.70 -18.71 -52.71
N TYR H 60 6.17 -17.57 -53.17
CA TYR H 60 4.90 -17.08 -52.66
C TYR H 60 3.75 -18.03 -52.95
N GLU H 61 3.84 -18.83 -54.02
CA GLU H 61 2.64 -19.51 -54.50
C GLU H 61 2.48 -20.85 -53.81
N GLU H 62 3.61 -21.45 -53.41
CA GLU H 62 3.55 -22.51 -52.41
C GLU H 62 2.92 -22.04 -51.12
N PHE H 63 3.15 -20.80 -50.70
CA PHE H 63 2.41 -20.31 -49.54
C PHE H 63 0.93 -20.17 -49.88
N LYS H 64 0.61 -19.72 -51.09
CA LYS H 64 -0.78 -19.53 -51.45
C LYS H 64 -1.48 -20.88 -51.59
N LYS H 65 -0.78 -21.88 -52.14
CA LYS H 65 -1.39 -23.21 -52.33
C LYS H 65 -1.67 -23.90 -51.02
N LEU H 66 -1.02 -23.49 -49.94
CA LEU H 66 -1.35 -23.99 -48.61
C LEU H 66 -2.30 -23.05 -47.88
N ASN H 67 -2.96 -22.16 -48.61
CA ASN H 67 -3.98 -21.28 -48.03
C ASN H 67 -3.41 -20.38 -46.94
N THR H 68 -2.14 -19.98 -47.03
CA THR H 68 -1.59 -19.07 -46.03
C THR H 68 -1.17 -17.78 -46.72
N GLU H 69 -1.39 -16.65 -46.05
CA GLU H 69 -0.88 -15.37 -46.50
C GLU H 69 0.38 -15.02 -45.70
N LEU H 70 1.31 -14.33 -46.35
CA LEU H 70 2.48 -13.79 -45.67
C LEU H 70 2.22 -12.35 -45.22
N ILE H 71 2.80 -11.99 -44.09
CA ILE H 71 2.74 -10.58 -43.71
C ILE H 71 3.94 -10.24 -42.84
N GLY H 72 4.74 -9.28 -43.31
CA GLY H 72 5.98 -8.90 -42.66
C GLY H 72 5.81 -7.74 -41.71
N LEU H 73 6.90 -7.38 -41.02
CA LEU H 73 6.80 -6.36 -39.97
C LEU H 73 8.19 -5.89 -39.57
N SER H 74 8.34 -4.58 -39.37
CA SER H 74 9.61 -3.97 -38.99
C SER H 74 9.33 -2.60 -38.39
N VAL H 75 10.35 -2.06 -37.68
CA VAL H 75 10.19 -0.77 -36.98
C VAL H 75 10.46 0.43 -37.89
N ASP H 76 10.34 0.22 -39.19
CA ASP H 76 10.66 1.22 -40.17
C ASP H 76 9.38 1.85 -40.67
N SER H 77 9.51 3.09 -41.09
CA SER H 77 8.39 3.86 -41.58
C SER H 77 7.79 3.24 -42.82
N ASN H 78 6.48 3.39 -43.00
CA ASN H 78 5.84 2.76 -44.16
C ASN H 78 6.28 3.36 -45.50
N ILE H 79 6.80 4.58 -45.50
CA ILE H 79 7.44 5.08 -46.71
C ILE H 79 8.73 4.32 -47.01
N SER H 80 9.53 4.03 -45.97
CA SER H 80 10.74 3.28 -46.22
C SER H 80 10.42 1.86 -46.73
N HIS H 81 9.36 1.23 -46.24
CA HIS H 81 8.91 -0.05 -46.80
C HIS H 81 8.68 0.06 -48.30
N ILE H 82 7.89 1.05 -48.73
CA ILE H 82 7.63 1.24 -50.16
C ILE H 82 8.94 1.44 -50.93
N GLU H 83 9.90 2.20 -50.38
CA GLU H 83 11.14 2.40 -51.13
C GLU H 83 11.98 1.13 -51.15
N TRP H 84 11.96 0.34 -50.08
CA TRP H 84 12.62 -0.97 -50.09
C TRP H 84 11.98 -1.90 -51.13
N VAL H 85 10.65 -2.04 -51.11
CA VAL H 85 9.96 -2.85 -52.11
C VAL H 85 10.29 -2.40 -53.52
N MET H 86 10.40 -1.09 -53.75
CA MET H 86 10.70 -0.65 -55.10
C MET H 86 12.12 -1.01 -55.49
N TRP H 87 13.07 -0.91 -54.55
CA TRP H 87 14.45 -1.32 -54.84
C TRP H 87 14.52 -2.81 -55.18
N ILE H 88 13.74 -3.64 -54.46
CA ILE H 88 13.75 -5.09 -54.70
C ILE H 88 13.18 -5.40 -56.06
N GLU H 89 12.08 -4.75 -56.41
CA GLU H 89 11.42 -5.00 -57.70
C GLU H 89 12.34 -4.69 -58.87
N LYS H 90 13.18 -3.69 -58.72
CA LYS H 90 13.99 -3.30 -59.86
C LYS H 90 15.42 -3.82 -59.83
N ASN H 91 15.99 -4.19 -58.67
CA ASN H 91 17.32 -4.79 -58.70
C ASN H 91 17.30 -6.32 -58.74
N LEU H 92 16.40 -6.95 -58.00
CA LEU H 92 16.29 -8.39 -57.96
C LEU H 92 15.17 -8.91 -58.86
N LYS H 93 14.45 -8.02 -59.55
CA LYS H 93 13.51 -8.41 -60.60
C LYS H 93 12.34 -9.26 -60.05
N VAL H 94 11.81 -8.92 -58.88
CA VAL H 94 10.66 -9.68 -58.35
C VAL H 94 9.79 -8.73 -57.57
N GLU H 95 8.48 -8.94 -57.62
CA GLU H 95 7.58 -8.00 -56.98
C GLU H 95 7.16 -8.61 -55.64
N VAL H 96 7.38 -7.89 -54.54
CA VAL H 96 6.99 -8.35 -53.21
C VAL H 96 5.46 -8.28 -53.10
N PRO H 97 4.77 -9.41 -53.06
CA PRO H 97 3.31 -9.43 -53.19
C PRO H 97 2.55 -9.47 -51.86
N PHE H 98 3.22 -9.29 -50.73
CA PHE H 98 2.51 -9.38 -49.48
C PHE H 98 2.66 -8.09 -48.69
N PRO H 99 1.79 -7.84 -47.71
CA PRO H 99 1.88 -6.59 -46.97
C PRO H 99 3.03 -6.62 -45.98
N ILE H 100 3.60 -5.44 -45.74
CA ILE H 100 4.63 -5.25 -44.72
C ILE H 100 4.08 -4.25 -43.70
N ILE H 101 3.99 -4.69 -42.43
CA ILE H 101 3.50 -3.85 -41.35
C ILE H 101 4.57 -2.85 -40.95
N ALA H 102 4.21 -1.57 -40.90
CA ALA H 102 5.09 -0.53 -40.38
C ALA H 102 4.73 -0.24 -38.93
N ASP H 103 5.70 -0.45 -38.06
CA ASP H 103 5.54 -0.16 -36.64
C ASP H 103 6.80 0.49 -36.13
N PRO H 104 6.93 1.81 -36.28
CA PRO H 104 7.91 2.54 -35.48
C PRO H 104 7.34 2.71 -34.08
N MET H 105 8.21 3.07 -33.13
CA MET H 105 7.85 3.00 -31.71
C MET H 105 7.76 1.56 -31.21
N GLY H 106 7.43 0.62 -32.10
CA GLY H 106 7.51 -0.79 -31.76
C GLY H 106 6.39 -1.29 -30.88
N ASN H 107 5.18 -0.71 -30.97
CA ASN H 107 4.12 -1.10 -30.05
C ASN H 107 3.66 -2.52 -30.33
N VAL H 108 3.35 -2.84 -31.57
CA VAL H 108 3.01 -4.23 -31.86
C VAL H 108 4.23 -5.15 -31.71
N ALA H 109 5.44 -4.66 -31.96
CA ALA H 109 6.63 -5.51 -31.77
C ALA H 109 6.82 -5.91 -30.31
N LYS H 110 6.59 -4.98 -29.38
CA LYS H 110 6.80 -5.32 -27.97
C LYS H 110 5.71 -6.26 -27.48
N ARG H 111 4.47 -6.00 -27.92
CA ARG H 111 3.33 -6.85 -27.62
C ARG H 111 3.54 -8.31 -28.04
N LEU H 112 4.23 -8.60 -29.14
CA LEU H 112 4.53 -9.98 -29.55
C LEU H 112 5.93 -10.46 -29.11
N GLY H 113 6.58 -9.79 -28.18
CA GLY H 113 7.92 -10.21 -27.75
C GLY H 113 8.93 -10.32 -28.87
N MET H 114 8.93 -9.37 -29.79
CA MET H 114 9.87 -9.43 -30.87
C MET H 114 11.13 -8.61 -30.61
N ILE H 115 11.20 -7.84 -29.50
CA ILE H 115 12.42 -7.07 -29.22
C ILE H 115 13.17 -7.86 -28.14
N HIS H 116 14.42 -8.21 -28.40
CA HIS H 116 15.17 -9.00 -27.43
C HIS H 116 16.28 -8.14 -26.79
N ALA H 117 17.26 -8.81 -26.21
CA ALA H 117 18.25 -8.15 -25.37
C ALA H 117 19.46 -7.64 -26.14
N GLU H 118 19.62 -8.04 -27.39
CA GLU H 118 20.83 -7.75 -28.15
C GLU H 118 20.73 -6.51 -29.02
N SER H 119 19.52 -6.03 -29.30
CA SER H 119 19.33 -4.72 -29.90
C SER H 119 18.06 -4.09 -29.33
N SER H 120 18.20 -2.84 -28.89
CA SER H 120 17.13 -2.04 -28.33
C SER H 120 16.42 -1.21 -29.39
N THR H 121 16.82 -1.36 -30.66
CA THR H 121 16.43 -0.51 -31.77
C THR H 121 15.73 -1.26 -32.92
N ALA H 122 15.67 -2.59 -32.86
CA ALA H 122 15.09 -3.37 -33.96
C ALA H 122 14.59 -4.72 -33.44
N THR H 123 13.62 -5.29 -34.17
CA THR H 123 13.13 -6.63 -33.85
C THR H 123 14.21 -7.68 -34.15
N VAL H 124 13.97 -8.91 -33.66
CA VAL H 124 14.75 -10.05 -34.09
C VAL H 124 14.04 -10.64 -35.30
N ARG H 125 14.39 -11.86 -35.69
CA ARG H 125 13.72 -12.54 -36.80
C ARG H 125 12.65 -13.48 -36.24
N ALA H 126 11.56 -12.87 -35.80
CA ALA H 126 10.45 -13.62 -35.24
C ALA H 126 9.56 -14.16 -36.35
N VAL H 127 8.96 -15.33 -36.09
CA VAL H 127 8.02 -15.94 -37.02
C VAL H 127 6.87 -16.52 -36.21
N PHE H 128 5.64 -16.06 -36.50
CA PHE H 128 4.43 -16.63 -35.94
C PHE H 128 3.64 -17.29 -37.06
N ILE H 129 3.11 -18.47 -36.79
CA ILE H 129 2.23 -19.18 -37.69
C ILE H 129 0.86 -19.23 -37.05
N ILE H 130 -0.10 -18.57 -37.67
CA ILE H 130 -1.46 -18.50 -37.16
C ILE H 130 -2.34 -19.30 -38.11
N ASP H 131 -3.32 -20.01 -37.56
CA ASP H 131 -4.14 -20.86 -38.40
C ASP H 131 -5.47 -20.18 -38.78
N ASP H 132 -6.31 -20.92 -39.48
CA ASP H 132 -7.57 -20.39 -39.99
C ASP H 132 -8.53 -19.96 -38.89
N LYS H 133 -8.29 -20.30 -37.63
CA LYS H 133 -9.17 -19.83 -36.57
C LYS H 133 -8.48 -18.80 -35.69
N GLY H 134 -7.26 -18.43 -36.06
CA GLY H 134 -6.55 -17.38 -35.39
C GLY H 134 -5.69 -17.81 -34.21
N THR H 135 -5.51 -19.12 -33.96
CA THR H 135 -4.68 -19.54 -32.83
C THR H 135 -3.21 -19.61 -33.23
N VAL H 136 -2.35 -19.23 -32.30
CA VAL H 136 -0.91 -19.24 -32.55
C VAL H 136 -0.43 -20.67 -32.51
N ARG H 137 0.18 -21.11 -33.60
CA ARG H 137 0.50 -22.51 -33.75
C ARG H 137 1.98 -22.85 -33.62
N LEU H 138 2.88 -21.87 -33.78
CA LEU H 138 4.32 -22.10 -33.90
C LEU H 138 5.02 -20.76 -33.75
N ILE H 139 6.11 -20.73 -32.98
CA ILE H 139 6.83 -19.48 -32.75
C ILE H 139 8.32 -19.69 -32.93
N LEU H 140 8.94 -18.87 -33.76
CA LEU H 140 10.37 -18.91 -34.01
C LEU H 140 10.98 -17.56 -33.74
N TYR H 141 12.04 -17.54 -32.94
CA TYR H 141 12.88 -16.36 -32.76
C TYR H 141 14.28 -16.67 -33.31
N TYR H 142 14.54 -16.28 -34.56
CA TYR H 142 15.91 -16.32 -35.08
C TYR H 142 16.61 -14.98 -34.80
N PRO H 143 17.92 -15.01 -34.62
CA PRO H 143 18.65 -13.77 -34.32
C PRO H 143 18.85 -12.95 -35.59
N MET H 144 19.37 -11.73 -35.39
CA MET H 144 19.55 -10.78 -36.50
C MET H 144 20.47 -11.36 -37.59
N GLU H 145 21.54 -12.03 -37.17
CA GLU H 145 22.76 -12.27 -37.94
C GLU H 145 22.70 -13.48 -38.87
N ILE H 146 21.75 -14.41 -38.71
CA ILE H 146 21.54 -15.49 -39.67
C ILE H 146 20.14 -15.35 -40.27
N GLY H 147 20.04 -15.57 -41.57
CA GLY H 147 18.73 -15.56 -42.17
C GLY H 147 17.98 -16.83 -41.85
N ARG H 148 16.66 -16.79 -42.08
CA ARG H 148 15.78 -17.91 -41.82
C ARG H 148 15.81 -18.88 -42.98
N ASN H 149 15.31 -20.09 -42.73
CA ASN H 149 15.10 -21.13 -43.74
C ASN H 149 13.62 -21.14 -44.10
N ILE H 150 13.30 -20.73 -45.33
CA ILE H 150 11.90 -20.52 -45.68
C ILE H 150 11.23 -21.85 -45.97
N ASP H 151 11.95 -22.76 -46.63
CA ASP H 151 11.40 -24.09 -46.81
C ASP H 151 11.07 -24.79 -45.50
N GLU H 152 11.70 -24.43 -44.39
CA GLU H 152 11.30 -25.05 -43.11
C GLU H 152 9.96 -24.51 -42.61
N ILE H 153 9.68 -23.23 -42.85
CA ILE H 153 8.36 -22.68 -42.55
C ILE H 153 7.28 -23.41 -43.38
N LEU H 154 7.55 -23.67 -44.65
CA LEU H 154 6.57 -24.38 -45.47
C LEU H 154 6.34 -25.78 -44.96
N ARG H 155 7.44 -26.51 -44.72
CA ARG H 155 7.38 -27.85 -44.14
C ARG H 155 6.51 -27.87 -42.88
N ALA H 156 6.59 -26.82 -42.06
CA ALA H 156 5.84 -26.81 -40.80
C ALA H 156 4.36 -26.57 -41.05
N ILE H 157 4.03 -25.70 -42.01
CA ILE H 157 2.62 -25.48 -42.34
C ILE H 157 1.99 -26.77 -42.89
N ARG H 158 2.66 -27.42 -43.85
CA ARG H 158 2.17 -28.70 -44.35
C ARG H 158 1.87 -29.67 -43.23
N ALA H 159 2.82 -29.84 -42.31
CA ALA H 159 2.62 -30.75 -41.20
C ALA H 159 1.47 -30.30 -40.29
N LEU H 160 1.45 -29.00 -39.94
CA LEU H 160 0.40 -28.50 -39.06
C LEU H 160 -0.99 -28.69 -39.68
N GLN H 161 -1.08 -28.51 -41.01
CA GLN H 161 -2.36 -28.68 -41.69
C GLN H 161 -2.77 -30.15 -41.76
N LEU H 162 -1.82 -31.05 -42.06
CA LEU H 162 -2.08 -32.50 -42.02
C LEU H 162 -2.58 -32.94 -40.64
N VAL H 163 -2.04 -32.35 -39.57
CA VAL H 163 -2.50 -32.65 -38.22
C VAL H 163 -3.97 -32.28 -38.05
N ASP H 164 -4.35 -31.08 -38.48
CA ASP H 164 -5.74 -30.65 -38.38
C ASP H 164 -6.69 -31.53 -39.21
N LYS H 165 -6.21 -32.12 -40.32
CA LYS H 165 -7.07 -32.88 -41.23
C LYS H 165 -7.26 -34.30 -40.75
N ALA H 166 -6.15 -35.00 -40.50
CA ALA H 166 -6.14 -36.43 -40.25
C ALA H 166 -6.05 -36.80 -38.78
N GLY H 167 -6.06 -35.82 -37.87
CA GLY H 167 -5.84 -36.07 -36.46
C GLY H 167 -4.67 -36.99 -36.20
N VAL H 168 -3.49 -36.64 -36.72
CA VAL H 168 -2.27 -37.42 -36.54
C VAL H 168 -1.20 -36.47 -36.00
N VAL H 169 0.04 -36.96 -35.96
CA VAL H 169 1.20 -36.17 -35.52
C VAL H 169 2.36 -36.52 -36.45
N THR H 170 3.12 -35.51 -36.86
CA THR H 170 4.16 -35.84 -37.83
C THR H 170 5.45 -36.24 -37.12
N PRO H 171 6.21 -37.21 -37.63
CA PRO H 171 7.51 -37.50 -37.01
C PRO H 171 8.54 -36.44 -37.32
N ALA H 172 9.70 -36.56 -36.68
CA ALA H 172 10.82 -35.66 -36.90
C ALA H 172 11.31 -35.66 -38.35
N ASN H 173 11.64 -34.46 -38.86
CA ASN H 173 12.11 -34.24 -40.22
C ASN H 173 11.11 -34.71 -41.27
N TRP H 174 9.84 -34.87 -40.87
CA TRP H 174 8.79 -35.25 -41.80
C TRP H 174 8.70 -34.25 -42.95
N PRO H 175 8.49 -34.70 -44.21
CA PRO H 175 8.16 -36.07 -44.61
C PRO H 175 9.37 -36.96 -44.90
N ASN H 176 10.47 -36.77 -44.19
CA ASN H 176 11.72 -37.52 -44.44
C ASN H 176 12.23 -38.15 -43.17
N ASN H 177 11.35 -38.81 -42.43
CA ASN H 177 11.77 -39.39 -41.16
C ASN H 177 12.55 -40.65 -41.44
N GLU H 178 13.74 -40.75 -40.82
CA GLU H 178 14.68 -41.87 -40.95
C GLU H 178 14.15 -43.18 -40.40
N LEU H 179 12.96 -43.20 -39.78
CA LEU H 179 12.31 -44.45 -39.37
C LEU H 179 11.10 -44.80 -40.20
N ILE H 180 10.28 -43.81 -40.59
CA ILE H 180 8.99 -44.13 -41.21
C ILE H 180 8.71 -43.21 -42.41
N GLY H 181 9.71 -42.40 -42.80
CA GLY H 181 9.65 -41.54 -43.97
C GLY H 181 8.46 -40.62 -44.10
N ASP H 182 7.63 -40.91 -45.10
CA ASP H 182 6.39 -40.21 -45.39
C ASP H 182 5.32 -40.43 -44.31
N LYS H 183 5.36 -41.56 -43.60
CA LYS H 183 4.27 -41.98 -42.72
C LYS H 183 4.09 -41.05 -41.52
N VAL H 184 2.85 -40.93 -41.08
CA VAL H 184 2.52 -40.12 -39.91
C VAL H 184 2.20 -41.05 -38.74
N ILE H 185 2.06 -40.45 -37.55
CA ILE H 185 2.00 -41.19 -36.30
C ILE H 185 0.62 -41.05 -35.67
N ASN H 186 0.14 -42.14 -35.08
CA ASN H 186 -1.13 -42.13 -34.37
C ASN H 186 -0.94 -41.51 -33.00
N PRO H 187 -1.82 -40.58 -32.60
CA PRO H 187 -1.72 -39.96 -31.27
C PRO H 187 -1.88 -41.02 -30.18
N ALA H 188 -0.92 -41.04 -29.26
CA ALA H 188 -0.80 -42.13 -28.29
C ALA H 188 -2.09 -42.29 -27.47
N PRO H 189 -2.40 -43.52 -27.03
CA PRO H 189 -3.65 -43.76 -26.30
C PRO H 189 -3.68 -43.07 -24.94
N ARG H 190 -4.89 -42.64 -24.55
CA ARG H 190 -5.08 -41.80 -23.35
C ARG H 190 -5.43 -42.59 -22.08
N THR H 191 -6.13 -43.73 -22.21
CA THR H 191 -6.53 -44.53 -21.07
C THR H 191 -5.94 -45.93 -21.23
N ILE H 192 -6.10 -46.78 -20.22
CA ILE H 192 -5.55 -48.14 -20.27
C ILE H 192 -6.40 -49.05 -21.16
N LYS H 193 -7.72 -48.85 -21.23
CA LYS H 193 -8.54 -49.52 -22.23
C LYS H 193 -7.97 -49.34 -23.63
N ASP H 194 -7.84 -48.08 -24.03
CA ASP H 194 -7.41 -47.77 -25.38
C ASP H 194 -6.02 -48.32 -25.65
N ALA H 195 -5.14 -48.35 -24.64
CA ALA H 195 -3.78 -48.79 -24.87
C ALA H 195 -3.71 -50.28 -25.19
N LYS H 196 -4.49 -51.09 -24.46
CA LYS H 196 -4.38 -52.53 -24.67
C LYS H 196 -4.88 -52.94 -26.06
N MET H 197 -5.82 -52.17 -26.61
CA MET H 197 -6.33 -52.42 -27.96
C MET H 197 -5.25 -52.36 -29.03
N ARG H 198 -4.13 -51.68 -28.76
CA ARG H 198 -3.07 -51.54 -29.75
C ARG H 198 -1.84 -52.39 -29.45
N LEU H 199 -1.97 -53.42 -28.63
CA LEU H 199 -0.78 -54.17 -28.26
C LEU H 199 -0.31 -55.02 -29.43
N GLY H 200 1.00 -55.28 -29.45
CA GLY H 200 1.62 -56.04 -30.52
C GLY H 200 1.57 -55.42 -31.90
N GLN H 201 1.29 -54.09 -32.00
CA GLN H 201 1.49 -53.47 -33.31
C GLN H 201 2.91 -52.90 -33.40
N PRO H 202 3.42 -52.70 -34.62
CA PRO H 202 4.84 -52.36 -34.79
C PRO H 202 5.29 -51.10 -34.04
N PHE H 203 6.50 -51.26 -33.45
CA PHE H 203 7.16 -50.46 -32.43
C PHE H 203 6.57 -50.81 -31.08
N ASP H 204 5.43 -50.23 -30.73
CA ASP H 204 4.81 -50.49 -29.44
C ASP H 204 3.43 -49.84 -29.43
N TRP H 205 2.72 -49.98 -28.30
CA TRP H 205 1.34 -49.51 -28.27
C TRP H 205 1.23 -47.99 -28.33
N TRP H 206 2.23 -47.27 -27.85
CA TRP H 206 2.21 -45.82 -27.93
C TRP H 206 2.79 -45.26 -29.23
N PHE H 207 3.43 -46.11 -30.04
CA PHE H 207 4.17 -45.72 -31.23
C PHE H 207 3.62 -46.55 -32.41
N THR H 208 2.52 -46.07 -32.97
CA THR H 208 1.88 -46.71 -34.11
C THR H 208 1.80 -45.73 -35.27
N TYR H 209 2.04 -46.22 -36.49
CA TYR H 209 2.13 -45.36 -37.67
C TYR H 209 1.27 -45.90 -38.80
N LYS H 210 0.69 -44.96 -39.55
CA LYS H 210 -0.16 -45.21 -40.72
C LYS H 210 0.45 -44.50 -41.92
N GLU H 211 -0.31 -44.41 -43.02
CA GLU H 211 0.12 -43.64 -44.17
C GLU H 211 -1.02 -42.76 -44.65
N VAL H 212 -0.65 -41.70 -45.37
CA VAL H 212 -1.68 -40.80 -45.88
C VAL H 212 -1.34 -40.47 -47.33
N ARG I 5 5.75 -22.21 10.41
CA ARG I 5 4.57 -22.36 9.59
C ARG I 5 4.44 -23.86 9.70
N ILE I 6 3.33 -24.45 9.29
CA ILE I 6 3.11 -25.84 9.75
C ILE I 6 4.27 -26.74 9.31
N PRO I 7 4.90 -27.51 10.20
CA PRO I 7 6.10 -28.25 9.80
C PRO I 7 5.75 -29.41 8.91
N LEU I 8 6.73 -29.80 8.10
CA LEU I 8 6.55 -30.83 7.09
C LEU I 8 7.70 -31.83 7.16
N ILE I 9 7.49 -32.96 6.47
CA ILE I 9 8.49 -34.02 6.47
C ILE I 9 9.79 -33.47 5.90
N GLY I 10 10.89 -33.64 6.65
CA GLY I 10 12.20 -33.16 6.25
C GLY I 10 12.66 -31.92 7.00
N GLU I 11 11.76 -30.97 7.26
CA GLU I 11 12.05 -29.81 8.11
C GLU I 11 12.42 -30.21 9.53
N LYS I 12 13.25 -29.39 10.17
CA LYS I 12 13.49 -29.60 11.59
C LYS I 12 12.35 -29.14 12.43
N PHE I 13 12.08 -29.91 13.48
CA PHE I 13 11.02 -29.56 14.41
C PHE I 13 11.32 -28.19 15.02
N PRO I 14 10.31 -27.32 15.08
CA PRO I 14 10.55 -25.92 15.50
C PRO I 14 11.00 -25.81 16.95
N GLU I 15 11.99 -24.95 17.18
CA GLU I 15 12.36 -24.67 18.56
C GLU I 15 11.20 -24.09 19.37
N MET I 16 10.93 -24.69 20.53
CA MET I 16 9.85 -24.23 21.37
C MET I 16 10.04 -24.80 22.77
N GLU I 17 9.67 -24.01 23.77
CA GLU I 17 9.72 -24.47 25.15
C GLU I 17 8.31 -24.66 25.66
N VAL I 18 8.05 -25.81 26.29
CA VAL I 18 6.71 -26.22 26.69
C VAL I 18 6.69 -26.58 28.16
N ILE I 19 5.50 -26.54 28.75
CA ILE I 19 5.31 -26.79 30.17
C ILE I 19 4.50 -28.06 30.27
N THR I 20 5.07 -29.07 30.94
CA THR I 20 4.53 -30.43 30.97
C THR I 20 4.41 -30.93 32.41
N THR I 21 3.64 -32.01 32.57
CA THR I 21 3.52 -32.72 33.84
C THR I 21 4.86 -33.17 34.41
N HIS I 22 5.97 -33.03 33.67
CA HIS I 22 7.29 -33.38 34.19
C HIS I 22 8.17 -32.15 34.30
N GLY I 23 7.58 -30.97 34.33
CA GLY I 23 8.33 -29.73 34.32
C GLY I 23 8.42 -29.11 32.95
N LYS I 24 9.32 -28.14 32.84
CA LYS I 24 9.68 -27.56 31.56
C LYS I 24 10.52 -28.51 30.71
N ILE I 25 10.36 -28.37 29.39
CA ILE I 25 11.01 -29.18 28.38
C ILE I 25 11.27 -28.28 27.17
N LYS I 26 12.44 -28.43 26.55
CA LYS I 26 12.88 -27.57 25.45
C LYS I 26 12.81 -28.47 24.23
N LEU I 27 11.94 -28.15 23.28
CA LEU I 27 11.35 -29.36 22.72
C LEU I 27 12.21 -30.12 21.74
N PRO I 28 12.72 -29.54 20.65
CA PRO I 28 13.50 -30.41 19.71
C PRO I 28 14.79 -30.93 20.33
N ASP I 29 15.36 -30.22 21.34
CA ASP I 29 16.72 -30.37 21.83
C ASP I 29 16.87 -31.26 23.05
N ASP I 30 15.98 -31.17 24.04
CA ASP I 30 16.10 -32.06 25.19
C ASP I 30 16.02 -33.53 24.79
N TYR I 31 15.68 -33.82 23.54
CA TYR I 31 15.60 -35.19 23.02
C TYR I 31 16.58 -35.37 21.88
N LYS I 32 17.81 -34.90 22.05
CA LYS I 32 18.65 -34.59 20.91
C LYS I 32 19.41 -35.79 20.42
N GLY I 33 19.28 -36.93 21.05
CA GLY I 33 19.81 -38.10 20.37
C GLY I 33 18.85 -39.27 20.39
N ARG I 34 17.67 -39.00 20.92
CA ARG I 34 16.58 -39.94 20.89
C ARG I 34 15.58 -39.55 19.81
N TRP I 35 14.78 -40.53 19.40
CA TRP I 35 13.55 -40.24 18.68
C TRP I 35 12.45 -39.85 19.66
N PHE I 36 11.48 -39.08 19.19
CA PHE I 36 10.28 -38.97 20.03
C PHE I 36 9.03 -38.81 19.18
N VAL I 37 7.91 -39.28 19.76
CA VAL I 37 6.58 -39.17 19.18
C VAL I 37 5.80 -38.11 19.96
N LEU I 38 5.73 -36.91 19.41
CA LEU I 38 4.83 -35.89 19.91
C LEU I 38 3.43 -36.15 19.36
N PHE I 39 2.45 -36.31 20.24
CA PHE I 39 1.10 -36.58 19.78
C PHE I 39 0.11 -35.80 20.61
N SER I 40 -0.91 -35.28 19.94
CA SER I 40 -1.99 -34.52 20.57
C SER I 40 -3.22 -35.41 20.78
N HIS I 41 -4.03 -35.02 21.77
CA HIS I 41 -5.37 -35.56 21.94
C HIS I 41 -6.29 -34.42 22.26
N PRO I 42 -7.62 -34.52 21.90
CA PRO I 42 -8.56 -33.42 22.13
C PRO I 42 -8.57 -32.87 23.55
N GLY I 43 -8.87 -33.71 24.54
CA GLY I 43 -8.86 -33.24 25.91
C GLY I 43 -8.81 -34.34 26.94
N ASP I 44 -8.28 -33.98 28.12
CA ASP I 44 -8.31 -34.90 29.25
C ASP I 44 -9.75 -35.23 29.64
N PHE I 45 -9.89 -36.38 30.31
CA PHE I 45 -11.19 -36.90 30.70
C PHE I 45 -12.12 -37.09 29.51
N THR I 46 -11.52 -37.22 28.29
CA THR I 46 -12.44 -37.80 27.32
C THR I 46 -12.15 -39.30 27.20
N PRO I 47 -13.16 -40.10 26.85
CA PRO I 47 -12.95 -41.57 26.90
C PRO I 47 -11.98 -42.12 25.86
N VAL I 48 -12.06 -41.68 24.61
CA VAL I 48 -11.18 -42.29 23.60
C VAL I 48 -9.72 -41.96 23.90
N CYS I 49 -9.44 -40.70 24.25
CA CYS I 49 -8.08 -40.30 24.64
C CYS I 49 -7.57 -41.12 25.82
N THR I 50 -8.46 -41.52 26.73
CA THR I 50 -8.03 -42.38 27.83
C THR I 50 -7.57 -43.75 27.32
N THR I 51 -8.37 -44.40 26.47
CA THR I 51 -7.92 -45.68 25.93
C THR I 51 -6.57 -45.55 25.23
N GLU I 52 -6.33 -44.41 24.55
CA GLU I 52 -5.07 -44.18 23.86
C GLU I 52 -3.91 -44.08 24.84
N PHE I 53 -4.12 -43.40 25.98
CA PHE I 53 -3.04 -43.29 26.96
C PHE I 53 -2.79 -44.62 27.65
N TYR I 54 -3.86 -45.33 28.00
CA TYR I 54 -3.70 -46.69 28.50
C TYR I 54 -2.80 -47.50 27.58
N SER I 55 -3.18 -47.59 26.29
CA SER I 55 -2.41 -48.36 25.30
C SER I 55 -0.96 -47.90 25.20
N PHE I 56 -0.71 -46.58 25.16
CA PHE I 56 0.66 -46.07 25.12
C PHE I 56 1.47 -46.48 26.35
N SER I 57 0.88 -46.35 27.54
CA SER I 57 1.61 -46.69 28.75
C SER I 57 1.86 -48.18 28.85
N LYS I 58 0.88 -49.00 28.46
CA LYS I 58 1.13 -50.43 28.47
C LYS I 58 2.23 -50.83 27.49
N LYS I 59 2.31 -50.16 26.35
CA LYS I 59 3.33 -50.49 25.35
C LYS I 59 4.58 -49.63 25.47
N TYR I 60 4.80 -49.01 26.64
CA TYR I 60 5.82 -47.98 26.74
C TYR I 60 7.23 -48.52 26.46
N GLU I 61 7.47 -49.81 26.71
CA GLU I 61 8.86 -50.28 26.76
C GLU I 61 9.32 -50.68 25.38
N GLU I 62 8.37 -51.14 24.55
CA GLU I 62 8.64 -51.19 23.12
C GLU I 62 8.98 -49.83 22.55
N PHE I 63 8.37 -48.76 23.04
CA PHE I 63 8.82 -47.44 22.60
C PHE I 63 10.23 -47.16 23.12
N LYS I 64 10.52 -47.57 24.36
CA LYS I 64 11.84 -47.31 24.93
C LYS I 64 12.90 -48.14 24.22
N LYS I 65 12.57 -49.38 23.86
CA LYS I 65 13.55 -50.26 23.20
C LYS I 65 13.89 -49.79 21.81
N LEU I 66 13.04 -48.95 21.21
CA LEU I 66 13.37 -48.31 19.94
C LEU I 66 13.93 -46.93 20.14
N ASN I 67 14.39 -46.62 21.36
CA ASN I 67 15.05 -45.34 21.65
C ASN I 67 14.14 -44.14 21.37
N THR I 68 12.82 -44.28 21.54
CA THR I 68 11.95 -43.14 21.34
C THR I 68 11.25 -42.82 22.65
N GLU I 69 11.08 -41.54 22.94
CA GLU I 69 10.26 -41.09 24.07
C GLU I 69 8.88 -40.65 23.55
N LEU I 70 7.86 -40.88 24.37
CA LEU I 70 6.53 -40.36 24.09
C LEU I 70 6.33 -39.00 24.74
N ILE I 71 5.56 -38.14 24.09
CA ILE I 71 5.18 -36.91 24.75
C ILE I 71 3.85 -36.42 24.18
N GLY I 72 2.86 -36.28 25.06
CA GLY I 72 1.51 -35.94 24.68
C GLY I 72 1.25 -34.44 24.78
N LEU I 73 0.05 -34.03 24.37
CA LEU I 73 -0.26 -32.61 24.29
C LEU I 73 -1.75 -32.39 24.13
N SER I 74 -2.29 -31.39 24.85
CA SER I 74 -3.72 -31.06 24.81
C SER I 74 -3.90 -29.63 25.32
N VAL I 75 -5.08 -29.07 25.03
CA VAL I 75 -5.37 -27.67 25.39
C VAL I 75 -5.88 -27.53 26.82
N ASP I 76 -5.59 -28.51 27.66
CA ASP I 76 -6.09 -28.56 29.00
C ASP I 76 -4.98 -28.11 29.94
N SER I 77 -5.42 -27.58 31.07
CA SER I 77 -4.54 -27.05 32.08
C SER I 77 -3.67 -28.17 32.66
N ASN I 78 -2.45 -27.80 33.05
CA ASN I 78 -1.54 -28.85 33.57
C ASN I 78 -2.01 -29.46 34.90
N ILE I 79 -2.85 -28.75 35.64
CA ILE I 79 -3.48 -29.40 36.79
C ILE I 79 -4.47 -30.47 36.34
N SER I 80 -5.24 -30.20 35.29
CA SER I 80 -6.16 -31.22 34.81
C SER I 80 -5.41 -32.46 34.29
N HIS I 81 -4.25 -32.27 33.63
CA HIS I 81 -3.41 -33.41 33.25
C HIS I 81 -3.09 -34.27 34.46
N ILE I 82 -2.58 -33.65 35.54
CA ILE I 82 -2.24 -34.41 36.75
C ILE I 82 -3.46 -35.15 37.29
N GLU I 83 -4.65 -34.52 37.27
CA GLU I 83 -5.80 -35.23 37.80
C GLU I 83 -6.25 -36.35 36.87
N TRP I 84 -6.11 -36.16 35.55
CA TRP I 84 -6.36 -37.26 34.61
C TRP I 84 -5.39 -38.41 34.84
N VAL I 85 -4.09 -38.13 34.89
CA VAL I 85 -3.11 -39.18 35.17
C VAL I 85 -3.41 -39.90 36.47
N MET I 86 -3.87 -39.18 37.49
CA MET I 86 -4.14 -39.86 38.74
C MET I 86 -5.36 -40.76 38.62
N TRP I 87 -6.38 -40.33 37.88
CA TRP I 87 -7.55 -41.18 37.64
C TRP I 87 -7.17 -42.46 36.89
N ILE I 88 -6.26 -42.33 35.91
CA ILE I 88 -5.84 -43.49 35.12
C ILE I 88 -5.07 -44.47 35.99
N GLU I 89 -4.17 -43.95 36.82
CA GLU I 89 -3.34 -44.80 37.68
C GLU I 89 -4.20 -45.62 38.63
N LYS I 90 -5.30 -45.06 39.09
CA LYS I 90 -6.07 -45.78 40.08
C LYS I 90 -7.29 -46.51 39.52
N ASN I 91 -7.83 -46.14 38.36
CA ASN I 91 -8.94 -46.94 37.81
C ASN I 91 -8.48 -48.02 36.82
N LEU I 92 -7.51 -47.72 35.98
CA LEU I 92 -7.00 -48.66 35.00
C LEU I 92 -5.70 -49.30 35.47
N LYS I 93 -5.20 -48.95 36.66
CA LYS I 93 -4.08 -49.68 37.28
C LYS I 93 -2.79 -49.57 36.46
N VAL I 94 -2.48 -48.42 35.89
CA VAL I 94 -1.23 -48.27 35.14
C VAL I 94 -0.74 -46.84 35.30
N GLU I 95 0.57 -46.67 35.36
CA GLU I 95 1.10 -45.34 35.62
C GLU I 95 1.56 -44.75 34.29
N VAL I 96 1.02 -43.58 33.93
CA VAL I 96 1.42 -42.89 32.69
C VAL I 96 2.83 -42.36 32.86
N PRO I 97 3.81 -42.92 32.15
CA PRO I 97 5.22 -42.61 32.41
C PRO I 97 5.82 -41.55 31.51
N PHE I 98 5.04 -40.85 30.73
CA PHE I 98 5.61 -39.87 29.82
C PHE I 98 5.01 -38.49 30.07
N PRO I 99 5.69 -37.45 29.63
CA PRO I 99 5.18 -36.10 29.91
C PRO I 99 3.98 -35.78 29.02
N ILE I 100 3.09 -34.95 29.55
CA ILE I 100 1.95 -34.42 28.81
C ILE I 100 2.09 -32.89 28.78
N ILE I 101 2.18 -32.33 27.57
CA ILE I 101 2.30 -30.88 27.38
C ILE I 101 0.95 -30.23 27.63
N ALA I 102 0.95 -29.21 28.49
CA ALA I 102 -0.25 -28.38 28.69
C ALA I 102 -0.12 -27.12 27.86
N ASP I 103 -1.08 -26.94 26.96
CA ASP I 103 -1.14 -25.75 26.12
C ASP I 103 -2.58 -25.30 26.02
N PRO I 104 -3.06 -24.53 27.00
CA PRO I 104 -4.29 -23.75 26.78
C PRO I 104 -3.93 -22.55 25.93
N MET I 105 -4.95 -21.90 25.35
CA MET I 105 -4.72 -20.89 24.31
C MET I 105 -4.27 -21.53 22.99
N GLY I 106 -3.61 -22.68 23.06
CA GLY I 106 -3.31 -23.45 21.86
C GLY I 106 -2.19 -22.90 21.02
N ASN I 107 -1.19 -22.24 21.63
CA ASN I 107 -0.15 -21.60 20.82
C ASN I 107 0.71 -22.63 20.14
N VAL I 108 1.21 -23.60 20.88
CA VAL I 108 1.98 -24.66 20.21
C VAL I 108 1.06 -25.53 19.33
N ALA I 109 -0.22 -25.70 19.70
CA ALA I 109 -1.12 -26.48 18.85
C ALA I 109 -1.35 -25.82 17.49
N LYS I 110 -1.46 -24.49 17.43
CA LYS I 110 -1.70 -23.84 16.16
C LYS I 110 -0.45 -23.86 15.30
N ARG I 111 0.70 -23.65 15.94
CA ARG I 111 2.00 -23.71 15.31
C ARG I 111 2.26 -25.06 14.62
N LEU I 112 1.79 -26.19 15.16
CA LEU I 112 1.93 -27.49 14.49
C LEU I 112 0.69 -27.92 13.68
N GLY I 113 -0.21 -27.00 13.36
CA GLY I 113 -1.41 -27.37 12.59
C GLY I 113 -2.22 -28.48 13.22
N MET I 114 -2.42 -28.43 14.53
CA MET I 114 -3.19 -29.46 15.17
C MET I 114 -4.65 -29.06 15.37
N ILE I 115 -5.04 -27.81 15.05
CA ILE I 115 -6.46 -27.43 15.21
C ILE I 115 -7.05 -27.45 13.80
N HIS I 116 -8.11 -28.22 13.59
CA HIS I 116 -8.70 -28.31 12.26
C HIS I 116 -10.06 -27.60 12.22
N ALA I 117 -10.86 -27.94 11.23
CA ALA I 117 -12.07 -27.18 10.94
C ALA I 117 -13.30 -27.69 11.68
N GLU I 118 -13.22 -28.84 12.33
CA GLU I 118 -14.38 -29.49 12.92
C GLU I 118 -14.56 -29.18 14.40
N SER I 119 -13.51 -28.71 15.08
CA SER I 119 -13.65 -28.14 16.41
C SER I 119 -12.67 -26.99 16.57
N SER I 120 -13.20 -25.87 17.07
CA SER I 120 -12.46 -24.65 17.31
C SER I 120 -11.92 -24.59 18.73
N THR I 121 -12.15 -25.65 19.51
CA THR I 121 -11.89 -25.71 20.96
C THR I 121 -10.90 -26.80 21.38
N ALA I 122 -10.47 -27.68 20.47
CA ALA I 122 -9.59 -28.79 20.83
C ALA I 122 -8.79 -29.22 19.61
N THR I 123 -7.63 -29.85 19.89
CA THR I 123 -6.81 -30.42 18.83
C THR I 123 -7.50 -31.64 18.21
N VAL I 124 -6.97 -32.09 17.07
CA VAL I 124 -7.36 -33.39 16.52
C VAL I 124 -6.39 -34.41 17.11
N ARG I 125 -6.35 -35.61 16.53
CA ARG I 125 -5.40 -36.64 16.99
C ARG I 125 -4.18 -36.62 16.08
N ALA I 126 -3.35 -35.60 16.30
CA ALA I 126 -2.13 -35.44 15.52
C ALA I 126 -1.01 -36.31 16.09
N VAL I 127 -0.14 -36.78 15.21
CA VAL I 127 1.02 -37.57 15.59
C VAL I 127 2.21 -37.11 14.76
N PHE I 128 3.27 -36.65 15.43
CA PHE I 128 4.53 -36.34 14.79
C PHE I 128 5.59 -37.32 15.28
N ILE I 129 6.40 -37.82 14.35
CA ILE I 129 7.53 -38.68 14.66
C ILE I 129 8.80 -37.91 14.32
N ILE I 130 9.59 -37.60 15.33
CA ILE I 130 10.81 -36.83 15.17
C ILE I 130 11.96 -37.78 15.45
N ASP I 131 13.06 -37.63 14.70
CA ASP I 131 14.16 -38.56 14.85
C ASP I 131 15.26 -37.98 15.75
N ASP I 132 16.35 -38.73 15.88
CA ASP I 132 17.44 -38.36 16.76
C ASP I 132 18.13 -37.06 16.36
N LYS I 133 17.88 -36.52 15.17
CA LYS I 133 18.49 -35.24 14.81
C LYS I 133 17.45 -34.14 14.77
N GLY I 134 16.22 -34.46 15.14
CA GLY I 134 15.16 -33.47 15.25
C GLY I 134 14.36 -33.23 13.99
N THR I 135 14.54 -34.01 12.92
CA THR I 135 13.76 -33.76 11.70
C THR I 135 12.41 -34.48 11.77
N VAL I 136 11.40 -33.84 11.22
CA VAL I 136 10.06 -34.40 11.23
C VAL I 136 9.99 -35.50 10.18
N ARG I 137 9.64 -36.70 10.62
CA ARG I 137 9.76 -37.86 9.75
C ARG I 137 8.42 -38.41 9.25
N LEU I 138 7.30 -38.08 9.90
CA LEU I 138 6.01 -38.71 9.66
C LEU I 138 4.94 -37.88 10.35
N ILE I 139 3.82 -37.64 9.67
CA ILE I 139 2.76 -36.83 10.24
C ILE I 139 1.41 -37.51 10.04
N LEU I 140 0.68 -37.66 11.14
CA LEU I 140 -0.66 -38.24 11.12
C LEU I 140 -1.65 -37.29 11.74
N TYR I 141 -2.75 -37.05 11.03
CA TYR I 141 -3.91 -36.34 11.58
C TYR I 141 -5.10 -37.30 11.60
N TYR I 142 -5.34 -37.95 12.75
CA TYR I 142 -6.58 -38.69 12.93
C TYR I 142 -7.65 -37.78 13.53
N PRO I 143 -8.92 -38.03 13.22
CA PRO I 143 -10.00 -37.18 13.72
C PRO I 143 -10.29 -37.51 15.19
N MET I 144 -11.16 -36.68 15.79
CA MET I 144 -11.50 -36.83 17.21
C MET I 144 -12.10 -38.19 17.51
N GLU I 145 -12.97 -38.67 16.63
CA GLU I 145 -13.99 -39.69 16.88
C GLU I 145 -13.49 -41.14 16.77
N ILE I 146 -12.35 -41.39 16.14
CA ILE I 146 -11.74 -42.73 16.16
C ILE I 146 -10.39 -42.66 16.88
N GLY I 147 -10.11 -43.65 17.69
CA GLY I 147 -8.80 -43.69 18.31
C GLY I 147 -7.75 -44.15 17.32
N ARG I 148 -6.50 -43.92 17.70
CA ARG I 148 -5.35 -44.26 16.86
C ARG I 148 -4.99 -45.73 17.07
N ASN I 149 -4.19 -46.25 16.13
CA ASN I 149 -3.60 -47.59 16.20
C ASN I 149 -2.15 -47.44 16.66
N ILE I 150 -1.85 -47.88 17.87
CA ILE I 150 -0.53 -47.59 18.44
C ILE I 150 0.51 -48.52 17.87
N ASP I 151 0.15 -49.79 17.64
CA ASP I 151 1.06 -50.69 16.96
C ASP I 151 1.47 -50.19 15.57
N GLU I 152 0.64 -49.37 14.91
CA GLU I 152 1.08 -48.84 13.62
C GLU I 152 2.15 -47.76 13.77
N ILE I 153 2.07 -46.96 14.83
CA ILE I 153 3.16 -46.02 15.14
C ILE I 153 4.47 -46.77 15.40
N LEU I 154 4.41 -47.89 16.13
CA LEU I 154 5.63 -48.66 16.39
C LEU I 154 6.19 -49.23 15.10
N ARG I 155 5.33 -49.87 14.31
CA ARG I 155 5.72 -50.38 13.00
C ARG I 155 6.43 -49.32 12.16
N ALA I 156 5.97 -48.06 12.24
CA ALA I 156 6.57 -47.01 11.41
C ALA I 156 7.93 -46.60 11.95
N ILE I 157 8.09 -46.55 13.27
CA ILE I 157 9.41 -46.23 13.84
C ILE I 157 10.42 -47.32 13.46
N ARG I 158 10.06 -48.60 13.65
CA ARG I 158 10.94 -49.69 13.23
C ARG I 158 11.40 -49.52 11.80
N ALA I 159 10.45 -49.28 10.89
CA ALA I 159 10.79 -49.10 9.49
C ALA I 159 11.67 -47.88 9.27
N LEU I 160 11.29 -46.74 9.87
CA LEU I 160 12.07 -45.52 9.70
C LEU I 160 13.50 -45.69 10.20
N GLN I 161 13.67 -46.42 11.30
CA GLN I 161 15.01 -46.66 11.85
C GLN I 161 15.82 -47.60 10.98
N LEU I 162 15.20 -48.68 10.47
CA LEU I 162 15.86 -49.57 9.51
C LEU I 162 16.33 -48.82 8.27
N VAL I 163 15.53 -47.85 7.81
CA VAL I 163 15.93 -47.03 6.67
C VAL I 163 17.21 -46.26 6.97
N ASP I 164 17.28 -45.60 8.14
CA ASP I 164 18.48 -44.86 8.52
C ASP I 164 19.71 -45.76 8.67
N LYS I 165 19.52 -47.05 9.03
CA LYS I 165 20.65 -47.95 9.31
C LYS I 165 21.18 -48.56 8.03
N ALA I 166 20.30 -49.18 7.24
CA ALA I 166 20.68 -50.00 6.10
C ALA I 166 20.55 -49.29 4.76
N GLY I 167 20.20 -47.99 4.75
CA GLY I 167 19.92 -47.29 3.52
C GLY I 167 19.05 -48.08 2.56
N VAL I 168 17.87 -48.51 3.04
CA VAL I 168 16.90 -49.25 2.23
C VAL I 168 15.57 -48.53 2.32
N VAL I 169 14.52 -49.17 1.82
CA VAL I 169 13.16 -48.66 1.88
C VAL I 169 12.23 -49.84 2.18
N THR I 170 11.26 -49.62 3.07
CA THR I 170 10.45 -50.78 3.44
C THR I 170 9.27 -50.93 2.48
N PRO I 171 8.87 -52.16 2.12
CA PRO I 171 7.65 -52.31 1.31
C PRO I 171 6.40 -52.06 2.12
N ALA I 172 5.27 -52.04 1.42
CA ALA I 172 3.95 -51.86 2.04
C ALA I 172 3.63 -52.97 3.04
N ASN I 173 3.03 -52.57 4.17
CA ASN I 173 2.64 -53.46 5.27
C ASN I 173 3.83 -54.22 5.85
N TRP I 174 5.05 -53.71 5.61
CA TRP I 174 6.25 -54.31 6.18
C TRP I 174 6.16 -54.37 7.70
N PRO I 175 6.61 -55.46 8.34
CA PRO I 175 7.35 -56.59 7.77
C PRO I 175 6.49 -57.73 7.24
N ASN I 176 5.30 -57.42 6.71
CA ASN I 176 4.36 -58.44 6.25
C ASN I 176 3.93 -58.16 4.82
N ASN I 177 4.89 -57.89 3.95
CA ASN I 177 4.53 -57.56 2.58
C ASN I 177 4.17 -58.83 1.84
N GLU I 178 3.01 -58.81 1.18
CA GLU I 178 2.44 -59.92 0.41
C GLU I 178 3.26 -60.31 -0.80
N LEU I 179 4.35 -59.59 -1.12
CA LEU I 179 5.28 -59.99 -2.18
C LEU I 179 6.61 -60.45 -1.64
N ILE I 180 7.16 -59.82 -0.59
CA ILE I 180 8.53 -60.10 -0.19
C ILE I 180 8.65 -60.19 1.33
N GLY I 181 7.51 -60.16 2.03
CA GLY I 181 7.43 -60.34 3.48
C GLY I 181 8.32 -59.46 4.34
N ASP I 182 9.29 -60.11 4.97
CA ASP I 182 10.29 -59.48 5.80
C ASP I 182 11.27 -58.62 5.01
N LYS I 183 11.48 -58.93 3.72
CA LYS I 183 12.57 -58.33 2.94
C LYS I 183 12.36 -56.84 2.69
N VAL I 184 13.47 -56.12 2.61
CA VAL I 184 13.43 -54.69 2.32
C VAL I 184 13.90 -54.45 0.88
N ILE I 185 13.74 -53.20 0.42
CA ILE I 185 13.89 -52.87 -0.99
C ILE I 185 15.10 -51.96 -1.18
N ASN I 186 15.82 -52.20 -2.27
CA ASN I 186 16.95 -51.36 -2.64
C ASN I 186 16.46 -50.06 -3.26
N PRO I 187 17.01 -48.92 -2.82
CA PRO I 187 16.60 -47.63 -3.41
C PRO I 187 16.95 -47.58 -4.88
N ALA I 188 15.95 -47.24 -5.71
CA ALA I 188 16.06 -47.38 -7.16
C ALA I 188 17.25 -46.59 -7.70
N PRO I 189 17.85 -47.06 -8.81
CA PRO I 189 19.05 -46.39 -9.34
C PRO I 189 18.75 -45.00 -9.89
N ARG I 190 19.74 -44.11 -9.75
CA ARG I 190 19.56 -42.68 -10.04
C ARG I 190 20.01 -42.28 -11.47
N THR I 191 21.01 -42.95 -12.03
CA THR I 191 21.51 -42.63 -13.36
C THR I 191 21.36 -43.87 -14.24
N ILE I 192 21.66 -43.73 -15.54
CA ILE I 192 21.52 -44.86 -16.46
C ILE I 192 22.68 -45.85 -16.32
N LYS I 193 23.88 -45.40 -15.96
CA LYS I 193 24.95 -46.31 -15.57
C LYS I 193 24.49 -47.27 -14.49
N ASP I 194 24.05 -46.71 -13.37
CA ASP I 194 23.68 -47.51 -12.23
C ASP I 194 22.54 -48.46 -12.57
N ALA I 195 21.62 -48.04 -13.44
CA ALA I 195 20.46 -48.88 -13.73
C ALA I 195 20.86 -50.14 -14.50
N LYS I 196 21.75 -50.00 -15.48
CA LYS I 196 22.09 -51.15 -16.29
C LYS I 196 22.81 -52.22 -15.48
N MET I 197 23.55 -51.81 -14.45
CA MET I 197 24.23 -52.75 -13.56
C MET I 197 23.28 -53.72 -12.87
N ARG I 198 22.01 -53.37 -12.75
CA ARG I 198 21.04 -54.23 -12.06
C ARG I 198 20.08 -54.95 -12.99
N LEU I 199 20.41 -55.09 -14.27
CA LEU I 199 19.47 -55.68 -15.19
C LEU I 199 19.37 -57.17 -14.95
N GLY I 200 18.20 -57.73 -15.27
CA GLY I 200 17.92 -59.14 -15.06
C GLY I 200 17.92 -59.62 -13.64
N GLN I 201 17.83 -58.70 -12.64
CA GLN I 201 17.58 -59.20 -11.29
C GLN I 201 16.07 -59.25 -11.02
N PRO I 202 15.66 -60.07 -10.05
CA PRO I 202 14.22 -60.34 -9.88
C PRO I 202 13.35 -59.10 -9.65
N PHE I 203 12.20 -59.14 -10.34
CA PHE I 203 11.23 -58.09 -10.65
C PHE I 203 11.76 -57.25 -11.79
N ASP I 204 12.65 -56.30 -11.52
CA ASP I 204 13.21 -55.46 -12.57
C ASP I 204 14.33 -54.62 -11.97
N TRP I 205 14.93 -53.77 -12.80
CA TRP I 205 16.11 -53.05 -12.35
C TRP I 205 15.80 -52.01 -11.28
N TRP I 206 14.58 -51.46 -11.28
CA TRP I 206 14.19 -50.50 -10.25
C TRP I 206 13.61 -51.16 -8.99
N PHE I 207 13.33 -52.46 -9.05
CA PHE I 207 12.62 -53.19 -8.00
C PHE I 207 13.49 -54.40 -7.62
N THR I 208 14.46 -54.15 -6.75
CA THR I 208 15.37 -55.18 -6.25
C THR I 208 15.28 -55.25 -4.73
N TYR I 209 15.30 -56.47 -4.19
CA TYR I 209 15.08 -56.69 -2.77
C TYR I 209 16.18 -57.59 -2.19
N LYS I 210 16.53 -57.29 -0.93
CA LYS I 210 17.51 -58.01 -0.13
C LYS I 210 16.86 -58.49 1.15
N GLU I 211 17.66 -58.96 2.11
CA GLU I 211 17.13 -59.32 3.41
C GLU I 211 18.02 -58.72 4.49
N VAL I 212 17.44 -58.57 5.68
CA VAL I 212 18.21 -58.00 6.78
C VAL I 212 17.93 -58.84 8.03
N ARG J 5 -6.61 -23.81 0.41
CA ARG J 5 -5.44 -23.70 1.25
C ARG J 5 -5.47 -25.11 1.79
N ILE J 6 -4.42 -25.60 2.43
CA ILE J 6 -4.35 -27.05 2.62
C ILE J 6 -5.59 -27.54 3.37
N PRO J 7 -6.31 -28.56 2.86
CA PRO J 7 -7.57 -28.93 3.50
C PRO J 7 -7.32 -29.65 4.83
N LEU J 8 -8.32 -29.55 5.69
CA LEU J 8 -8.23 -30.06 7.05
C LEU J 8 -9.47 -30.88 7.38
N ILE J 9 -9.39 -31.62 8.48
CA ILE J 9 -10.47 -32.48 8.91
C ILE J 9 -11.70 -31.61 9.16
N GLY J 10 -12.83 -31.97 8.52
CA GLY J 10 -14.07 -31.23 8.64
C GLY J 10 -14.42 -30.38 7.43
N GLU J 11 -13.43 -29.74 6.81
CA GLU J 11 -13.62 -29.02 5.55
C GLU J 11 -14.06 -29.96 4.42
N LYS J 12 -14.80 -29.39 3.47
CA LYS J 12 -15.11 -30.15 2.27
C LYS J 12 -13.93 -30.22 1.34
N PHE J 13 -13.76 -31.38 0.72
CA PHE J 13 -12.70 -31.57 -0.24
C PHE J 13 -12.86 -30.57 -1.37
N PRO J 14 -11.77 -29.91 -1.77
CA PRO J 14 -11.87 -28.81 -2.75
C PRO J 14 -12.33 -29.27 -4.12
N GLU J 15 -13.24 -28.50 -4.73
CA GLU J 15 -13.60 -28.79 -6.11
C GLU J 15 -12.40 -28.73 -7.04
N MET J 16 -12.22 -29.79 -7.82
CA MET J 16 -11.12 -29.84 -8.77
C MET J 16 -11.38 -30.93 -9.79
N GLU J 17 -10.96 -30.68 -11.03
CA GLU J 17 -11.09 -31.66 -12.09
C GLU J 17 -9.71 -32.20 -12.43
N VAL J 18 -9.58 -33.53 -12.50
CA VAL J 18 -8.30 -34.20 -12.66
C VAL J 18 -8.35 -35.16 -13.84
N ILE J 19 -7.17 -35.48 -14.36
CA ILE J 19 -7.04 -36.33 -15.53
C ILE J 19 -6.36 -37.60 -15.07
N THR J 20 -7.05 -38.74 -15.26
CA THR J 20 -6.65 -40.02 -14.69
C THR J 20 -6.60 -41.10 -15.78
N THR J 21 -5.96 -42.22 -15.46
CA THR J 21 -5.94 -43.41 -16.30
C THR J 21 -7.34 -43.92 -16.66
N HIS J 22 -8.40 -43.37 -16.08
CA HIS J 22 -9.76 -43.77 -16.45
C HIS J 22 -10.52 -42.62 -17.09
N GLY J 23 -9.81 -41.62 -17.60
CA GLY J 23 -10.42 -40.43 -18.13
C GLY J 23 -10.42 -39.28 -17.14
N LYS J 24 -11.22 -38.27 -17.48
CA LYS J 24 -11.50 -37.17 -16.58
C LYS J 24 -12.41 -37.58 -15.44
N ILE J 25 -12.20 -36.90 -14.30
CA ILE J 25 -12.91 -37.15 -13.05
C ILE J 25 -13.05 -35.80 -12.34
N LYS J 26 -14.22 -35.54 -11.75
CA LYS J 26 -14.54 -34.27 -11.13
C LYS J 26 -14.55 -34.56 -9.64
N LEU J 27 -13.63 -33.97 -8.89
CA LEU J 27 -13.16 -34.88 -7.86
C LEU J 27 -14.09 -35.06 -6.66
N PRO J 28 -14.51 -34.02 -5.94
CA PRO J 28 -15.35 -34.33 -4.75
C PRO J 28 -16.70 -34.93 -5.12
N ASP J 29 -17.20 -34.66 -6.34
CA ASP J 29 -18.59 -34.87 -6.77
C ASP J 29 -18.86 -36.17 -7.50
N ASP J 30 -17.98 -36.59 -8.40
CA ASP J 30 -18.20 -37.87 -9.07
C ASP J 30 -18.27 -39.03 -8.09
N TYR J 31 -17.95 -38.80 -6.82
CA TYR J 31 -18.00 -39.81 -5.78
C TYR J 31 -18.97 -39.39 -4.68
N LYS J 32 -20.15 -38.92 -5.08
CA LYS J 32 -20.92 -38.07 -4.20
C LYS J 32 -21.80 -38.87 -3.26
N GLY J 33 -21.80 -40.18 -3.34
CA GLY J 33 -22.43 -40.89 -2.25
C GLY J 33 -21.60 -42.04 -1.74
N ARG J 34 -20.41 -42.15 -2.32
CA ARG J 34 -19.41 -43.09 -1.85
C ARG J 34 -18.36 -42.39 -1.02
N TRP J 35 -17.66 -43.18 -0.21
CA TRP J 35 -16.39 -42.73 0.36
C TRP J 35 -15.28 -42.92 -0.67
N PHE J 36 -14.22 -42.12 -0.55
CA PHE J 36 -13.04 -42.49 -1.33
C PHE J 36 -11.75 -42.12 -0.60
N VAL J 37 -10.71 -42.90 -0.88
CA VAL J 37 -9.36 -42.69 -0.37
C VAL J 37 -8.49 -42.16 -1.50
N LEU J 38 -8.29 -40.84 -1.51
CA LEU J 38 -7.30 -40.22 -2.38
C LEU J 38 -5.92 -40.37 -1.73
N PHE J 39 -4.98 -40.98 -2.43
CA PHE J 39 -3.66 -41.17 -1.86
C PHE J 39 -2.61 -40.92 -2.92
N SER J 40 -1.52 -40.28 -2.51
CA SER J 40 -0.38 -39.97 -3.37
C SER J 40 0.74 -40.98 -3.17
N HIS J 41 1.57 -41.13 -4.20
CA HIS J 41 2.85 -41.83 -4.09
C HIS J 41 3.88 -41.04 -4.83
N PRO J 42 5.19 -41.10 -4.44
CA PRO J 42 6.23 -40.31 -5.08
C PRO J 42 6.27 -40.41 -6.60
N GLY J 43 6.45 -41.62 -7.14
CA GLY J 43 6.48 -41.77 -8.58
C GLY J 43 6.28 -43.20 -9.04
N ASP J 44 5.79 -43.32 -10.27
CA ASP J 44 5.69 -44.63 -10.91
C ASP J 44 7.07 -45.24 -11.09
N PHE J 45 7.09 -46.57 -11.20
CA PHE J 45 8.32 -47.34 -11.30
C PHE J 45 9.24 -47.09 -10.12
N THR J 46 8.67 -46.63 -8.97
CA THR J 46 9.54 -46.85 -7.84
C THR J 46 9.10 -48.11 -7.09
N PRO J 47 10.02 -48.79 -6.40
CA PRO J 47 9.66 -50.11 -5.84
C PRO J 47 8.66 -50.07 -4.69
N VAL J 48 8.81 -49.15 -3.74
CA VAL J 48 7.90 -49.18 -2.59
C VAL J 48 6.46 -48.87 -3.03
N CYS J 49 6.31 -47.84 -3.89
CA CYS J 49 4.99 -47.51 -4.46
C CYS J 49 4.38 -48.71 -5.18
N THR J 50 5.21 -49.55 -5.82
CA THR J 50 4.67 -50.73 -6.47
C THR J 50 4.08 -51.70 -5.45
N THR J 51 4.82 -52.01 -4.37
CA THR J 51 4.25 -52.89 -3.35
C THR J 51 2.94 -52.33 -2.81
N GLU J 52 2.83 -51.00 -2.69
CA GLU J 52 1.61 -50.37 -2.18
C GLU J 52 0.45 -50.59 -3.15
N PHE J 53 0.70 -50.47 -4.46
CA PHE J 53 -0.37 -50.67 -5.43
C PHE J 53 -0.76 -52.14 -5.50
N TYR J 54 0.22 -53.04 -5.48
CA TYR J 54 -0.11 -54.46 -5.37
C TYR J 54 -1.06 -54.70 -4.21
N SER J 55 -0.67 -54.28 -3.00
CA SER J 55 -1.49 -54.47 -1.79
C SER J 55 -2.88 -53.88 -1.93
N PHE J 56 -3.00 -52.64 -2.47
CA PHE J 56 -4.30 -52.01 -2.68
C PHE J 56 -5.17 -52.83 -3.63
N SER J 57 -4.59 -53.28 -4.75
CA SER J 57 -5.39 -54.02 -5.72
C SER J 57 -5.78 -55.39 -5.20
N LYS J 58 -4.90 -56.05 -4.47
CA LYS J 58 -5.28 -57.33 -3.88
C LYS J 58 -6.40 -57.15 -2.85
N LYS J 59 -6.40 -56.05 -2.10
CA LYS J 59 -7.42 -55.83 -1.08
C LYS J 59 -8.58 -54.97 -1.59
N TYR J 60 -8.75 -54.89 -2.91
CA TYR J 60 -9.67 -53.90 -3.47
C TYR J 60 -11.11 -54.12 -3.03
N GLU J 61 -11.49 -55.37 -2.70
CA GLU J 61 -12.93 -55.67 -2.59
C GLU J 61 -13.40 -55.40 -1.18
N GLU J 62 -12.49 -55.56 -0.22
CA GLU J 62 -12.73 -54.98 1.10
C GLU J 62 -12.92 -53.47 1.03
N PHE J 63 -12.21 -52.77 0.13
CA PHE J 63 -12.51 -51.36 -0.02
C PHE J 63 -13.89 -51.18 -0.66
N LYS J 64 -14.25 -52.05 -1.62
CA LYS J 64 -15.54 -51.91 -2.28
C LYS J 64 -16.67 -52.25 -1.30
N LYS J 65 -16.47 -53.26 -0.45
CA LYS J 65 -17.51 -53.67 0.49
C LYS J 65 -17.78 -52.62 1.54
N LEU J 66 -16.84 -51.70 1.76
CA LEU J 66 -17.07 -50.56 2.63
C LEU J 66 -17.50 -49.33 1.84
N ASN J 67 -17.94 -49.52 0.61
CA ASN J 67 -18.47 -48.43 -0.21
C ASN J 67 -17.44 -47.33 -0.44
N THR J 68 -16.15 -47.65 -0.51
CA THR J 68 -15.15 -46.63 -0.79
C THR J 68 -14.44 -46.98 -2.10
N GLU J 69 -14.15 -45.96 -2.90
CA GLU J 69 -13.31 -46.11 -4.08
C GLU J 69 -11.89 -45.65 -3.76
N LEU J 70 -10.92 -46.29 -4.39
CA LEU J 70 -9.53 -45.85 -4.31
C LEU J 70 -9.21 -44.92 -5.48
N ILE J 71 -8.34 -43.95 -5.22
CA ILE J 71 -7.84 -43.16 -6.34
C ILE J 71 -6.47 -42.61 -5.99
N GLY J 72 -5.48 -42.97 -6.83
CA GLY J 72 -4.09 -42.62 -6.59
C GLY J 72 -3.68 -41.35 -7.31
N LEU J 73 -2.43 -40.93 -7.08
CA LEU J 73 -1.99 -39.65 -7.61
C LEU J 73 -0.47 -39.55 -7.50
N SER J 74 0.15 -38.99 -8.57
CA SER J 74 1.61 -38.82 -8.63
C SER J 74 1.92 -37.78 -9.69
N VAL J 75 3.17 -37.26 -9.64
CA VAL J 75 3.58 -36.18 -10.55
C VAL J 75 4.08 -36.72 -11.90
N ASP J 76 3.67 -37.92 -12.25
CA ASP J 76 4.13 -38.59 -13.43
C ASP J 76 3.07 -38.48 -14.50
N SER J 77 3.54 -38.51 -15.73
CA SER J 77 2.70 -38.38 -16.89
C SER J 77 1.70 -39.54 -16.97
N ASN J 78 0.51 -39.26 -17.52
CA ASN J 78 -0.51 -40.32 -17.55
C ASN J 78 -0.13 -41.48 -18.49
N ILE J 79 0.78 -41.24 -19.45
CA ILE J 79 1.31 -42.38 -20.20
C ILE J 79 2.18 -43.26 -19.30
N SER J 80 3.00 -42.64 -18.45
CA SER J 80 3.83 -43.45 -17.56
C SER J 80 2.95 -44.27 -16.58
N HIS J 81 1.84 -43.70 -16.11
CA HIS J 81 0.89 -44.48 -15.29
C HIS J 81 0.46 -45.73 -16.04
N ILE J 82 -0.02 -45.58 -17.28
CA ILE J 82 -0.44 -46.75 -18.07
C ILE J 82 0.69 -47.76 -18.21
N GLU J 83 1.93 -47.30 -18.43
CA GLU J 83 3.00 -48.29 -18.58
C GLU J 83 3.34 -48.95 -17.25
N TRP J 84 3.26 -48.21 -16.14
CA TRP J 84 3.41 -48.83 -14.82
C TRP J 84 2.32 -49.86 -14.56
N VAL J 85 1.05 -49.50 -14.76
CA VAL J 85 -0.04 -50.46 -14.60
C VAL J 85 0.15 -51.69 -15.46
N MET J 86 0.66 -51.52 -16.68
CA MET J 86 0.86 -52.69 -17.52
C MET J 86 1.97 -53.57 -16.99
N TRP J 87 3.04 -52.97 -16.48
CA TRP J 87 4.12 -53.76 -15.88
C TRP J 87 3.62 -54.55 -14.67
N ILE J 88 2.75 -53.93 -13.85
CA ILE J 88 2.23 -54.60 -12.65
C ILE J 88 1.35 -55.77 -13.04
N GLU J 89 0.49 -55.56 -14.04
CA GLU J 89 -0.43 -56.61 -14.49
C GLU J 89 0.31 -57.84 -14.97
N LYS J 90 1.45 -57.64 -15.59
CA LYS J 90 2.12 -58.79 -16.17
C LYS J 90 3.28 -59.33 -15.34
N ASN J 91 3.88 -58.56 -14.42
CA ASN J 91 4.90 -59.16 -13.56
C ASN J 91 4.34 -59.67 -12.21
N LEU J 92 3.44 -58.93 -11.60
CA LEU J 92 2.85 -59.32 -10.34
C LEU J 92 1.48 -59.96 -10.51
N LYS J 93 1.00 -60.10 -11.76
CA LYS J 93 -0.20 -60.90 -12.04
C LYS J 93 -1.46 -60.33 -11.37
N VAL J 94 -1.63 -59.01 -11.36
CA VAL J 94 -2.84 -58.43 -10.77
C VAL J 94 -3.19 -57.17 -11.54
N GLU J 95 -4.48 -56.91 -11.70
CA GLU J 95 -4.87 -55.77 -12.51
C GLU J 95 -5.23 -54.63 -11.57
N VAL J 96 -4.58 -53.47 -11.72
CA VAL J 96 -4.87 -52.28 -10.90
C VAL J 96 -6.23 -51.73 -11.31
N PRO J 97 -7.25 -51.84 -10.46
CA PRO J 97 -8.63 -51.54 -10.87
C PRO J 97 -9.10 -50.14 -10.52
N PHE J 98 -8.23 -49.25 -10.08
CA PHE J 98 -8.68 -47.94 -9.69
C PHE J 98 -7.95 -46.86 -10.48
N PRO J 99 -8.50 -45.66 -10.55
CA PRO J 99 -7.86 -44.62 -11.35
C PRO J 99 -6.62 -44.06 -10.65
N ILE J 100 -5.65 -43.65 -11.45
CA ILE J 100 -4.46 -42.97 -10.98
C ILE J 100 -4.44 -41.57 -11.60
N ILE J 101 -4.44 -40.53 -10.76
CA ILE J 101 -4.42 -39.15 -11.20
C ILE J 101 -3.01 -38.79 -11.66
N ALA J 102 -2.91 -38.25 -12.88
CA ALA J 102 -1.65 -37.70 -13.37
C ALA J 102 -1.62 -36.20 -13.15
N ASP J 103 -0.64 -35.76 -12.39
CA ASP J 103 -0.44 -34.34 -12.14
C ASP J 103 1.04 -34.04 -12.20
N PRO J 104 1.58 -33.80 -13.40
CA PRO J 104 2.89 -33.14 -13.49
C PRO J 104 2.67 -31.66 -13.24
N MET J 105 3.77 -30.94 -12.97
CA MET J 105 3.67 -29.56 -12.46
C MET J 105 3.17 -29.54 -11.01
N GLY J 106 2.39 -30.53 -10.60
CA GLY J 106 2.05 -30.70 -9.20
C GLY J 106 1.00 -29.71 -8.71
N ASN J 107 0.07 -29.28 -9.56
CA ASN J 107 -0.88 -28.25 -9.12
C ASN J 107 -1.84 -28.81 -8.08
N VAL J 108 -2.45 -29.95 -8.36
CA VAL J 108 -3.31 -30.53 -7.33
C VAL J 108 -2.46 -31.04 -6.14
N ALA J 109 -1.22 -31.47 -6.36
CA ALA J 109 -0.39 -31.91 -5.25
C ALA J 109 -0.08 -30.77 -4.27
N LYS J 110 0.18 -29.56 -4.80
CA LYS J 110 0.52 -28.45 -3.91
C LYS J 110 -0.71 -27.99 -3.16
N ARG J 111 -1.84 -27.95 -3.86
CA ARG J 111 -3.14 -27.60 -3.29
C ARG J 111 -3.51 -28.50 -2.10
N LEU J 112 -3.18 -29.79 -2.09
CA LEU J 112 -3.44 -30.67 -0.95
C LEU J 112 -2.24 -30.84 -0.01
N GLY J 113 -1.23 -29.96 -0.08
CA GLY J 113 -0.07 -30.10 0.81
C GLY J 113 0.62 -31.44 0.73
N MET J 114 0.78 -31.98 -0.46
CA MET J 114 1.43 -33.25 -0.59
C MET J 114 2.92 -33.13 -0.90
N ILE J 115 3.45 -31.90 -1.14
CA ILE J 115 4.89 -31.77 -1.40
C ILE J 115 5.50 -31.26 -0.10
N HIS J 116 6.50 -31.96 0.44
CA HIS J 116 7.09 -31.55 1.70
C HIS J 116 8.51 -31.02 1.46
N ALA J 117 9.30 -30.99 2.53
CA ALA J 117 10.59 -30.31 2.52
C ALA J 117 11.74 -31.20 2.07
N GLU J 118 11.53 -32.52 1.98
CA GLU J 118 12.60 -33.46 1.75
C GLU J 118 12.78 -33.83 0.28
N SER J 119 11.77 -33.58 -0.56
CA SER J 119 11.94 -33.65 -2.00
C SER J 119 11.09 -32.58 -2.66
N SER J 120 11.72 -31.85 -3.57
CA SER J 120 11.11 -30.77 -4.32
C SER J 120 10.55 -31.26 -5.66
N THR J 121 10.65 -32.58 -5.91
CA THR J 121 10.37 -33.21 -7.19
C THR J 121 9.25 -34.27 -7.15
N ALA J 122 8.75 -34.63 -5.96
CA ALA J 122 7.76 -35.69 -5.84
C ALA J 122 6.94 -35.48 -4.57
N THR J 123 5.72 -36.04 -4.59
CA THR J 123 4.86 -36.04 -3.40
C THR J 123 5.44 -36.93 -2.31
N VAL J 124 4.89 -36.81 -1.10
CA VAL J 124 5.14 -37.78 -0.04
C VAL J 124 4.07 -38.85 -0.18
N ARG J 125 3.90 -39.69 0.85
CA ARG J 125 2.87 -40.71 0.85
C ARG J 125 1.66 -40.18 1.63
N ALA J 126 0.94 -39.26 0.98
CA ALA J 126 -0.24 -38.68 1.59
C ALA J 126 -1.46 -39.59 1.41
N VAL J 127 -2.36 -39.54 2.39
CA VAL J 127 -3.60 -40.30 2.35
C VAL J 127 -4.72 -39.41 2.87
N PHE J 128 -5.74 -39.18 2.05
CA PHE J 128 -6.95 -38.50 2.45
C PHE J 128 -8.10 -39.48 2.40
N ILE J 129 -8.95 -39.44 3.43
CA ILE J 129 -10.17 -40.23 3.49
C ILE J 129 -11.33 -39.27 3.43
N ILE J 130 -12.12 -39.35 2.37
CA ILE J 130 -13.25 -38.47 2.15
C ILE J 130 -14.50 -39.31 2.28
N ASP J 131 -15.55 -38.74 2.86
CA ASP J 131 -16.75 -39.53 3.10
C ASP J 131 -17.81 -39.28 2.01
N ASP J 132 -18.97 -39.90 2.18
CA ASP J 132 -20.03 -39.83 1.20
C ASP J 132 -20.58 -38.43 0.98
N LYS J 133 -20.25 -37.46 1.84
CA LYS J 133 -20.71 -36.10 1.60
C LYS J 133 -19.56 -35.19 1.21
N GLY J 134 -18.37 -35.75 1.04
CA GLY J 134 -17.23 -35.02 0.56
C GLY J 134 -16.39 -34.35 1.61
N THR J 135 -16.62 -34.59 2.90
CA THR J 135 -15.79 -33.93 3.92
C THR J 135 -14.53 -34.74 4.21
N VAL J 136 -13.44 -34.02 4.45
CA VAL J 136 -12.17 -34.68 4.72
C VAL J 136 -12.20 -35.23 6.13
N ARG J 137 -11.99 -36.53 6.25
CA ARG J 137 -12.20 -37.19 7.53
C ARG J 137 -10.92 -37.62 8.25
N LEU J 138 -9.79 -37.71 7.55
CA LEU J 138 -8.57 -38.31 8.06
C LEU J 138 -7.43 -37.96 7.12
N ILE J 139 -6.27 -37.57 7.66
CA ILE J 139 -5.14 -37.18 6.83
C ILE J 139 -3.87 -37.86 7.32
N LEU J 140 -3.18 -38.53 6.43
CA LEU J 140 -1.91 -39.18 6.73
C LEU J 140 -0.84 -38.69 5.78
N TYR J 141 0.30 -38.28 6.36
CA TYR J 141 1.51 -38.00 5.59
C TYR J 141 2.60 -38.99 6.00
N TYR J 142 2.75 -40.08 5.24
CA TYR J 142 3.90 -40.95 5.43
C TYR J 142 5.04 -40.49 4.52
N PRO J 143 6.29 -40.72 4.95
CA PRO J 143 7.43 -40.28 4.15
C PRO J 143 7.66 -41.23 2.98
N MET J 144 8.60 -40.82 2.11
CA MET J 144 8.89 -41.59 0.89
C MET J 144 9.35 -43.01 1.21
N GLU J 145 10.18 -43.15 2.23
CA GLU J 145 11.08 -44.28 2.46
C GLU J 145 10.44 -45.48 3.17
N ILE J 146 9.28 -45.34 3.81
CA ILE J 146 8.55 -46.49 4.35
C ILE J 146 7.19 -46.58 3.64
N GLY J 147 6.80 -47.79 3.31
CA GLY J 147 5.49 -47.96 2.74
C GLY J 147 4.42 -47.84 3.80
N ARG J 148 3.18 -47.67 3.32
CA ARG J 148 2.03 -47.51 4.20
C ARG J 148 1.51 -48.88 4.62
N ASN J 149 0.69 -48.87 5.67
CA ASN J 149 -0.05 -50.05 6.15
C ASN J 149 -1.48 -49.96 5.64
N ILE J 150 -1.85 -50.84 4.72
CA ILE J 150 -3.14 -50.68 4.04
C ILE J 150 -4.26 -51.16 4.93
N ASP J 151 -4.03 -52.25 5.68
CA ASP J 151 -5.02 -52.68 6.65
C ASP J 151 -5.34 -51.61 7.69
N GLU J 152 -4.42 -50.67 7.97
CA GLU J 152 -4.77 -49.60 8.90
C GLU J 152 -5.74 -48.58 8.27
N ILE J 153 -5.60 -48.32 6.97
CA ILE J 153 -6.59 -47.50 6.28
C ILE J 153 -7.98 -48.14 6.32
N LEU J 154 -8.04 -49.47 6.14
CA LEU J 154 -9.33 -50.14 6.20
C LEU J 154 -9.93 -50.06 7.59
N ARG J 155 -9.12 -50.39 8.60
CA ARG J 155 -9.54 -50.25 10.00
C ARG J 155 -10.12 -48.87 10.28
N ALA J 156 -9.54 -47.82 9.69
CA ALA J 156 -10.01 -46.46 9.98
C ALA J 156 -11.33 -46.18 9.28
N ILE J 157 -11.51 -46.68 8.07
CA ILE J 157 -12.80 -46.50 7.39
C ILE J 157 -13.91 -47.22 8.16
N ARG J 158 -13.69 -48.48 8.53
CA ARG J 158 -14.67 -49.20 9.35
C ARG J 158 -15.08 -48.39 10.57
N ALA J 159 -14.09 -47.89 11.31
CA ALA J 159 -14.39 -47.11 12.50
C ALA J 159 -15.14 -45.81 12.15
N LEU J 160 -14.64 -45.08 11.13
CA LEU J 160 -15.29 -43.83 10.76
C LEU J 160 -16.74 -44.05 10.34
N GLN J 161 -17.01 -45.16 9.65
CA GLN J 161 -18.37 -45.47 9.21
C GLN J 161 -19.26 -45.86 10.39
N LEU J 162 -18.74 -46.69 11.31
CA LEU J 162 -19.47 -47.01 12.54
C LEU J 162 -19.84 -45.76 13.33
N VAL J 163 -18.94 -44.78 13.36
CA VAL J 163 -19.23 -43.51 14.04
C VAL J 163 -20.43 -42.82 13.40
N ASP J 164 -20.45 -42.72 12.07
CA ASP J 164 -21.58 -42.10 11.38
C ASP J 164 -22.88 -42.85 11.60
N LYS J 165 -22.85 -44.17 11.81
CA LYS J 165 -24.06 -44.98 11.91
C LYS J 165 -24.64 -44.94 13.32
N ALA J 166 -23.81 -45.25 14.31
CA ALA J 166 -24.24 -45.47 15.68
C ALA J 166 -24.02 -44.27 16.60
N GLY J 167 -23.54 -43.14 16.08
CA GLY J 167 -23.16 -42.01 16.90
C GLY J 167 -22.36 -42.40 18.12
N VAL J 168 -21.24 -43.10 17.90
CA VAL J 168 -20.35 -43.53 18.97
C VAL J 168 -18.94 -43.06 18.62
N VAL J 169 -17.95 -43.54 19.38
CA VAL J 169 -16.54 -43.24 19.14
C VAL J 169 -15.75 -44.52 19.38
N THR J 170 -14.78 -44.80 18.52
CA THR J 170 -14.10 -46.08 18.70
C THR J 170 -12.92 -45.94 19.67
N PRO J 171 -12.64 -46.92 20.51
CA PRO J 171 -11.44 -46.84 21.35
C PRO J 171 -10.18 -47.08 20.53
N ALA J 172 -9.04 -46.89 21.19
CA ALA J 172 -7.73 -47.12 20.59
C ALA J 172 -7.54 -48.58 20.16
N ASN J 173 -6.93 -48.76 18.98
CA ASN J 173 -6.65 -50.06 18.38
C ASN J 173 -7.92 -50.87 18.13
N TRP J 174 -9.08 -50.19 18.11
CA TRP J 174 -10.35 -50.84 17.82
C TRP J 174 -10.29 -51.54 16.46
N PRO J 175 -10.86 -52.76 16.33
CA PRO J 175 -11.70 -53.46 17.31
C PRO J 175 -10.95 -54.35 18.30
N ASN J 176 -9.73 -53.97 18.67
CA ASN J 176 -8.89 -54.79 19.56
C ASN J 176 -8.40 -53.99 20.74
N ASN J 177 -9.32 -53.26 21.39
CA ASN J 177 -8.89 -52.42 22.49
C ASN J 177 -8.65 -53.29 23.71
N GLU J 178 -7.48 -53.10 24.33
CA GLU J 178 -7.02 -53.84 25.51
C GLU J 178 -7.86 -53.59 26.75
N LEU J 179 -8.86 -52.70 26.71
CA LEU J 179 -9.80 -52.52 27.81
C LEU J 179 -11.19 -53.02 27.49
N ILE J 180 -11.68 -52.84 26.26
CA ILE J 180 -13.08 -53.12 25.98
C ILE J 180 -13.24 -53.84 24.63
N GLY J 181 -12.12 -54.23 24.02
CA GLY J 181 -12.09 -55.01 22.79
C GLY J 181 -12.89 -54.49 21.61
N ASP J 182 -13.94 -55.25 21.28
CA ASP J 182 -14.90 -54.93 20.24
C ASP J 182 -15.76 -53.72 20.58
N LYS J 183 -15.98 -53.43 21.86
CA LYS J 183 -16.98 -52.45 22.28
C LYS J 183 -16.61 -51.02 21.89
N VAL J 184 -17.64 -50.22 21.63
CA VAL J 184 -17.45 -48.82 21.29
C VAL J 184 -17.86 -47.95 22.48
N ILE J 185 -17.57 -46.66 22.36
CA ILE J 185 -17.65 -45.74 23.49
C ILE J 185 -18.76 -44.72 23.26
N ASN J 186 -19.47 -44.39 24.33
CA ASN J 186 -20.51 -43.38 24.28
C ASN J 186 -19.88 -41.99 24.30
N PRO J 187 -20.31 -41.09 23.42
CA PRO J 187 -19.76 -39.72 23.40
C PRO J 187 -20.07 -39.01 24.71
N ALA J 188 -19.02 -38.47 25.33
CA ALA J 188 -19.12 -37.96 26.70
C ALA J 188 -20.22 -36.89 26.84
N PRO J 189 -20.84 -36.78 28.01
CA PRO J 189 -21.94 -35.83 28.19
C PRO J 189 -21.49 -34.38 28.10
N ARG J 190 -22.39 -33.54 27.57
CA ARG J 190 -22.06 -32.15 27.24
C ARG J 190 -22.44 -31.15 28.34
N THR J 191 -23.49 -31.41 29.11
CA THR J 191 -23.92 -30.50 30.16
C THR J 191 -23.89 -31.26 31.50
N ILE J 192 -24.16 -30.56 32.60
CA ILE J 192 -24.11 -31.19 33.92
C ILE J 192 -25.37 -32.03 34.18
N LYS J 193 -26.53 -31.64 33.64
CA LYS J 193 -27.69 -32.52 33.64
C LYS J 193 -27.36 -33.90 33.09
N ASP J 194 -26.88 -33.91 31.84
CA ASP J 194 -26.62 -35.16 31.16
C ASP J 194 -25.57 -35.98 31.89
N ALA J 195 -24.60 -35.33 32.53
CA ALA J 195 -23.52 -36.08 33.18
C ALA J 195 -24.03 -36.83 34.40
N LYS J 196 -24.89 -36.21 35.20
CA LYS J 196 -25.33 -36.87 36.42
C LYS J 196 -26.17 -38.11 36.12
N MET J 197 -26.88 -38.10 35.00
CA MET J 197 -27.67 -39.24 34.56
C MET J 197 -26.85 -40.51 34.37
N ARG J 198 -25.54 -40.38 34.15
CA ARG J 198 -24.69 -41.55 33.91
C ARG J 198 -23.79 -41.90 35.09
N LEU J 199 -24.12 -41.44 36.29
CA LEU J 199 -23.21 -41.67 37.40
C LEU J 199 -23.28 -43.15 37.82
N GLY J 200 -22.16 -43.62 38.38
CA GLY J 200 -22.04 -45.00 38.80
C GLY J 200 -22.12 -46.04 37.70
N GLN J 201 -21.95 -45.65 36.41
CA GLN J 201 -21.78 -46.69 35.41
C GLN J 201 -20.28 -47.01 35.23
N PRO J 202 -19.97 -48.20 34.70
CA PRO J 202 -18.57 -48.66 34.70
C PRO J 202 -17.60 -47.72 33.99
N PHE J 203 -16.43 -47.59 34.67
CA PHE J 203 -15.36 -46.62 34.52
C PHE J 203 -15.78 -45.32 35.19
N ASP J 204 -16.58 -44.49 34.52
CA ASP J 204 -17.00 -43.22 35.10
C ASP J 204 -18.06 -42.61 34.18
N TRP J 205 -18.55 -41.43 34.56
CA TRP J 205 -19.66 -40.85 33.80
C TRP J 205 -19.26 -40.40 32.41
N TRP J 206 -17.99 -40.04 32.21
CA TRP J 206 -17.53 -39.65 30.87
C TRP J 206 -17.04 -40.83 30.03
N PHE J 207 -16.89 -42.01 30.63
CA PHE J 207 -16.29 -43.19 30.02
C PHE J 207 -17.28 -44.34 30.16
N THR J 208 -18.23 -44.39 29.24
CA THR J 208 -19.26 -45.43 29.21
C THR J 208 -19.20 -46.15 27.86
N TYR J 209 -19.36 -47.48 27.88
CA TYR J 209 -19.20 -48.31 26.70
C TYR J 209 -20.39 -49.24 26.52
N LYS J 210 -20.73 -49.47 25.25
CA LYS J 210 -21.80 -50.35 24.81
C LYS J 210 -21.23 -51.40 23.87
N GLU J 211 -22.09 -52.14 23.18
CA GLU J 211 -21.63 -53.07 22.15
C GLU J 211 -22.47 -52.90 20.90
N VAL J 212 -21.91 -53.33 19.78
CA VAL J 212 -22.63 -53.21 18.51
C VAL J 212 -22.46 -54.52 17.75
#